data_6PR7
# 
_entry.id   6PR7 
# 
_audit_conform.dict_name       mmcif_pdbx.dic 
_audit_conform.dict_version    5.380 
_audit_conform.dict_location   http://mmcif.pdb.org/dictionaries/ascii/mmcif_pdbx.dic 
# 
loop_
_database_2.database_id 
_database_2.database_code 
_database_2.pdbx_database_accession 
_database_2.pdbx_DOI 
PDB   6PR7         pdb_00006pr7 10.2210/pdb6pr7/pdb 
WWPDB D_1000242883 ?            ?                   
# 
_pdbx_database_status.status_code                     REL 
_pdbx_database_status.status_code_sf                  REL 
_pdbx_database_status.status_code_mr                  ? 
_pdbx_database_status.entry_id                        6PR7 
_pdbx_database_status.recvd_initial_deposition_date   2019-07-10 
_pdbx_database_status.SG_entry                        N 
_pdbx_database_status.deposit_site                    RCSB 
_pdbx_database_status.process_site                    RCSB 
_pdbx_database_status.status_code_cs                  ? 
_pdbx_database_status.status_code_nmr_data            ? 
_pdbx_database_status.methods_development_category    ? 
_pdbx_database_status.pdb_format_compatible           Y 
# 
loop_
_audit_author.name 
_audit_author.pdbx_ordinal 
_audit_author.identifier_ORCID 
'Bourne, C.R.' 1 ? 
'Thomas, L.M.' 2 ? 
# 
_citation.abstract                  ? 
_citation.abstract_id_CAS           ? 
_citation.book_id_ISBN              ? 
_citation.book_publisher            ? 
_citation.book_publisher_city       ? 
_citation.book_title                ? 
_citation.coordinate_linkage        ? 
_citation.country                   FR 
_citation.database_id_Medline       ? 
_citation.details                   ? 
_citation.id                        primary 
_citation.journal_abbrev            Eur.J.Med.Chem. 
_citation.journal_id_ASTM           EJMCA5 
_citation.journal_id_CSD            0493 
_citation.journal_id_ISSN           0223-5234 
_citation.journal_full              ? 
_citation.journal_issue             ? 
_citation.journal_volume            200 
_citation.language                  ? 
_citation.page_first                112412 
_citation.page_last                 112412 
_citation.title                     
'Inhibitor design to target a unique feature in the folate pocket of Staphylococcus aureus dihydrofolate reductase.' 
_citation.year                      2020 
_citation.database_id_CSD           ? 
_citation.pdbx_database_id_DOI      10.1016/j.ejmech.2020.112412 
_citation.pdbx_database_id_PubMed   32502861 
_citation.unpublished_flag          ? 
# 
loop_
_citation_author.citation_id 
_citation_author.name 
_citation_author.ordinal 
_citation_author.identifier_ORCID 
primary 'Muddala, N.P.' 1 ? 
primary 'White, J.C.'   2 ? 
primary 'Nammalwar, B.' 3 ? 
primary 'Pratt, I.'     4 ? 
primary 'Thomas, L.M.'  5 ? 
primary 'Bunce, R.A.'   6 ? 
primary 'Berlin, K.D.'  7 ? 
primary 'Bourne, C.R.'  8 ? 
# 
_cell.angle_alpha                  90.000 
_cell.angle_alpha_esd              ? 
_cell.angle_beta                   90.000 
_cell.angle_beta_esd               ? 
_cell.angle_gamma                  120.000 
_cell.angle_gamma_esd              ? 
_cell.entry_id                     6PR7 
_cell.details                      ? 
_cell.formula_units_Z              ? 
_cell.length_a                     79.050 
_cell.length_a_esd                 ? 
_cell.length_b                     79.050 
_cell.length_b_esd                 ? 
_cell.length_c                     107.490 
_cell.length_c_esd                 ? 
_cell.volume                       ? 
_cell.volume_esd                   ? 
_cell.Z_PDB                        12 
_cell.reciprocal_angle_alpha       ? 
_cell.reciprocal_angle_beta        ? 
_cell.reciprocal_angle_gamma       ? 
_cell.reciprocal_angle_alpha_esd   ? 
_cell.reciprocal_angle_beta_esd    ? 
_cell.reciprocal_angle_gamma_esd   ? 
_cell.reciprocal_length_a          ? 
_cell.reciprocal_length_b          ? 
_cell.reciprocal_length_c          ? 
_cell.reciprocal_length_a_esd      ? 
_cell.reciprocal_length_b_esd      ? 
_cell.reciprocal_length_c_esd      ? 
_cell.pdbx_unique_axis             ? 
# 
_symmetry.entry_id                         6PR7 
_symmetry.cell_setting                     ? 
_symmetry.Int_Tables_number                178 
_symmetry.space_group_name_Hall            ? 
_symmetry.space_group_name_H-M             'P 61 2 2' 
_symmetry.pdbx_full_space_group_name_H-M   ? 
# 
loop_
_entity.id 
_entity.type 
_entity.src_method 
_entity.pdbx_description 
_entity.formula_weight 
_entity.pdbx_number_of_molecules 
_entity.pdbx_ec 
_entity.pdbx_mutation 
_entity.pdbx_fragment 
_entity.details 
1 polymer     man 'Dihydrofolate reductase' 18742.533 1   1.5.1.3 ? ? ? 
2 non-polymer syn 'NADP NICOTINAMIDE-ADENINE-DINUCLEOTIDE PHOSPHATE' 743.405   1   ?       ? ? ? 
3 non-polymer syn 
'(2E)-1-[(1S)-1-benzylphthalazin-2(1H)-yl]-3-{5-[(2,4-diaminopyrimidin-5-yl)methyl]-2,3-dimethoxyphenyl}prop-2-en-1-one' 536.624   
1   ?       ? ? ? 
4 non-polymer nat GLYCEROL 92.094    2   ?       ? ? ? 
5 water       nat water 18.015    108 ?       ? ? ? 
# 
_entity_name_com.entity_id   1 
_entity_name_com.name        DHFR 
# 
_entity_poly.entity_id                      1 
_entity_poly.type                           'polypeptide(L)' 
_entity_poly.nstd_linkage                   no 
_entity_poly.nstd_monomer                   no 
_entity_poly.pdbx_seq_one_letter_code       
;MTLSILVAHDLQRVIGFENQLPWHLPNDLKHVKKLSTGHTLVMGRKTFESIGKPLPNRRNVVLTSDTSFNVEGVDVIHSI
EDIYQLPGHVFIFGGQTLFEEMIDKVDDMYITVIEGKFRGDTFFPPYTFEDWEVASSVEGKLDEKNTIPHTFLHLIRKKL
VPR
;
_entity_poly.pdbx_seq_one_letter_code_can   
;MTLSILVAHDLQRVIGFENQLPWHLPNDLKHVKKLSTGHTLVMGRKTFESIGKPLPNRRNVVLTSDTSFNVEGVDVIHSI
EDIYQLPGHVFIFGGQTLFEEMIDKVDDMYITVIEGKFRGDTFFPPYTFEDWEVASSVEGKLDEKNTIPHTFLHLIRKKL
VPR
;
_entity_poly.pdbx_strand_id                 A 
_entity_poly.pdbx_target_identifier         ? 
# 
loop_
_entity_poly_seq.entity_id 
_entity_poly_seq.num 
_entity_poly_seq.mon_id 
_entity_poly_seq.hetero 
1 1   MET n 
1 2   THR n 
1 3   LEU n 
1 4   SER n 
1 5   ILE n 
1 6   LEU n 
1 7   VAL n 
1 8   ALA n 
1 9   HIS n 
1 10  ASP n 
1 11  LEU n 
1 12  GLN n 
1 13  ARG n 
1 14  VAL n 
1 15  ILE n 
1 16  GLY n 
1 17  PHE n 
1 18  GLU n 
1 19  ASN n 
1 20  GLN n 
1 21  LEU n 
1 22  PRO n 
1 23  TRP n 
1 24  HIS n 
1 25  LEU n 
1 26  PRO n 
1 27  ASN n 
1 28  ASP n 
1 29  LEU n 
1 30  LYS n 
1 31  HIS n 
1 32  VAL n 
1 33  LYS n 
1 34  LYS n 
1 35  LEU n 
1 36  SER n 
1 37  THR n 
1 38  GLY n 
1 39  HIS n 
1 40  THR n 
1 41  LEU n 
1 42  VAL n 
1 43  MET n 
1 44  GLY n 
1 45  ARG n 
1 46  LYS n 
1 47  THR n 
1 48  PHE n 
1 49  GLU n 
1 50  SER n 
1 51  ILE n 
1 52  GLY n 
1 53  LYS n 
1 54  PRO n 
1 55  LEU n 
1 56  PRO n 
1 57  ASN n 
1 58  ARG n 
1 59  ARG n 
1 60  ASN n 
1 61  VAL n 
1 62  VAL n 
1 63  LEU n 
1 64  THR n 
1 65  SER n 
1 66  ASP n 
1 67  THR n 
1 68  SER n 
1 69  PHE n 
1 70  ASN n 
1 71  VAL n 
1 72  GLU n 
1 73  GLY n 
1 74  VAL n 
1 75  ASP n 
1 76  VAL n 
1 77  ILE n 
1 78  HIS n 
1 79  SER n 
1 80  ILE n 
1 81  GLU n 
1 82  ASP n 
1 83  ILE n 
1 84  TYR n 
1 85  GLN n 
1 86  LEU n 
1 87  PRO n 
1 88  GLY n 
1 89  HIS n 
1 90  VAL n 
1 91  PHE n 
1 92  ILE n 
1 93  PHE n 
1 94  GLY n 
1 95  GLY n 
1 96  GLN n 
1 97  THR n 
1 98  LEU n 
1 99  PHE n 
1 100 GLU n 
1 101 GLU n 
1 102 MET n 
1 103 ILE n 
1 104 ASP n 
1 105 LYS n 
1 106 VAL n 
1 107 ASP n 
1 108 ASP n 
1 109 MET n 
1 110 TYR n 
1 111 ILE n 
1 112 THR n 
1 113 VAL n 
1 114 ILE n 
1 115 GLU n 
1 116 GLY n 
1 117 LYS n 
1 118 PHE n 
1 119 ARG n 
1 120 GLY n 
1 121 ASP n 
1 122 THR n 
1 123 PHE n 
1 124 PHE n 
1 125 PRO n 
1 126 PRO n 
1 127 TYR n 
1 128 THR n 
1 129 PHE n 
1 130 GLU n 
1 131 ASP n 
1 132 TRP n 
1 133 GLU n 
1 134 VAL n 
1 135 ALA n 
1 136 SER n 
1 137 SER n 
1 138 VAL n 
1 139 GLU n 
1 140 GLY n 
1 141 LYS n 
1 142 LEU n 
1 143 ASP n 
1 144 GLU n 
1 145 LYS n 
1 146 ASN n 
1 147 THR n 
1 148 ILE n 
1 149 PRO n 
1 150 HIS n 
1 151 THR n 
1 152 PHE n 
1 153 LEU n 
1 154 HIS n 
1 155 LEU n 
1 156 ILE n 
1 157 ARG n 
1 158 LYS n 
1 159 LYS n 
1 160 LEU n 
1 161 VAL n 
1 162 PRO n 
1 163 ARG n 
# 
_entity_src_gen.entity_id                          1 
_entity_src_gen.pdbx_src_id                        1 
_entity_src_gen.pdbx_alt_source_flag               sample 
_entity_src_gen.pdbx_seq_type                      'Biological sequence' 
_entity_src_gen.pdbx_beg_seq_num                   1 
_entity_src_gen.pdbx_end_seq_num                   163 
_entity_src_gen.gene_src_common_name               ? 
_entity_src_gen.gene_src_genus                     ? 
_entity_src_gen.pdbx_gene_src_gene                 folA 
_entity_src_gen.gene_src_species                   ? 
_entity_src_gen.gene_src_strain                    ? 
_entity_src_gen.gene_src_tissue                    ? 
_entity_src_gen.gene_src_tissue_fraction           ? 
_entity_src_gen.gene_src_details                   ? 
_entity_src_gen.pdbx_gene_src_fragment             ? 
_entity_src_gen.pdbx_gene_src_scientific_name      'Staphylococcus aureus' 
_entity_src_gen.pdbx_gene_src_ncbi_taxonomy_id     1280 
_entity_src_gen.pdbx_gene_src_variant              ? 
_entity_src_gen.pdbx_gene_src_cell_line            ? 
_entity_src_gen.pdbx_gene_src_atcc                 ? 
_entity_src_gen.pdbx_gene_src_organ                ? 
_entity_src_gen.pdbx_gene_src_organelle            ? 
_entity_src_gen.pdbx_gene_src_cell                 ? 
_entity_src_gen.pdbx_gene_src_cellular_location    ? 
_entity_src_gen.host_org_common_name               ? 
_entity_src_gen.pdbx_host_org_scientific_name      'Escherichia coli' 
_entity_src_gen.pdbx_host_org_ncbi_taxonomy_id     562 
_entity_src_gen.host_org_genus                     ? 
_entity_src_gen.pdbx_host_org_gene                 ? 
_entity_src_gen.pdbx_host_org_organ                ? 
_entity_src_gen.host_org_species                   ? 
_entity_src_gen.pdbx_host_org_tissue               ? 
_entity_src_gen.pdbx_host_org_tissue_fraction      ? 
_entity_src_gen.pdbx_host_org_strain               ? 
_entity_src_gen.pdbx_host_org_variant              ? 
_entity_src_gen.pdbx_host_org_cell_line            ? 
_entity_src_gen.pdbx_host_org_atcc                 ? 
_entity_src_gen.pdbx_host_org_culture_collection   ? 
_entity_src_gen.pdbx_host_org_cell                 ? 
_entity_src_gen.pdbx_host_org_organelle            ? 
_entity_src_gen.pdbx_host_org_cellular_location    ? 
_entity_src_gen.pdbx_host_org_vector_type          ? 
_entity_src_gen.pdbx_host_org_vector               ? 
_entity_src_gen.host_org_details                   ? 
_entity_src_gen.expression_system_id               ? 
_entity_src_gen.plasmid_name                       ? 
_entity_src_gen.plasmid_details                    ? 
_entity_src_gen.pdbx_description                   ? 
# 
_struct_ref.id                         1 
_struct_ref.db_name                    UNP 
_struct_ref.db_code                    DYR_STAAU 
_struct_ref.pdbx_db_accession          P0A017 
_struct_ref.pdbx_db_isoform            ? 
_struct_ref.entity_id                  1 
_struct_ref.pdbx_seq_one_letter_code   
;MTLSILVAHDLQRVIGFENQLPWHLPNDLKHVKKLSTGHTLVMGRKTFESIGKPLPNRRNVVLTSDTSFNVEGVDVIHSI
EDIYQLPGHVFIFGGQTLFEEMIDKVDDMYITVIEGKFRGDTFFPPYTFEDWEVASSVEGKLDEKNTIPHTFLHLIRKK
;
_struct_ref.pdbx_align_begin           1 
# 
_struct_ref_seq.align_id                      1 
_struct_ref_seq.ref_id                        1 
_struct_ref_seq.pdbx_PDB_id_code              6PR7 
_struct_ref_seq.pdbx_strand_id                A 
_struct_ref_seq.seq_align_beg                 1 
_struct_ref_seq.pdbx_seq_align_beg_ins_code   ? 
_struct_ref_seq.seq_align_end                 159 
_struct_ref_seq.pdbx_seq_align_end_ins_code   ? 
_struct_ref_seq.pdbx_db_accession             P0A017 
_struct_ref_seq.db_align_beg                  1 
_struct_ref_seq.pdbx_db_align_beg_ins_code    ? 
_struct_ref_seq.db_align_end                  159 
_struct_ref_seq.pdbx_db_align_end_ins_code    ? 
_struct_ref_seq.pdbx_auth_seq_align_beg       0 
_struct_ref_seq.pdbx_auth_seq_align_end       158 
# 
loop_
_struct_ref_seq_dif.align_id 
_struct_ref_seq_dif.pdbx_pdb_id_code 
_struct_ref_seq_dif.mon_id 
_struct_ref_seq_dif.pdbx_pdb_strand_id 
_struct_ref_seq_dif.seq_num 
_struct_ref_seq_dif.pdbx_pdb_ins_code 
_struct_ref_seq_dif.pdbx_seq_db_name 
_struct_ref_seq_dif.pdbx_seq_db_accession_code 
_struct_ref_seq_dif.db_mon_id 
_struct_ref_seq_dif.pdbx_seq_db_seq_num 
_struct_ref_seq_dif.details 
_struct_ref_seq_dif.pdbx_auth_seq_num 
_struct_ref_seq_dif.pdbx_ordinal 
1 6PR7 LEU A 160 ? UNP P0A017 ? ? 'expression tag' 159 1 
1 6PR7 VAL A 161 ? UNP P0A017 ? ? 'expression tag' 160 2 
1 6PR7 PRO A 162 ? UNP P0A017 ? ? 'expression tag' 161 3 
1 6PR7 ARG A 163 ? UNP P0A017 ? ? 'expression tag' 162 4 
# 
loop_
_chem_comp.id 
_chem_comp.type 
_chem_comp.mon_nstd_flag 
_chem_comp.name 
_chem_comp.pdbx_synonyms 
_chem_comp.formula 
_chem_comp.formula_weight 
ALA 'L-peptide linking' y ALANINE ?                                            'C3 H7 N O2'        89.093  
ARG 'L-peptide linking' y ARGININE ?                                            'C6 H15 N4 O2 1'    175.209 
ASN 'L-peptide linking' y ASPARAGINE ?                                            'C4 H8 N2 O3'       132.118 
ASP 'L-peptide linking' y 'ASPARTIC ACID' ?                                            'C4 H7 N O4'        133.103 
GLN 'L-peptide linking' y GLUTAMINE ?                                            'C5 H10 N2 O3'      146.144 
GLU 'L-peptide linking' y 'GLUTAMIC ACID' ?                                            'C5 H9 N O4'        147.129 
GLY 'peptide linking'   y GLYCINE ?                                            'C2 H5 N O2'        75.067  
GOL non-polymer         . GLYCEROL 'GLYCERIN; PROPANE-1,2,3-TRIOL'              'C3 H8 O3'          92.094  
HIS 'L-peptide linking' y HISTIDINE ?                                            'C6 H10 N3 O2 1'    156.162 
HOH non-polymer         . WATER ?                                            'H2 O'              18.015  
ILE 'L-peptide linking' y ISOLEUCINE ?                                            'C6 H13 N O2'       131.173 
LEU 'L-peptide linking' y LEUCINE ?                                            'C6 H13 N O2'       131.173 
LYS 'L-peptide linking' y LYSINE ?                                            'C6 H15 N2 O2 1'    147.195 
MET 'L-peptide linking' y METHIONINE ?                                            'C5 H11 N O2 S'     149.211 
NAP non-polymer         . 'NADP NICOTINAMIDE-ADENINE-DINUCLEOTIDE PHOSPHATE' 
;2'-MONOPHOSPHOADENOSINE 5'-DIPHOSPHORIBOSE
;
'C21 H28 N7 O17 P3' 743.405 
OWP non-polymer         . 
'(2E)-1-[(1S)-1-benzylphthalazin-2(1H)-yl]-3-{5-[(2,4-diaminopyrimidin-5-yl)methyl]-2,3-dimethoxyphenyl}prop-2-en-1-one' ? 
'C31 H32 N6 O3'     536.624 
PHE 'L-peptide linking' y PHENYLALANINE ?                                            'C9 H11 N O2'       165.189 
PRO 'L-peptide linking' y PROLINE ?                                            'C5 H9 N O2'        115.130 
SER 'L-peptide linking' y SERINE ?                                            'C3 H7 N O3'        105.093 
THR 'L-peptide linking' y THREONINE ?                                            'C4 H9 N O3'        119.119 
TRP 'L-peptide linking' y TRYPTOPHAN ?                                            'C11 H12 N2 O2'     204.225 
TYR 'L-peptide linking' y TYROSINE ?                                            'C9 H11 N O3'       181.189 
VAL 'L-peptide linking' y VALINE ?                                            'C5 H11 N O2'       117.146 
# 
_exptl.absorpt_coefficient_mu     ? 
_exptl.absorpt_correction_T_max   ? 
_exptl.absorpt_correction_T_min   ? 
_exptl.absorpt_correction_type    ? 
_exptl.absorpt_process_details    ? 
_exptl.entry_id                   6PR7 
_exptl.crystals_number            1 
_exptl.details                    ? 
_exptl.method                     'X-RAY DIFFRACTION' 
_exptl.method_details             ? 
# 
_exptl_crystal.colour                      ? 
_exptl_crystal.density_diffrn              ? 
_exptl_crystal.density_Matthews            2.60 
_exptl_crystal.density_method              ? 
_exptl_crystal.density_percent_sol         52.78 
_exptl_crystal.description                 ? 
_exptl_crystal.F_000                       ? 
_exptl_crystal.id                          1 
_exptl_crystal.preparation                 ? 
_exptl_crystal.size_max                    ? 
_exptl_crystal.size_mid                    ? 
_exptl_crystal.size_min                    ? 
_exptl_crystal.size_rad                    ? 
_exptl_crystal.colour_lustre               ? 
_exptl_crystal.colour_modifier             ? 
_exptl_crystal.colour_primary              ? 
_exptl_crystal.density_meas                ? 
_exptl_crystal.density_meas_esd            ? 
_exptl_crystal.density_meas_gt             ? 
_exptl_crystal.density_meas_lt             ? 
_exptl_crystal.density_meas_temp           ? 
_exptl_crystal.density_meas_temp_esd       ? 
_exptl_crystal.density_meas_temp_gt        ? 
_exptl_crystal.density_meas_temp_lt        ? 
_exptl_crystal.pdbx_crystal_image_url      ? 
_exptl_crystal.pdbx_crystal_image_format   ? 
_exptl_crystal.pdbx_mosaicity              ? 
_exptl_crystal.pdbx_mosaicity_esd          ? 
# 
_exptl_crystal_grow.apparatus       ? 
_exptl_crystal_grow.atmosphere      ? 
_exptl_crystal_grow.crystal_id      1 
_exptl_crystal_grow.details         ? 
_exptl_crystal_grow.method          'VAPOR DIFFUSION' 
_exptl_crystal_grow.method_ref      ? 
_exptl_crystal_grow.pH              ? 
_exptl_crystal_grow.pressure        ? 
_exptl_crystal_grow.pressure_esd    ? 
_exptl_crystal_grow.seeding         ? 
_exptl_crystal_grow.seeding_ref     ? 
_exptl_crystal_grow.temp            293 
_exptl_crystal_grow.temp_details    ? 
_exptl_crystal_grow.temp_esd        ? 
_exptl_crystal_grow.time            ? 
_exptl_crystal_grow.pdbx_details    '20% PEG6000, 0.1M MES, 0.15 Na Acetate' 
_exptl_crystal_grow.pdbx_pH_range   ? 
# 
_diffrn.ambient_environment              ? 
_diffrn.ambient_temp                     100 
_diffrn.ambient_temp_details             ? 
_diffrn.ambient_temp_esd                 ? 
_diffrn.crystal_id                       1 
_diffrn.crystal_support                  ? 
_diffrn.crystal_treatment                ? 
_diffrn.details                          ? 
_diffrn.id                               1 
_diffrn.ambient_pressure                 ? 
_diffrn.ambient_pressure_esd             ? 
_diffrn.ambient_pressure_gt              ? 
_diffrn.ambient_pressure_lt              ? 
_diffrn.ambient_temp_gt                  ? 
_diffrn.ambient_temp_lt                  ? 
_diffrn.pdbx_serial_crystal_experiment   N 
# 
_diffrn_detector.details                      'Osmic Mirrors' 
_diffrn_detector.detector                     'IMAGE PLATE' 
_diffrn_detector.diffrn_id                    1 
_diffrn_detector.type                         'RIGAKU RAXIS IV++' 
_diffrn_detector.area_resol_mean              ? 
_diffrn_detector.dtime                        ? 
_diffrn_detector.pdbx_frames_total            ? 
_diffrn_detector.pdbx_collection_time_total   ? 
_diffrn_detector.pdbx_collection_date         2012-04-04 
_diffrn_detector.pdbx_frequency               ? 
# 
_diffrn_radiation.collimation                      ? 
_diffrn_radiation.diffrn_id                        1 
_diffrn_radiation.filter_edge                      ? 
_diffrn_radiation.inhomogeneity                    ? 
_diffrn_radiation.monochromator                    Mirrors 
_diffrn_radiation.polarisn_norm                    ? 
_diffrn_radiation.polarisn_ratio                   ? 
_diffrn_radiation.probe                            ? 
_diffrn_radiation.type                             ? 
_diffrn_radiation.xray_symbol                      ? 
_diffrn_radiation.wavelength_id                    1 
_diffrn_radiation.pdbx_monochromatic_or_laue_m_l   M 
_diffrn_radiation.pdbx_wavelength_list             ? 
_diffrn_radiation.pdbx_wavelength                  ? 
_diffrn_radiation.pdbx_diffrn_protocol             'SINGLE WAVELENGTH' 
_diffrn_radiation.pdbx_analyzer                    ? 
_diffrn_radiation.pdbx_scattering_type             x-ray 
# 
_diffrn_radiation_wavelength.id           1 
_diffrn_radiation_wavelength.wavelength   1.5418 
_diffrn_radiation_wavelength.wt           1.0 
# 
_diffrn_source.current                     ? 
_diffrn_source.details                     ? 
_diffrn_source.diffrn_id                   1 
_diffrn_source.power                       ? 
_diffrn_source.size                        ? 
_diffrn_source.source                      'ROTATING ANODE' 
_diffrn_source.target                      ? 
_diffrn_source.type                        'RIGAKU RUH3R' 
_diffrn_source.voltage                     ? 
_diffrn_source.take-off_angle              ? 
_diffrn_source.pdbx_wavelength_list        1.5418 
_diffrn_source.pdbx_wavelength             ? 
_diffrn_source.pdbx_synchrotron_beamline   ? 
_diffrn_source.pdbx_synchrotron_site       ? 
# 
_reflns.B_iso_Wilson_estimate            20.70 
_reflns.entry_id                         6PR7 
_reflns.data_reduction_details           ? 
_reflns.data_reduction_method            ? 
_reflns.d_resolution_high                2.01 
_reflns.d_resolution_low                 25.2 
_reflns.details                          ? 
_reflns.limit_h_max                      ? 
_reflns.limit_h_min                      ? 
_reflns.limit_k_max                      ? 
_reflns.limit_k_min                      ? 
_reflns.limit_l_max                      ? 
_reflns.limit_l_min                      ? 
_reflns.number_all                       ? 
_reflns.number_obs                       13814 
_reflns.observed_criterion               ? 
_reflns.observed_criterion_F_max         ? 
_reflns.observed_criterion_F_min         ? 
_reflns.observed_criterion_I_max         ? 
_reflns.observed_criterion_I_min         ? 
_reflns.observed_criterion_sigma_F       ? 
_reflns.observed_criterion_sigma_I       ? 
_reflns.percent_possible_obs             99.8 
_reflns.R_free_details                   ? 
_reflns.Rmerge_F_all                     ? 
_reflns.Rmerge_F_obs                     ? 
_reflns.Friedel_coverage                 ? 
_reflns.number_gt                        ? 
_reflns.threshold_expression             ? 
_reflns.pdbx_redundancy                  11.2 
_reflns.pdbx_Rmerge_I_obs                0.063 
_reflns.pdbx_Rmerge_I_all                ? 
_reflns.pdbx_Rsym_value                  ? 
_reflns.pdbx_netI_over_av_sigmaI         ? 
_reflns.pdbx_netI_over_sigmaI            16.4 
_reflns.pdbx_res_netI_over_av_sigmaI_2   ? 
_reflns.pdbx_res_netI_over_sigmaI_2      ? 
_reflns.pdbx_chi_squared                 ? 
_reflns.pdbx_scaling_rejects             ? 
_reflns.pdbx_d_res_high_opt              ? 
_reflns.pdbx_d_res_low_opt               ? 
_reflns.pdbx_d_res_opt_method            ? 
_reflns.phase_calculation_details        ? 
_reflns.pdbx_Rrim_I_all                  ? 
_reflns.pdbx_Rpim_I_all                  ? 
_reflns.pdbx_d_opt                       ? 
_reflns.pdbx_number_measured_all         ? 
_reflns.pdbx_diffrn_id                   1 
_reflns.pdbx_ordinal                     1 
_reflns.pdbx_CC_half                     ? 
_reflns.pdbx_CC_star                     ? 
_reflns.pdbx_R_split                     ? 
# 
_reflns_shell.d_res_high                  2.01 
_reflns_shell.d_res_low                   2.08 
_reflns_shell.meanI_over_sigI_all         ? 
_reflns_shell.meanI_over_sigI_obs         ? 
_reflns_shell.number_measured_all         ? 
_reflns_shell.number_measured_obs         ? 
_reflns_shell.number_possible             ? 
_reflns_shell.number_unique_all           ? 
_reflns_shell.number_unique_obs           1360 
_reflns_shell.percent_possible_all        ? 
_reflns_shell.percent_possible_obs        ? 
_reflns_shell.Rmerge_F_all                ? 
_reflns_shell.Rmerge_F_obs                ? 
_reflns_shell.Rmerge_I_all                ? 
_reflns_shell.Rmerge_I_obs                0.282 
_reflns_shell.meanI_over_sigI_gt          ? 
_reflns_shell.meanI_over_uI_all           ? 
_reflns_shell.meanI_over_uI_gt            ? 
_reflns_shell.number_measured_gt          ? 
_reflns_shell.number_unique_gt            ? 
_reflns_shell.percent_possible_gt         ? 
_reflns_shell.Rmerge_F_gt                 ? 
_reflns_shell.Rmerge_I_gt                 ? 
_reflns_shell.pdbx_redundancy             ? 
_reflns_shell.pdbx_Rsym_value             ? 
_reflns_shell.pdbx_chi_squared            ? 
_reflns_shell.pdbx_netI_over_sigmaI_all   ? 
_reflns_shell.pdbx_netI_over_sigmaI_obs   ? 
_reflns_shell.pdbx_Rrim_I_all             ? 
_reflns_shell.pdbx_Rpim_I_all             ? 
_reflns_shell.pdbx_rejects                ? 
_reflns_shell.pdbx_ordinal                1 
_reflns_shell.pdbx_diffrn_id              1 
_reflns_shell.pdbx_CC_half                ? 
_reflns_shell.pdbx_CC_star                ? 
_reflns_shell.pdbx_R_split                ? 
# 
_refine.aniso_B[1][1]                            ? 
_refine.aniso_B[1][2]                            ? 
_refine.aniso_B[1][3]                            ? 
_refine.aniso_B[2][2]                            ? 
_refine.aniso_B[2][3]                            ? 
_refine.aniso_B[3][3]                            ? 
_refine.B_iso_max                                95.190 
_refine.B_iso_mean                               23.5800 
_refine.B_iso_min                                9.160 
_refine.correlation_coeff_Fo_to_Fc               ? 
_refine.correlation_coeff_Fo_to_Fc_free          ? 
_refine.details                                  ? 
_refine.diff_density_max                         ? 
_refine.diff_density_max_esd                     ? 
_refine.diff_density_min                         ? 
_refine.diff_density_min_esd                     ? 
_refine.diff_density_rms                         ? 
_refine.diff_density_rms_esd                     ? 
_refine.entry_id                                 6PR7 
_refine.pdbx_refine_id                           'X-RAY DIFFRACTION' 
_refine.ls_abs_structure_details                 ? 
_refine.ls_abs_structure_Flack                   ? 
_refine.ls_abs_structure_Flack_esd               ? 
_refine.ls_abs_structure_Rogers                  ? 
_refine.ls_abs_structure_Rogers_esd              ? 
_refine.ls_d_res_high                            2.01 
_refine.ls_d_res_low                             25.1570 
_refine.ls_extinction_coef                       ? 
_refine.ls_extinction_coef_esd                   ? 
_refine.ls_extinction_expression                 ? 
_refine.ls_extinction_method                     ? 
_refine.ls_goodness_of_fit_all                   ? 
_refine.ls_goodness_of_fit_all_esd               ? 
_refine.ls_goodness_of_fit_obs                   ? 
_refine.ls_goodness_of_fit_obs_esd               ? 
_refine.ls_hydrogen_treatment                    ? 
_refine.ls_matrix_type                           ? 
_refine.ls_number_constraints                    ? 
_refine.ls_number_parameters                     ? 
_refine.ls_number_reflns_all                     ? 
_refine.ls_number_reflns_obs                     13772 
_refine.ls_number_reflns_R_free                  689 
_refine.ls_number_reflns_R_work                  ? 
_refine.ls_number_restraints                     ? 
_refine.ls_percent_reflns_obs                    99.6200 
_refine.ls_percent_reflns_R_free                 5.0000 
_refine.ls_R_factor_all                          ? 
_refine.ls_R_factor_obs                          0.1925 
_refine.ls_R_factor_R_free                       0.2207 
_refine.ls_R_factor_R_free_error                 ? 
_refine.ls_R_factor_R_free_error_details         ? 
_refine.ls_R_factor_R_work                       0.1910 
_refine.ls_R_Fsqd_factor_obs                     ? 
_refine.ls_R_I_factor_obs                        ? 
_refine.ls_redundancy_reflns_all                 ? 
_refine.ls_redundancy_reflns_obs                 ? 
_refine.ls_restrained_S_all                      ? 
_refine.ls_restrained_S_obs                      ? 
_refine.ls_shift_over_esd_max                    ? 
_refine.ls_shift_over_esd_mean                   ? 
_refine.ls_structure_factor_coef                 ? 
_refine.ls_weighting_details                     ? 
_refine.ls_weighting_scheme                      ? 
_refine.ls_wR_factor_all                         ? 
_refine.ls_wR_factor_obs                         ? 
_refine.ls_wR_factor_R_free                      ? 
_refine.ls_wR_factor_R_work                      ? 
_refine.occupancy_max                            ? 
_refine.occupancy_min                            ? 
_refine.solvent_model_details                    ? 
_refine.solvent_model_param_bsol                 ? 
_refine.solvent_model_param_ksol                 ? 
_refine.pdbx_R_complete                          ? 
_refine.ls_R_factor_gt                           ? 
_refine.ls_goodness_of_fit_gt                    ? 
_refine.ls_goodness_of_fit_ref                   ? 
_refine.ls_shift_over_su_max                     ? 
_refine.ls_shift_over_su_max_lt                  ? 
_refine.ls_shift_over_su_mean                    ? 
_refine.ls_shift_over_su_mean_lt                 ? 
_refine.pdbx_ls_sigma_I                          ? 
_refine.pdbx_ls_sigma_F                          1.340 
_refine.pdbx_ls_sigma_Fsqd                       ? 
_refine.pdbx_data_cutoff_high_absF               ? 
_refine.pdbx_data_cutoff_high_rms_absF           ? 
_refine.pdbx_data_cutoff_low_absF                ? 
_refine.pdbx_isotropic_thermal_model             ? 
_refine.pdbx_ls_cross_valid_method               THROUGHOUT 
_refine.pdbx_method_to_determine_struct          'MOLECULAR REPLACEMENT' 
_refine.pdbx_starting_model                      3M08 
_refine.pdbx_stereochemistry_target_values       ? 
_refine.pdbx_R_Free_selection_details            ? 
_refine.pdbx_stereochem_target_val_spec_case     ? 
_refine.pdbx_overall_ESU_R                       ? 
_refine.pdbx_overall_ESU_R_Free                  ? 
_refine.pdbx_solvent_vdw_probe_radii             1.1100 
_refine.pdbx_solvent_ion_probe_radii             ? 
_refine.pdbx_solvent_shrinkage_radii             0.9000 
_refine.pdbx_real_space_R                        ? 
_refine.pdbx_density_correlation                 ? 
_refine.pdbx_pd_number_of_powder_patterns        ? 
_refine.pdbx_pd_number_of_points                 ? 
_refine.pdbx_pd_meas_number_of_points            ? 
_refine.pdbx_pd_proc_ls_prof_R_factor            ? 
_refine.pdbx_pd_proc_ls_prof_wR_factor           ? 
_refine.pdbx_pd_Marquardt_correlation_coeff      ? 
_refine.pdbx_pd_Fsqrd_R_factor                   ? 
_refine.pdbx_pd_ls_matrix_band_width             ? 
_refine.pdbx_overall_phase_error                 21.8500 
_refine.pdbx_overall_SU_R_free_Cruickshank_DPI   ? 
_refine.pdbx_overall_SU_R_free_Blow_DPI          ? 
_refine.pdbx_overall_SU_R_Blow_DPI               ? 
_refine.pdbx_TLS_residual_ADP_flag               ? 
_refine.pdbx_diffrn_id                           1 
_refine.overall_SU_B                             ? 
_refine.overall_SU_ML                            0.2100 
_refine.overall_SU_R_Cruickshank_DPI             ? 
_refine.overall_SU_R_free                        ? 
_refine.overall_FOM_free_R_set                   ? 
_refine.overall_FOM_work_R_set                   ? 
_refine.pdbx_average_fsc_overall                 ? 
_refine.pdbx_average_fsc_work                    ? 
_refine.pdbx_average_fsc_free                    ? 
# 
_refine_hist.pdbx_refine_id                   'X-RAY DIFFRACTION' 
_refine_hist.cycle_id                         final 
_refine_hist.details                          ? 
_refine_hist.d_res_high                       2.01 
_refine_hist.d_res_low                        25.1570 
_refine_hist.number_atoms_solvent             108 
_refine_hist.number_atoms_total               1516 
_refine_hist.number_reflns_all                ? 
_refine_hist.number_reflns_obs                ? 
_refine_hist.number_reflns_R_free             ? 
_refine_hist.number_reflns_R_work             ? 
_refine_hist.R_factor_all                     ? 
_refine_hist.R_factor_obs                     ? 
_refine_hist.R_factor_R_free                  ? 
_refine_hist.R_factor_R_work                  ? 
_refine_hist.pdbx_number_residues_total       163 
_refine_hist.pdbx_B_iso_mean_ligand           30.33 
_refine_hist.pdbx_B_iso_mean_solvent          26.45 
_refine_hist.pdbx_number_atoms_protein        1308 
_refine_hist.pdbx_number_atoms_nucleic_acid   0 
_refine_hist.pdbx_number_atoms_ligand         100 
_refine_hist.pdbx_number_atoms_lipid          ? 
_refine_hist.pdbx_number_atoms_carb           ? 
_refine_hist.pdbx_pseudo_atom_details         ? 
# 
loop_
_refine_ls_restr.pdbx_refine_id 
_refine_ls_restr.criterion 
_refine_ls_restr.dev_ideal 
_refine_ls_restr.dev_ideal_target 
_refine_ls_restr.number 
_refine_ls_restr.rejects 
_refine_ls_restr.type 
_refine_ls_restr.weight 
_refine_ls_restr.pdbx_restraint_function 
'X-RAY DIFFRACTION' ? 0.008  ? 1472 ? f_bond_d           ? ? 
'X-RAY DIFFRACTION' ? 1.269  ? 2010 ? f_angle_d          ? ? 
'X-RAY DIFFRACTION' ? 0.053  ? 220  ? f_chiral_restr     ? ? 
'X-RAY DIFFRACTION' ? 0.005  ? 246  ? f_plane_restr      ? ? 
'X-RAY DIFFRACTION' ? 19.668 ? 549  ? f_dihedral_angle_d ? ? 
# 
loop_
_refine_ls_shell.pdbx_refine_id 
_refine_ls_shell.d_res_high 
_refine_ls_shell.d_res_low 
_refine_ls_shell.number_reflns_all 
_refine_ls_shell.number_reflns_obs 
_refine_ls_shell.number_reflns_R_free 
_refine_ls_shell.number_reflns_R_work 
_refine_ls_shell.percent_reflns_obs 
_refine_ls_shell.percent_reflns_R_free 
_refine_ls_shell.R_factor_all 
_refine_ls_shell.R_factor_obs 
_refine_ls_shell.R_factor_R_free 
_refine_ls_shell.R_factor_R_free_error 
_refine_ls_shell.R_factor_R_work 
_refine_ls_shell.redundancy_reflns_all 
_refine_ls_shell.redundancy_reflns_obs 
_refine_ls_shell.wR_factor_all 
_refine_ls_shell.wR_factor_obs 
_refine_ls_shell.wR_factor_R_free 
_refine_ls_shell.wR_factor_R_work 
_refine_ls_shell.pdbx_R_complete 
_refine_ls_shell.pdbx_total_number_of_bins_used 
_refine_ls_shell.pdbx_phase_error 
_refine_ls_shell.pdbx_fsc_work 
_refine_ls_shell.pdbx_fsc_free 
'X-RAY DIFFRACTION' 2.01   2.1630  . . 140 2540 100.0000 . . . 0.2805 0.0000 0.2178 . . . . . . . . . . . 
'X-RAY DIFFRACTION' 2.1630 2.3805  . . 139 2530 98.0000  . . . 0.2309 0.0000 0.2228 . . . . . . . . . . . 
'X-RAY DIFFRACTION' 2.3805 2.7246  . . 113 2616 100.0000 . . . 0.2401 0.0000 0.2107 . . . . . . . . . . . 
'X-RAY DIFFRACTION' 2.7246 3.4314  . . 147 2617 100.0000 . . . 0.2232 0.0000 0.1960 . . . . . . . . . . . 
'X-RAY DIFFRACTION' 3.4314 25.1570 . . 150 2780 100.0000 . . . 0.1955 0.0000 0.1625 . . . . . . . . . . . 
# 
_struct.entry_id                     6PR7 
_struct.title                        
'S. aureus dihydrofolate reductase co-crystallized with benzyl-dihydropthalazine inhibitor and NADP(H)' 
_struct.pdbx_model_details           ? 
_struct.pdbx_formula_weight          ? 
_struct.pdbx_formula_weight_method   ? 
_struct.pdbx_model_type_details      ? 
_struct.pdbx_CASP_flag               N 
# 
_struct_keywords.entry_id        6PR7 
_struct_keywords.text            'DIHYDROFOLATE REDUCTASE, OXIDOREDUCTASE-INHIBITOR COMPLEX' 
_struct_keywords.pdbx_keywords   OXIDOREDUCTASE/INHIBITOR 
# 
loop_
_struct_asym.id 
_struct_asym.pdbx_blank_PDB_chainid_flag 
_struct_asym.pdbx_modified 
_struct_asym.entity_id 
_struct_asym.details 
A N N 1 ? 
B N N 2 ? 
C N N 3 ? 
D N N 4 ? 
E N N 4 ? 
F N N 5 ? 
# 
loop_
_struct_conf.conf_type_id 
_struct_conf.id 
_struct_conf.pdbx_PDB_helix_id 
_struct_conf.beg_label_comp_id 
_struct_conf.beg_label_asym_id 
_struct_conf.beg_label_seq_id 
_struct_conf.pdbx_beg_PDB_ins_code 
_struct_conf.end_label_comp_id 
_struct_conf.end_label_asym_id 
_struct_conf.end_label_seq_id 
_struct_conf.pdbx_end_PDB_ins_code 
_struct_conf.beg_auth_comp_id 
_struct_conf.beg_auth_asym_id 
_struct_conf.beg_auth_seq_id 
_struct_conf.end_auth_comp_id 
_struct_conf.end_auth_asym_id 
_struct_conf.end_auth_seq_id 
_struct_conf.pdbx_PDB_helix_class 
_struct_conf.details 
_struct_conf.pdbx_PDB_helix_length 
HELX_P HELX_P1 AA1 LEU A 25 ? THR A 37  ? LEU A 24 THR A 36  1 ? 13 
HELX_P HELX_P2 AA2 ARG A 45 ? GLY A 52  ? ARG A 44 GLY A 51  1 ? 8  
HELX_P HELX_P3 AA3 SER A 79 ? LEU A 86  ? SER A 78 LEU A 85  5 ? 8  
HELX_P HELX_P4 AA4 GLY A 95 ? ILE A 103 ? GLY A 94 ILE A 102 1 ? 9  
# 
_struct_conf_type.id          HELX_P 
_struct_conf_type.criteria    ? 
_struct_conf_type.reference   ? 
# 
_struct_mon_prot_cis.pdbx_id                1 
_struct_mon_prot_cis.label_comp_id          GLY 
_struct_mon_prot_cis.label_seq_id           94 
_struct_mon_prot_cis.label_asym_id          A 
_struct_mon_prot_cis.label_alt_id           . 
_struct_mon_prot_cis.pdbx_PDB_ins_code      ? 
_struct_mon_prot_cis.auth_comp_id           GLY 
_struct_mon_prot_cis.auth_seq_id            93 
_struct_mon_prot_cis.auth_asym_id           A 
_struct_mon_prot_cis.pdbx_label_comp_id_2   GLY 
_struct_mon_prot_cis.pdbx_label_seq_id_2    95 
_struct_mon_prot_cis.pdbx_label_asym_id_2   A 
_struct_mon_prot_cis.pdbx_PDB_ins_code_2    ? 
_struct_mon_prot_cis.pdbx_auth_comp_id_2    GLY 
_struct_mon_prot_cis.pdbx_auth_seq_id_2     94 
_struct_mon_prot_cis.pdbx_auth_asym_id_2    A 
_struct_mon_prot_cis.pdbx_PDB_model_num     1 
_struct_mon_prot_cis.pdbx_omega_angle       -0.08 
# 
loop_
_struct_sheet.id 
_struct_sheet.type 
_struct_sheet.number_strands 
_struct_sheet.details 
AA1 ? 8 ? 
AA2 ? 2 ? 
# 
loop_
_struct_sheet_order.sheet_id 
_struct_sheet_order.range_id_1 
_struct_sheet_order.range_id_2 
_struct_sheet_order.offset 
_struct_sheet_order.sense 
AA1 1 2 ? parallel      
AA1 2 3 ? parallel      
AA1 3 4 ? parallel      
AA1 4 5 ? parallel      
AA1 5 6 ? parallel      
AA1 6 7 ? anti-parallel 
AA1 7 8 ? anti-parallel 
AA2 1 2 ? anti-parallel 
# 
loop_
_struct_sheet_range.sheet_id 
_struct_sheet_range.id 
_struct_sheet_range.beg_label_comp_id 
_struct_sheet_range.beg_label_asym_id 
_struct_sheet_range.beg_label_seq_id 
_struct_sheet_range.pdbx_beg_PDB_ins_code 
_struct_sheet_range.end_label_comp_id 
_struct_sheet_range.end_label_asym_id 
_struct_sheet_range.end_label_seq_id 
_struct_sheet_range.pdbx_end_PDB_ins_code 
_struct_sheet_range.beg_auth_comp_id 
_struct_sheet_range.beg_auth_asym_id 
_struct_sheet_range.beg_auth_seq_id 
_struct_sheet_range.end_auth_comp_id 
_struct_sheet_range.end_auth_asym_id 
_struct_sheet_range.end_auth_seq_id 
AA1 1 VAL A 74  ? ILE A 77  ? VAL A 73  ILE A 76  
AA1 2 ARG A 59  ? LEU A 63  ? ARG A 58  LEU A 62  
AA1 3 THR A 40  ? GLY A 44  ? THR A 39  GLY A 43  
AA1 4 VAL A 90  ? GLY A 94  ? VAL A 89  GLY A 93  
AA1 5 LEU A 3   ? ASP A 10  ? LEU A 2   ASP A 9   
AA1 6 ASP A 108 ? ILE A 114 ? ASP A 107 ILE A 113 
AA1 7 HIS A 150 ? ARG A 157 ? HIS A 149 ARG A 156 
AA1 8 TRP A 132 ? GLU A 139 ? TRP A 131 GLU A 138 
AA2 1 VAL A 14  ? GLY A 16  ? VAL A 13  GLY A 15  
AA2 2 THR A 122 ? PHE A 123 ? THR A 121 PHE A 122 
# 
loop_
_pdbx_struct_sheet_hbond.sheet_id 
_pdbx_struct_sheet_hbond.range_id_1 
_pdbx_struct_sheet_hbond.range_id_2 
_pdbx_struct_sheet_hbond.range_1_label_atom_id 
_pdbx_struct_sheet_hbond.range_1_label_comp_id 
_pdbx_struct_sheet_hbond.range_1_label_asym_id 
_pdbx_struct_sheet_hbond.range_1_label_seq_id 
_pdbx_struct_sheet_hbond.range_1_PDB_ins_code 
_pdbx_struct_sheet_hbond.range_1_auth_atom_id 
_pdbx_struct_sheet_hbond.range_1_auth_comp_id 
_pdbx_struct_sheet_hbond.range_1_auth_asym_id 
_pdbx_struct_sheet_hbond.range_1_auth_seq_id 
_pdbx_struct_sheet_hbond.range_2_label_atom_id 
_pdbx_struct_sheet_hbond.range_2_label_comp_id 
_pdbx_struct_sheet_hbond.range_2_label_asym_id 
_pdbx_struct_sheet_hbond.range_2_label_seq_id 
_pdbx_struct_sheet_hbond.range_2_PDB_ins_code 
_pdbx_struct_sheet_hbond.range_2_auth_atom_id 
_pdbx_struct_sheet_hbond.range_2_auth_comp_id 
_pdbx_struct_sheet_hbond.range_2_auth_asym_id 
_pdbx_struct_sheet_hbond.range_2_auth_seq_id 
AA1 1 2 O ASP A 75  ? O ASP A 74  N ASN A 60  ? N ASN A 59  
AA1 2 3 O VAL A 61  ? O VAL A 60  N LEU A 41  ? N LEU A 40  
AA1 3 4 N VAL A 42  ? N VAL A 41  O PHE A 93  ? O PHE A 92  
AA1 4 5 O ILE A 92  ? O ILE A 91  N SER A 4   ? N SER A 3   
AA1 5 6 N ILE A 5   ? N ILE A 4   O TYR A 110 ? O TYR A 109 
AA1 6 7 N ILE A 111 ? N ILE A 110 O LEU A 153 ? O LEU A 152 
AA1 7 8 O PHE A 152 ? O PHE A 151 N VAL A 138 ? N VAL A 137 
AA2 1 2 N ILE A 15  ? N ILE A 14  O THR A 122 ? O THR A 121 
# 
loop_
_struct_site.id 
_struct_site.pdbx_evidence_code 
_struct_site.pdbx_auth_asym_id 
_struct_site.pdbx_auth_comp_id 
_struct_site.pdbx_auth_seq_id 
_struct_site.pdbx_auth_ins_code 
_struct_site.pdbx_num_residues 
_struct_site.details 
AC1 Software A NAP 201 ? 29 'binding site for residue NAP A 201' 
AC2 Software A OWP 202 ? 13 'binding site for residue OWP A 202' 
AC3 Software A GOL 203 ? 9  'binding site for residue GOL A 203' 
AC4 Software A GOL 204 ? 4  'binding site for residue GOL A 204' 
# 
loop_
_struct_site_gen.id 
_struct_site_gen.site_id 
_struct_site_gen.pdbx_num_res 
_struct_site_gen.label_comp_id 
_struct_site_gen.label_asym_id 
_struct_site_gen.label_seq_id 
_struct_site_gen.pdbx_auth_ins_code 
_struct_site_gen.auth_comp_id 
_struct_site_gen.auth_asym_id 
_struct_site_gen.auth_seq_id 
_struct_site_gen.label_atom_id 
_struct_site_gen.label_alt_id 
_struct_site_gen.symmetry 
_struct_site_gen.details 
1  AC1 29 VAL A 7   ? VAL A 6   . ? 1_555 ? 
2  AC1 29 ALA A 8   ? ALA A 7   . ? 1_555 ? 
3  AC1 29 ILE A 15  ? ILE A 14  . ? 1_555 ? 
4  AC1 29 GLY A 16  ? GLY A 15  . ? 1_555 ? 
5  AC1 29 ASN A 19  ? ASN A 18  . ? 1_555 ? 
6  AC1 29 GLN A 20  ? GLN A 19  . ? 1_555 ? 
7  AC1 29 LEU A 21  ? LEU A 20  . ? 1_555 ? 
8  AC1 29 GLY A 44  ? GLY A 43  . ? 1_555 ? 
9  AC1 29 ARG A 45  ? ARG A 44  . ? 1_555 ? 
10 AC1 29 LYS A 46  ? LYS A 45  . ? 1_555 ? 
11 AC1 29 THR A 47  ? THR A 46  . ? 1_555 ? 
12 AC1 29 LEU A 63  ? LEU A 62  . ? 1_555 ? 
13 AC1 29 THR A 64  ? THR A 63  . ? 1_555 ? 
14 AC1 29 SER A 65  ? SER A 64  . ? 1_555 ? 
15 AC1 29 HIS A 78  ? HIS A 77  . ? 1_555 ? 
16 AC1 29 ILE A 80  ? ILE A 79  . ? 1_555 ? 
17 AC1 29 PHE A 93  ? PHE A 92  . ? 1_555 ? 
18 AC1 29 GLY A 94  ? GLY A 93  . ? 1_555 ? 
19 AC1 29 GLY A 95  ? GLY A 94  . ? 1_555 ? 
20 AC1 29 GLN A 96  ? GLN A 95  . ? 1_555 ? 
21 AC1 29 THR A 97  ? THR A 96  . ? 1_555 ? 
22 AC1 29 GLU A 101 ? GLU A 100 . ? 1_555 ? 
23 AC1 29 THR A 122 ? THR A 121 . ? 1_555 ? 
24 AC1 29 OWP C .   ? OWP A 202 . ? 1_555 ? 
25 AC1 29 HOH F .   ? HOH A 319 . ? 1_555 ? 
26 AC1 29 HOH F .   ? HOH A 320 . ? 1_555 ? 
27 AC1 29 HOH F .   ? HOH A 322 . ? 1_555 ? 
28 AC1 29 HOH F .   ? HOH A 349 . ? 1_555 ? 
29 AC1 29 HOH F .   ? HOH A 354 . ? 1_555 ? 
30 AC2 13 LEU A 6   ? LEU A 5   . ? 1_555 ? 
31 AC2 13 VAL A 7   ? VAL A 6   . ? 1_555 ? 
32 AC2 13 ALA A 8   ? ALA A 7   . ? 1_555 ? 
33 AC2 13 ASP A 28  ? ASP A 27  . ? 1_555 ? 
34 AC2 13 LEU A 29  ? LEU A 28  . ? 1_555 ? 
35 AC2 13 VAL A 32  ? VAL A 31  . ? 1_555 ? 
36 AC2 13 LYS A 33  ? LYS A 32  . ? 1_555 ? 
37 AC2 13 SER A 50  ? SER A 49  . ? 1_555 ? 
38 AC2 13 LEU A 55  ? LEU A 54  . ? 1_555 ? 
39 AC2 13 ARG A 58  ? ARG A 57  . ? 1_555 ? 
40 AC2 13 PHE A 93  ? PHE A 92  . ? 1_555 ? 
41 AC2 13 NAP B .   ? NAP A 201 . ? 1_555 ? 
42 AC2 13 HOH F .   ? HOH A 355 . ? 1_555 ? 
43 AC3 9  ILE A 103 ? ILE A 102 . ? 1_555 ? 
44 AC3 9  ASP A 104 ? ASP A 103 . ? 1_555 ? 
45 AC3 9  TYR A 127 ? TYR A 126 . ? 1_555 ? 
46 AC3 9  THR A 128 ? THR A 127 . ? 1_555 ? 
47 AC3 9  ASP A 131 ? ASP A 130 . ? 1_555 ? 
48 AC3 9  TRP A 132 ? TRP A 131 . ? 1_555 ? 
49 AC3 9  ARG A 157 ? ARG A 156 . ? 1_555 ? 
50 AC3 9  HOH F .   ? HOH A 369 . ? 1_555 ? 
51 AC3 9  HOH F .   ? HOH A 392 . ? 1_555 ? 
52 AC4 4  ARG A 13  ? ARG A 12  . ? 1_555 ? 
53 AC4 4  PRO A 126 ? PRO A 125 . ? 1_555 ? 
54 AC4 4  TYR A 127 ? TYR A 126 . ? 1_555 ? 
55 AC4 4  GLU A 133 ? GLU A 132 . ? 5_554 ? 
# 
_atom_sites.entry_id                    6PR7 
_atom_sites.Cartn_transf_matrix[1][1]   ? 
_atom_sites.Cartn_transf_matrix[1][2]   ? 
_atom_sites.Cartn_transf_matrix[1][3]   ? 
_atom_sites.Cartn_transf_matrix[2][1]   ? 
_atom_sites.Cartn_transf_matrix[2][2]   ? 
_atom_sites.Cartn_transf_matrix[2][3]   ? 
_atom_sites.Cartn_transf_matrix[3][1]   ? 
_atom_sites.Cartn_transf_matrix[3][2]   ? 
_atom_sites.Cartn_transf_matrix[3][3]   ? 
_atom_sites.Cartn_transf_vector[1]      ? 
_atom_sites.Cartn_transf_vector[2]      ? 
_atom_sites.Cartn_transf_vector[3]      ? 
_atom_sites.fract_transf_matrix[1][1]   -0.01005598 
_atom_sites.fract_transf_matrix[1][2]   0.00295142 
_atom_sites.fract_transf_matrix[1][3]   -0.01017533 
_atom_sites.fract_transf_matrix[2][1]   -0.00160042 
_atom_sites.fract_transf_matrix[2][2]   0.01365146 
_atom_sites.fract_transf_matrix[2][3]   -0.00494377 
_atom_sites.fract_transf_matrix[3][1]   0.00625895 
_atom_sites.fract_transf_matrix[3][2]   -0.00168307 
_atom_sites.fract_transf_matrix[3][3]   -0.00667372 
_atom_sites.fract_transf_vector[1]      0.169903 
_atom_sites.fract_transf_vector[2]      0.390236 
_atom_sites.fract_transf_vector[3]      -0.019512 
_atom_sites.solution_primary            ? 
_atom_sites.solution_secondary          ? 
_atom_sites.solution_hydrogens          ? 
_atom_sites.special_details             ? 
# 
loop_
_atom_type.symbol 
_atom_type.scat_dispersion_real 
_atom_type.scat_dispersion_imag 
_atom_type.scat_Cromer_Mann_a1 
_atom_type.scat_Cromer_Mann_a2 
_atom_type.scat_Cromer_Mann_a3 
_atom_type.scat_Cromer_Mann_a4 
_atom_type.scat_Cromer_Mann_b1 
_atom_type.scat_Cromer_Mann_b2 
_atom_type.scat_Cromer_Mann_b3 
_atom_type.scat_Cromer_Mann_b4 
_atom_type.scat_Cromer_Mann_c 
_atom_type.scat_source 
_atom_type.scat_dispersion_source 
C ? ? 3.54356 2.42580 ? ? 25.62398 1.50364  ? ? 0.0 
;2-Gaussian fit: Grosse-Kunstleve RW, Sauter NK, Adams PD: Newsletter of the IUCr Commission on Crystallographic Computing 2004, 3, 22-31.
;
? 
N ? ? 4.01032 2.96436 ? ? 19.97189 1.75589  ? ? 0.0 
;2-Gaussian fit: Grosse-Kunstleve RW, Sauter NK, Adams PD: Newsletter of the IUCr Commission on Crystallographic Computing 2004, 3, 22-31.
;
? 
O ? ? 4.49882 3.47563 ? ? 15.80542 1.70748  ? ? 0.0 
;2-Gaussian fit: Grosse-Kunstleve RW, Sauter NK, Adams PD: Newsletter of the IUCr Commission on Crystallographic Computing 2004, 3, 22-31.
;
? 
P ? ? 9.51135 5.44231 ? ? 1.42069  35.72801 ? ? 0.0 
;2-Gaussian fit: Grosse-Kunstleve RW, Sauter NK, Adams PD: Newsletter of the IUCr Commission on Crystallographic Computing 2004, 3, 22-31.
;
? 
S ? ? 9.55732 6.39887 ? ? 1.23737  29.19336 ? ? 0.0 
;2-Gaussian fit: Grosse-Kunstleve RW, Sauter NK, Adams PD: Newsletter of the IUCr Commission on Crystallographic Computing 2004, 3, 22-31.
;
? 
# 
loop_
_atom_site.group_PDB 
_atom_site.id 
_atom_site.type_symbol 
_atom_site.label_atom_id 
_atom_site.label_alt_id 
_atom_site.label_comp_id 
_atom_site.label_asym_id 
_atom_site.label_entity_id 
_atom_site.label_seq_id 
_atom_site.pdbx_PDB_ins_code 
_atom_site.Cartn_x 
_atom_site.Cartn_y 
_atom_site.Cartn_z 
_atom_site.occupancy 
_atom_site.B_iso_or_equiv 
_atom_site.pdbx_formal_charge 
_atom_site.auth_seq_id 
_atom_site.auth_comp_id 
_atom_site.auth_asym_id 
_atom_site.auth_atom_id 
_atom_site.pdbx_PDB_model_num 
ATOM   1    N N   . MET A 1 1   ? 10.091  -4.377  -14.258 1.00 64.39 ? 0   MET A N   1 
ATOM   2    C CA  . MET A 1 1   ? 9.110   -3.893  -13.293 1.00 78.21 ? 0   MET A CA  1 
ATOM   3    C C   . MET A 1 1   ? 8.907   -4.820  -12.091 1.00 67.49 ? 0   MET A C   1 
ATOM   4    O O   . MET A 1 1   ? 8.138   -5.784  -12.167 1.00 63.74 ? 0   MET A O   1 
ATOM   5    C CB  . MET A 1 1   ? 7.755   -3.689  -13.960 1.00 67.61 ? 0   MET A CB  1 
ATOM   6    C CG  . MET A 1 1   ? 6.661   -3.294  -12.972 1.00 62.57 ? 0   MET A CG  1 
ATOM   7    S SD  . MET A 1 1   ? 5.061   -3.218  -13.770 1.00 95.19 ? 0   MET A SD  1 
ATOM   8    C CE  . MET A 1 1   ? 4.810   -4.965  -14.040 1.00 55.65 ? 0   MET A CE  1 
ATOM   9    N N   . THR A 1 2   ? 9.582   -4.526  -10.982 1.00 50.15 ? 1   THR A N   1 
ATOM   10   C CA  . THR A 1 2   ? 9.248   -5.178  -9.723  1.00 42.19 ? 1   THR A CA  1 
ATOM   11   C C   . THR A 1 2   ? 7.909   -4.612  -9.243  1.00 33.60 ? 1   THR A C   1 
ATOM   12   O O   . THR A 1 2   ? 7.702   -3.404  -9.239  1.00 30.33 ? 1   THR A O   1 
ATOM   13   C CB  . THR A 1 2   ? 10.332  -4.971  -8.650  1.00 40.40 ? 1   THR A CB  1 
ATOM   14   O OG1 . THR A 1 2   ? 11.552  -5.576  -9.094  1.00 54.46 ? 1   THR A OG1 1 
ATOM   15   C CG2 . THR A 1 2   ? 9.917   -5.615  -7.320  1.00 32.76 ? 1   THR A CG2 1 
ATOM   16   N N   . LEU A 1 3   ? 6.999   -5.495  -8.860  1.00 30.20 ? 2   LEU A N   1 
ATOM   17   C CA  . LEU A 1 3   ? 5.658   -5.097  -8.455  1.00 25.54 ? 2   LEU A CA  1 
ATOM   18   C C   . LEU A 1 3   ? 5.456   -5.436  -6.986  1.00 20.65 ? 2   LEU A C   1 
ATOM   19   O O   . LEU A 1 3   ? 5.527   -6.603  -6.613  1.00 19.96 ? 2   LEU A O   1 
ATOM   20   C CB  . LEU A 1 3   ? 4.616   -5.806  -9.322  1.00 25.20 ? 2   LEU A CB  1 
ATOM   21   C CG  . LEU A 1 3   ? 3.149   -5.379  -9.243  1.00 23.32 ? 2   LEU A CG  1 
ATOM   22   C CD1 . LEU A 1 3   ? 2.968   -3.909  -9.649  1.00 22.87 ? 2   LEU A CD1 1 
ATOM   23   C CD2 . LEU A 1 3   ? 2.289   -6.303  -10.116 1.00 22.63 ? 2   LEU A CD2 1 
ATOM   24   N N   . SER A 1 4   ? 5.206   -4.420  -6.163  1.00 18.23 ? 3   SER A N   1 
ATOM   25   C CA  . SER A 1 4   ? 5.070   -4.599  -4.718  1.00 16.72 ? 3   SER A CA  1 
ATOM   26   C C   . SER A 1 4   ? 3.750   -4.025  -4.199  1.00 16.19 ? 3   SER A C   1 
ATOM   27   O O   . SER A 1 4   ? 3.201   -3.079  -4.782  1.00 15.60 ? 3   SER A O   1 
ATOM   28   C CB  . SER A 1 4   ? 6.227   -3.923  -3.984  1.00 17.24 ? 3   SER A CB  1 
ATOM   29   O OG  . SER A 1 4   ? 7.488   -4.316  -4.502  1.00 17.15 ? 3   SER A OG  1 
ATOM   30   N N   . ILE A 1 5   ? 3.241   -4.601  -3.115  1.00 13.50 ? 4   ILE A N   1 
ATOM   31   C CA  . ILE A 1 5   ? 2.181   -3.953  -2.344  1.00 13.60 ? 4   ILE A CA  1 
ATOM   32   C C   . ILE A 1 5   ? 2.824   -3.112  -1.232  1.00 13.24 ? 4   ILE A C   1 
ATOM   33   O O   . ILE A 1 5   ? 3.842   -3.502  -0.652  1.00 13.07 ? 4   ILE A O   1 
ATOM   34   C CB  . ILE A 1 5   ? 1.185   -4.992  -1.773  1.00 13.09 ? 4   ILE A CB  1 
ATOM   35   C CG1 . ILE A 1 5   ? 0.059   -5.240  -2.789  1.00 11.95 ? 4   ILE A CG1 1 
ATOM   36   C CG2 . ILE A 1 5   ? 0.590   -4.537  -0.434  1.00 12.12 ? 4   ILE A CG2 1 
ATOM   37   C CD1 . ILE A 1 5   ? -0.948  -6.305  -2.379  1.00 14.07 ? 4   ILE A CD1 1 
ATOM   38   N N   . LEU A 1 6   ? 2.263   -1.928  -0.988  1.00 12.05 ? 5   LEU A N   1 
ATOM   39   C CA  . LEU A 1 6   ? 2.680   -1.074  0.106   1.00 12.38 ? 5   LEU A CA  1 
ATOM   40   C C   . LEU A 1 6   ? 1.449   -0.713  0.922   1.00 13.77 ? 5   LEU A C   1 
ATOM   41   O O   . LEU A 1 6   ? 0.534   -0.079  0.396   1.00 13.10 ? 5   LEU A O   1 
ATOM   42   C CB  . LEU A 1 6   ? 3.369   0.199   -0.426  1.00 13.97 ? 5   LEU A CB  1 
ATOM   43   C CG  . LEU A 1 6   ? 3.862   1.282   0.529   1.00 15.29 ? 5   LEU A CG  1 
ATOM   44   C CD1 . LEU A 1 6   ? 4.819   0.716   1.567   1.00 13.88 ? 5   LEU A CD1 1 
ATOM   45   C CD2 . LEU A 1 6   ? 4.575   2.430   -0.264  1.00 16.51 ? 5   LEU A CD2 1 
ATOM   46   N N   . VAL A 1 7   ? 1.422   -1.095  2.197   1.00 13.08 ? 6   VAL A N   1 
ATOM   47   C CA  . VAL A 1 7   ? 0.190   -0.990  2.991   1.00 13.22 ? 6   VAL A CA  1 
ATOM   48   C C   . VAL A 1 7   ? 0.468   -0.957  4.492   1.00 13.49 ? 6   VAL A C   1 
ATOM   49   O O   . VAL A 1 7   ? 1.463   -1.517  4.960   1.00 13.04 ? 6   VAL A O   1 
ATOM   50   C CB  . VAL A 1 7   ? -0.770  -2.175  2.686   1.00 13.35 ? 6   VAL A CB  1 
ATOM   51   C CG1 . VAL A 1 7   ? -0.146  -3.505  3.145   1.00 11.93 ? 6   VAL A CG1 1 
ATOM   52   C CG2 . VAL A 1 7   ? -2.139  -1.980  3.354   1.00 13.26 ? 6   VAL A CG2 1 
ATOM   53   N N   . ALA A 1 8   ? -0.398  -0.269  5.232   1.00 12.03 ? 7   ALA A N   1 
ATOM   54   C CA  . ALA A 1 8   ? -0.434  -0.333  6.686   1.00 14.27 ? 7   ALA A CA  1 
ATOM   55   C C   . ALA A 1 8   ? -1.770  -0.951  7.078   1.00 12.95 ? 7   ALA A C   1 
ATOM   56   O O   . ALA A 1 8   ? -2.824  -0.484  6.620   1.00 11.93 ? 7   ALA A O   1 
ATOM   57   C CB  . ALA A 1 8   ? -0.272  1.054   7.315   1.00 14.11 ? 7   ALA A CB  1 
ATOM   58   N N   . HIS A 1 9   ? -1.750  -2.022  7.869   1.00 12.01 ? 8   HIS A N   1 
ATOM   59   C CA  . HIS A 1 9   ? -3.018  -2.581  8.340   1.00 10.96 ? 8   HIS A CA  1 
ATOM   60   C C   . HIS A 1 9   ? -2.913  -2.940  9.808   1.00 12.23 ? 8   HIS A C   1 
ATOM   61   O O   . HIS A 1 9   ? -1.806  -3.176  10.314  1.00 10.89 ? 8   HIS A O   1 
ATOM   62   C CB  . HIS A 1 9   ? -3.468  -3.782  7.479   1.00 11.46 ? 8   HIS A CB  1 
ATOM   63   C CG  . HIS A 1 9   ? -2.703  -5.066  7.698   1.00 10.93 ? 8   HIS A CG  1 
ATOM   64   N ND1 . HIS A 1 9   ? -2.689  -5.738  8.895   1.00 10.14 ? 8   HIS A ND1 1 
ATOM   65   C CD2 . HIS A 1 9   ? -1.992  -5.828  6.835   1.00 12.16 ? 8   HIS A CD2 1 
ATOM   66   C CE1 . HIS A 1 9   ? -1.974  -6.846  8.775   1.00 12.21 ? 8   HIS A CE1 1 
ATOM   67   N NE2 . HIS A 1 9   ? -1.539  -6.926  7.530   1.00 11.37 ? 8   HIS A NE2 1 
ATOM   68   N N   . ASP A 1 10  ? -4.053  -2.948  10.504  1.00 11.18 ? 9   ASP A N   1 
ATOM   69   C CA  . ASP A 1 10  ? -4.014  -3.177  11.949  1.00 11.56 ? 9   ASP A CA  1 
ATOM   70   C C   . ASP A 1 10  ? -4.160  -4.679  12.252  1.00 12.55 ? 9   ASP A C   1 
ATOM   71   O O   . ASP A 1 10  ? -4.103  -5.508  11.342  1.00 10.69 ? 9   ASP A O   1 
ATOM   72   C CB  . ASP A 1 10  ? -5.068  -2.313  12.676  1.00 12.38 ? 9   ASP A CB  1 
ATOM   73   C CG  . ASP A 1 10  ? -6.503  -2.898  12.626  1.00 13.32 ? 9   ASP A CG  1 
ATOM   74   O OD1 . ASP A 1 10  ? -6.757  -3.895  11.925  1.00 10.99 ? 9   ASP A OD1 1 
ATOM   75   O OD2 . ASP A 1 10  ? -7.390  -2.312  13.288  1.00 13.64 ? 9   ASP A OD2 1 
ATOM   76   N N   . LEU A 1 11  ? -4.333  -5.025  13.521  1.00 12.68 ? 10  LEU A N   1 
ATOM   77   C CA  . LEU A 1 11  ? -4.358  -6.421  13.943  1.00 13.31 ? 10  LEU A CA  1 
ATOM   78   C C   . LEU A 1 11  ? -5.498  -7.219  13.315  1.00 14.60 ? 10  LEU A C   1 
ATOM   79   O O   . LEU A 1 11  ? -5.463  -8.454  13.298  1.00 13.41 ? 10  LEU A O   1 
ATOM   80   C CB  . LEU A 1 11  ? -4.449  -6.495  15.464  1.00 13.78 ? 10  LEU A CB  1 
ATOM   81   C CG  . LEU A 1 11  ? -3.209  -5.960  16.172  1.00 14.13 ? 10  LEU A CG  1 
ATOM   82   C CD1 . LEU A 1 11  ? -3.469  -5.795  17.662  1.00 15.06 ? 10  LEU A CD1 1 
ATOM   83   C CD2 . LEU A 1 11  ? -2.033  -6.908  15.888  1.00 15.01 ? 10  LEU A CD2 1 
ATOM   84   N N   . GLN A 1 12  ? -6.499  -6.507  12.800  1.00 13.50 ? 11  GLN A N   1 
ATOM   85   C CA  . GLN A 1 12  ? -7.651  -7.151  12.158  1.00 14.21 ? 11  GLN A CA  1 
ATOM   86   C C   . GLN A 1 12  ? -7.713  -6.819  10.662  1.00 13.17 ? 11  GLN A C   1 
ATOM   87   O O   . GLN A 1 12  ? -8.724  -7.061  10.004  1.00 12.02 ? 11  GLN A O   1 
ATOM   88   C CB  . GLN A 1 12  ? -8.936  -6.749  12.886  1.00 16.06 ? 11  GLN A CB  1 
ATOM   89   C CG  . GLN A 1 12  ? -8.868  -7.138  14.365  1.00 20.17 ? 11  GLN A CG  1 
ATOM   90   C CD  . GLN A 1 12  ? -10.113 -6.798  15.163  1.00 27.40 ? 11  GLN A CD  1 
ATOM   91   O OE1 . GLN A 1 12  ? -10.597 -5.661  15.150  1.00 27.88 ? 11  GLN A OE1 1 
ATOM   92   N NE2 . GLN A 1 12  ? -10.637 -7.791  15.871  1.00 33.17 ? 11  GLN A NE2 1 
ATOM   93   N N   . ARG A 1 13  ? -6.591  -6.309  10.151  1.00 11.96 ? 12  ARG A N   1 
ATOM   94   C CA  . ARG A 1 13  ? -6.387  -5.947  8.747   1.00 11.79 ? 12  ARG A CA  1 
ATOM   95   C C   . ARG A 1 13  ? -7.239  -4.760  8.283   1.00 12.55 ? 12  ARG A C   1 
ATOM   96   O O   . ARG A 1 13  ? -7.460  -4.603  7.085   1.00 11.71 ? 12  ARG A O   1 
ATOM   97   C CB  . ARG A 1 13  ? -6.637  -7.137  7.815   1.00 12.10 ? 12  ARG A CB  1 
ATOM   98   C CG  . ARG A 1 13  ? -5.445  -8.100  7.675   1.00 15.18 ? 12  ARG A CG  1 
ATOM   99   C CD  . ARG A 1 13  ? -5.816  -9.322  6.828   1.00 16.07 ? 12  ARG A CD  1 
ATOM   100  N NE  . ARG A 1 13  ? -6.841  -10.105 7.511   1.00 16.02 ? 12  ARG A NE  1 
ATOM   101  C CZ  . ARG A 1 13  ? -8.153  -10.043 7.275   1.00 16.53 ? 12  ARG A CZ  1 
ATOM   102  N NH1 . ARG A 1 13  ? -8.675  -9.246  6.314   1.00 13.45 ? 12  ARG A NH1 1 
ATOM   103  N NH2 . ARG A 1 13  ? -8.952  -10.801 8.012   1.00 16.42 ? 12  ARG A NH2 1 
ATOM   104  N N   . VAL A 1 14  ? -7.680  -3.931  9.225   1.00 11.65 ? 13  VAL A N   1 
ATOM   105  C CA  . VAL A 1 14  ? -8.287  -2.644  8.889   1.00 12.11 ? 13  VAL A CA  1 
ATOM   106  C C   . VAL A 1 14  ? -7.237  -1.761  8.213   1.00 13.31 ? 13  VAL A C   1 
ATOM   107  O O   . VAL A 1 14  ? -6.099  -1.673  8.687   1.00 9.49  ? 13  VAL A O   1 
ATOM   108  C CB  . VAL A 1 14  ? -8.828  -1.918  10.120  1.00 11.91 ? 13  VAL A CB  1 
ATOM   109  C CG1 . VAL A 1 14  ? -9.052  -0.411  9.821   1.00 12.22 ? 13  VAL A CG1 1 
ATOM   110  C CG2 . VAL A 1 14  ? -10.116 -2.576  10.637  1.00 12.70 ? 13  VAL A CG2 1 
ATOM   111  N N   . ILE A 1 15  ? -7.609  -1.121  7.107   1.00 11.40 ? 14  ILE A N   1 
ATOM   112  C CA  . ILE A 1 15  ? -6.707  -0.162  6.459   1.00 12.74 ? 14  ILE A CA  1 
ATOM   113  C C   . ILE A 1 15  ? -7.300  1.247   6.370   1.00 14.53 ? 14  ILE A C   1 
ATOM   114  O O   . ILE A 1 15  ? -6.590  2.218   6.098   1.00 12.45 ? 14  ILE A O   1 
ATOM   115  C CB  . ILE A 1 15  ? -6.317  -0.613  5.041   1.00 13.76 ? 14  ILE A CB  1 
ATOM   116  C CG1 . ILE A 1 15  ? -7.566  -0.753  4.165   1.00 13.31 ? 14  ILE A CG1 1 
ATOM   117  C CG2 . ILE A 1 15  ? -5.472  -1.916  5.068   1.00 12.47 ? 14  ILE A CG2 1 
ATOM   118  C CD1 . ILE A 1 15  ? -7.243  -0.832  2.660   1.00 14.35 ? 14  ILE A CD1 1 
ATOM   119  N N   . GLY A 1 16  ? -8.603  1.376   6.590   1.00 13.33 ? 15  GLY A N   1 
ATOM   120  C CA  . GLY A 1 16  ? -9.221  2.680   6.398   1.00 13.79 ? 15  GLY A CA  1 
ATOM   121  C C   . GLY A 1 16  ? -10.510 2.875   7.166   1.00 14.55 ? 15  GLY A C   1 
ATOM   122  O O   . GLY A 1 16  ? -11.181 1.907   7.540   1.00 11.88 ? 15  GLY A O   1 
ATOM   123  N N   . PHE A 1 17  ? -10.842 4.137   7.415   1.00 13.39 ? 16  PHE A N   1 
ATOM   124  C CA  . PHE A 1 17  ? -12.162 4.490   7.927   1.00 16.38 ? 16  PHE A CA  1 
ATOM   125  C C   . PHE A 1 17  ? -12.589 5.837   7.353   1.00 17.36 ? 16  PHE A C   1 
ATOM   126  O O   . PHE A 1 17  ? -11.870 6.813   7.482   1.00 15.53 ? 16  PHE A O   1 
ATOM   127  C CB  . PHE A 1 17  ? -12.174 4.543   9.451   1.00 15.25 ? 16  PHE A CB  1 
ATOM   128  C CG  . PHE A 1 17  ? -13.540 4.791   10.029  1.00 18.54 ? 16  PHE A CG  1 
ATOM   129  C CD1 . PHE A 1 17  ? -14.574 3.872   9.820   1.00 17.47 ? 16  PHE A CD1 1 
ATOM   130  C CD2 . PHE A 1 17  ? -13.801 5.946   10.760  1.00 18.62 ? 16  PHE A CD2 1 
ATOM   131  C CE1 . PHE A 1 17  ? -15.852 4.094   10.351  1.00 18.64 ? 16  PHE A CE1 1 
ATOM   132  C CE2 . PHE A 1 17  ? -15.077 6.180   11.291  1.00 20.08 ? 16  PHE A CE2 1 
ATOM   133  C CZ  . PHE A 1 17  ? -16.100 5.249   11.088  1.00 21.07 ? 16  PHE A CZ  1 
ATOM   134  N N   . GLU A 1 18  ? -13.746 5.855   6.708   1.00 16.34 ? 17  GLU A N   1 
ATOM   135  C CA  . GLU A 1 18  ? -14.275 7.047   6.066   1.00 18.99 ? 17  GLU A CA  1 
ATOM   136  C C   . GLU A 1 18  ? -13.224 7.750   5.213   1.00 19.47 ? 17  GLU A C   1 
ATOM   137  O O   . GLU A 1 18  ? -12.990 8.941   5.352   1.00 21.16 ? 17  GLU A O   1 
ATOM   138  C CB  . GLU A 1 18  ? -14.867 7.975   7.124   1.00 20.85 ? 17  GLU A CB  1 
ATOM   139  C CG  . GLU A 1 18  ? -16.062 7.298   7.822   1.00 22.09 ? 17  GLU A CG  1 
ATOM   140  C CD  . GLU A 1 18  ? -16.744 8.171   8.849   1.00 25.10 ? 17  GLU A CD  1 
ATOM   141  O OE1 . GLU A 1 18  ? -16.094 9.094   9.380   1.00 26.24 ? 17  GLU A OE1 1 
ATOM   142  O OE2 . GLU A 1 18  ? -17.927 7.916   9.142   1.00 25.76 ? 17  GLU A OE2 1 
ATOM   143  N N   . ASN A 1 19  ? -12.595 6.967   4.343   1.00 18.97 ? 18  ASN A N   1 
ATOM   144  C CA  . ASN A 1 19  ? -11.633 7.443   3.354   1.00 20.72 ? 18  ASN A CA  1 
ATOM   145  C C   . ASN A 1 19  ? -10.413 8.135   3.956   1.00 20.50 ? 18  ASN A C   1 
ATOM   146  O O   . ASN A 1 19  ? -9.796  8.979   3.320   1.00 22.61 ? 18  ASN A O   1 
ATOM   147  C CB  . ASN A 1 19  ? -12.334 8.361   2.346   1.00 22.65 ? 18  ASN A CB  1 
ATOM   148  C CG  . ASN A 1 19  ? -13.335 7.604   1.481   1.00 25.53 ? 18  ASN A CG  1 
ATOM   149  O OD1 . ASN A 1 19  ? -13.075 6.476   1.059   1.00 27.10 ? 18  ASN A OD1 1 
ATOM   150  N ND2 . ASN A 1 19  ? -14.484 8.213   1.225   1.00 26.24 ? 18  ASN A ND2 1 
ATOM   151  N N   . GLN A 1 20  ? -10.060 7.742   5.177   1.00 19.97 ? 19  GLN A N   1 
ATOM   152  C CA  A GLN A 1 20  ? -8.865  8.244   5.849   0.45 20.40 ? 19  GLN A CA  1 
ATOM   153  C CA  B GLN A 1 20  ? -8.870  8.237   5.861   0.55 20.37 ? 19  GLN A CA  1 
ATOM   154  C C   . GLN A 1 20  ? -8.160  7.093   6.566   1.00 19.03 ? 19  GLN A C   1 
ATOM   155  O O   . GLN A 1 20  ? -8.763  6.048   6.800   1.00 15.93 ? 19  GLN A O   1 
ATOM   156  C CB  A GLN A 1 20  ? -9.227  9.352   6.844   0.45 21.09 ? 19  GLN A CB  1 
ATOM   157  C CB  B GLN A 1 20  ? -9.233  9.304   6.885   0.55 21.04 ? 19  GLN A CB  1 
ATOM   158  C CG  A GLN A 1 20  ? -9.822  10.615  6.207   0.45 22.25 ? 19  GLN A CG  1 
ATOM   159  C CG  B GLN A 1 20  ? -9.633  10.640  6.309   0.55 22.37 ? 19  GLN A CG  1 
ATOM   160  C CD  A GLN A 1 20  ? -8.815  11.381  5.370   0.45 23.51 ? 19  GLN A CD  1 
ATOM   161  C CD  B GLN A 1 20  ? -9.601  11.704  7.366   0.55 22.86 ? 19  GLN A CD  1 
ATOM   162  O OE1 A GLN A 1 20  ? -7.627  11.442  5.706   0.45 23.41 ? 19  GLN A OE1 1 
ATOM   163  O OE1 B GLN A 1 20  ? -10.643 12.165  7.836   0.55 23.22 ? 19  GLN A OE1 1 
ATOM   164  N NE2 A GLN A 1 20  ? -9.280  11.964  4.268   0.45 24.07 ? 19  GLN A NE2 1 
ATOM   165  N NE2 B GLN A 1 20  ? -8.397  12.081  7.784   0.55 23.03 ? 19  GLN A NE2 1 
ATOM   166  N N   . LEU A 1 21  ? -6.885  7.281   6.910   1.00 17.24 ? 20  LEU A N   1 
ATOM   167  C CA  . LEU A 1 21  ? -6.188  6.300   7.755   1.00 17.11 ? 20  LEU A CA  1 
ATOM   168  C C   . LEU A 1 21  ? -6.790  6.399   9.148   1.00 16.96 ? 20  LEU A C   1 
ATOM   169  O O   . LEU A 1 21  ? -6.999  7.508   9.629   1.00 15.90 ? 20  LEU A O   1 
ATOM   170  C CB  . LEU A 1 21  ? -4.673  6.570   7.832   1.00 16.55 ? 20  LEU A CB  1 
ATOM   171  C CG  . LEU A 1 21  ? -3.850  6.523   6.549   1.00 18.19 ? 20  LEU A CG  1 
ATOM   172  C CD1 . LEU A 1 21  ? -2.391  6.916   6.829   1.00 20.32 ? 20  LEU A CD1 1 
ATOM   173  C CD2 . LEU A 1 21  ? -3.933  5.143   5.945   1.00 18.55 ? 20  LEU A CD2 1 
ATOM   174  N N   . PRO A 1 22  ? -7.075  5.255   9.802   1.00 15.59 ? 21  PRO A N   1 
ATOM   175  C CA  . PRO A 1 22  ? -7.651  5.334   11.150  1.00 16.08 ? 21  PRO A CA  1 
ATOM   176  C C   . PRO A 1 22  ? -6.677  5.830   12.203  1.00 16.70 ? 21  PRO A C   1 
ATOM   177  O O   . PRO A 1 22  ? -7.140  6.256   13.262  1.00 16.96 ? 21  PRO A O   1 
ATOM   178  C CB  . PRO A 1 22  ? -8.050  3.874   11.458  1.00 15.32 ? 21  PRO A CB  1 
ATOM   179  C CG  . PRO A 1 22  ? -8.142  3.210   10.127  1.00 15.47 ? 21  PRO A CG  1 
ATOM   180  C CD  . PRO A 1 22  ? -7.069  3.874   9.292   1.00 15.34 ? 21  PRO A CD  1 
ATOM   181  N N   . TRP A 1 23  ? -5.372  5.742   11.931  1.00 16.27 ? 22  TRP A N   1 
ATOM   182  C CA  . TRP A 1 23  ? -4.321  6.074   12.896  1.00 16.93 ? 22  TRP A CA  1 
ATOM   183  C C   . TRP A 1 23  ? -3.544  7.315   12.506  1.00 19.27 ? 22  TRP A C   1 
ATOM   184  O O   . TRP A 1 23  ? -3.459  7.661   11.335  1.00 16.71 ? 22  TRP A O   1 
ATOM   185  C CB  . TRP A 1 23  ? -3.323  4.927   13.035  1.00 15.84 ? 22  TRP A CB  1 
ATOM   186  C CG  . TRP A 1 23  ? -3.007  4.310   11.718  1.00 15.01 ? 22  TRP A CG  1 
ATOM   187  C CD1 . TRP A 1 23  ? -2.095  4.742   10.779  1.00 16.34 ? 22  TRP A CD1 1 
ATOM   188  C CD2 . TRP A 1 23  ? -3.654  3.165   11.151  1.00 14.82 ? 22  TRP A CD2 1 
ATOM   189  N NE1 . TRP A 1 23  ? -2.129  3.917   9.677   1.00 15.26 ? 22  TRP A NE1 1 
ATOM   190  C CE2 . TRP A 1 23  ? -3.078  2.942   9.884   1.00 14.22 ? 22  TRP A CE2 1 
ATOM   191  C CE3 . TRP A 1 23  ? -4.658  2.302   11.601  1.00 14.57 ? 22  TRP A CE3 1 
ATOM   192  C CZ2 . TRP A 1 23  ? -3.467  1.886   9.071   1.00 13.85 ? 22  TRP A CZ2 1 
ATOM   193  C CZ3 . TRP A 1 23  ? -5.044  1.256   10.793  1.00 12.42 ? 22  TRP A CZ3 1 
ATOM   194  C CH2 . TRP A 1 23  ? -4.457  1.062   9.536   1.00 13.28 ? 22  TRP A CH2 1 
ATOM   195  N N   . HIS A 1 24  ? -2.965  7.963   13.511  1.00 20.93 ? 23  HIS A N   1 
ATOM   196  C CA  . HIS A 1 24  ? -2.009  9.034   13.286  1.00 23.97 ? 23  HIS A CA  1 
ATOM   197  C C   . HIS A 1 24  ? -0.628  8.481   13.605  1.00 22.96 ? 23  HIS A C   1 
ATOM   198  O O   . HIS A 1 24  ? -0.291  8.292   14.764  1.00 23.65 ? 23  HIS A O   1 
ATOM   199  C CB  . HIS A 1 24  ? -2.333  10.259  14.150  1.00 28.81 ? 23  HIS A CB  1 
ATOM   200  C CG  . HIS A 1 24  ? -1.282  11.327  14.104  1.00 54.76 ? 23  HIS A CG  1 
ATOM   201  N ND1 . HIS A 1 24  ? -1.070  12.117  12.995  1.00 37.33 ? 23  HIS A ND1 1 
ATOM   202  C CD2 . HIS A 1 24  ? -0.376  11.725  15.029  1.00 50.25 ? 23  HIS A CD2 1 
ATOM   203  C CE1 . HIS A 1 24  ? -0.079  12.958  13.238  1.00 39.08 ? 23  HIS A CE1 1 
ATOM   204  N NE2 . HIS A 1 24  ? 0.358   12.742  14.467  1.00 40.67 ? 23  HIS A NE2 1 
ATOM   205  N N   . LEU A 1 25  ? 0.163   8.210   12.575  1.00 22.50 ? 24  LEU A N   1 
ATOM   206  C CA  . LEU A 1 25  ? 1.484   7.630   12.778  1.00 22.28 ? 24  LEU A CA  1 
ATOM   207  C C   . LEU A 1 25  ? 2.503   8.170   11.761  1.00 21.04 ? 24  LEU A C   1 
ATOM   208  O O   . LEU A 1 25  ? 2.772   7.529   10.747  1.00 18.50 ? 24  LEU A O   1 
ATOM   209  C CB  . LEU A 1 25  ? 1.397   6.096   12.699  1.00 20.66 ? 24  LEU A CB  1 
ATOM   210  C CG  . LEU A 1 25  ? 2.598   5.296   13.194  1.00 19.77 ? 24  LEU A CG  1 
ATOM   211  C CD1 . LEU A 1 25  ? 2.840   5.595   14.668  1.00 19.47 ? 24  LEU A CD1 1 
ATOM   212  C CD2 . LEU A 1 25  ? 2.367   3.788   12.982  1.00 17.34 ? 24  LEU A CD2 1 
ATOM   213  N N   . PRO A 1 26  ? 3.069   9.363   12.043  1.00 21.17 ? 25  PRO A N   1 
ATOM   214  C CA  . PRO A 1 26  ? 4.064   10.023  11.190  1.00 21.42 ? 25  PRO A CA  1 
ATOM   215  C C   . PRO A 1 26  ? 5.181   9.111   10.679  1.00 22.12 ? 25  PRO A C   1 
ATOM   216  O O   . PRO A 1 26  ? 5.520   9.192   9.506   1.00 21.96 ? 25  PRO A O   1 
ATOM   217  C CB  . PRO A 1 26  ? 4.638   11.104  12.109  1.00 22.74 ? 25  PRO A CB  1 
ATOM   218  C CG  . PRO A 1 26  ? 3.484   11.485  12.983  1.00 25.26 ? 25  PRO A CG  1 
ATOM   219  C CD  . PRO A 1 26  ? 2.743   10.180  13.232  1.00 24.90 ? 25  PRO A CD  1 
ATOM   220  N N   A ASN A 1 27  ? 5.737   8.261   11.534  0.60 21.77 ? 26  ASN A N   1 
ATOM   221  N N   B ASN A 1 27  ? 5.714   8.253   11.548  0.40 21.83 ? 26  ASN A N   1 
ATOM   222  C CA  A ASN A 1 27  ? 6.857   7.421   11.119  0.60 21.82 ? 26  ASN A CA  1 
ATOM   223  C CA  B ASN A 1 27  ? 6.816   7.355   11.193  0.40 21.81 ? 26  ASN A CA  1 
ATOM   224  C C   A ASN A 1 27  ? 6.509   6.476   9.966   0.60 21.41 ? 26  ASN A C   1 
ATOM   225  C C   B ASN A 1 27  ? 6.497   6.505   9.968   0.40 21.42 ? 26  ASN A C   1 
ATOM   226  O O   A ASN A 1 27  ? 7.387   6.110   9.185   0.60 21.30 ? 26  ASN A O   1 
ATOM   227  O O   B ASN A 1 27  ? 7.372   6.239   9.146   0.40 21.30 ? 26  ASN A O   1 
ATOM   228  C CB  A ASN A 1 27  ? 7.401   6.608   12.302  0.60 20.76 ? 26  ASN A CB  1 
ATOM   229  C CB  B ASN A 1 27  ? 7.170   6.437   12.374  0.40 20.85 ? 26  ASN A CB  1 
ATOM   230  C CG  A ASN A 1 27  ? 8.311   7.429   13.216  0.60 21.18 ? 26  ASN A CG  1 
ATOM   231  C CG  B ASN A 1 27  ? 8.509   5.726   12.192  0.40 21.40 ? 26  ASN A CG  1 
ATOM   232  O OD1 A ASN A 1 27  ? 8.705   8.545   12.882  0.60 22.12 ? 26  ASN A OD1 1 
ATOM   233  O OD1 B ASN A 1 27  ? 9.415   6.250   11.551  0.40 22.27 ? 26  ASN A OD1 1 
ATOM   234  N ND2 A ASN A 1 27  ? 8.642   6.872   14.380  0.60 21.36 ? 26  ASN A ND2 1 
ATOM   235  N ND2 B ASN A 1 27  ? 8.637   4.528   12.771  0.40 20.76 ? 26  ASN A ND2 1 
ATOM   236  N N   . ASP A 1 28  ? 5.245   6.079   9.844   1.00 19.40 ? 27  ASP A N   1 
ATOM   237  C CA  . ASP A 1 28  ? 4.887   5.179   8.758   1.00 19.76 ? 27  ASP A CA  1 
ATOM   238  C C   . ASP A 1 28  ? 4.832   5.935   7.451   1.00 20.23 ? 27  ASP A C   1 
ATOM   239  O O   . ASP A 1 28  ? 5.185   5.398   6.404   1.00 18.76 ? 27  ASP A O   1 
ATOM   240  C CB  . ASP A 1 28  ? 3.559   4.456   8.989   1.00 18.55 ? 27  ASP A CB  1 
ATOM   241  C CG  . ASP A 1 28  ? 3.335   3.350   7.962   1.00 18.40 ? 27  ASP A CG  1 
ATOM   242  O OD1 . ASP A 1 28  ? 4.309   2.613   7.681   1.00 17.09 ? 27  ASP A OD1 1 
ATOM   243  O OD2 . ASP A 1 28  ? 2.217   3.230   7.417   1.00 19.85 ? 27  ASP A OD2 1 
ATOM   244  N N   . LEU A 1 29  ? 4.383   7.181   7.511   1.00 20.44 ? 28  LEU A N   1 
ATOM   245  C CA  . LEU A 1 29  ? 4.339   7.989   6.309   1.00 21.86 ? 28  LEU A CA  1 
ATOM   246  C C   . LEU A 1 29  ? 5.784   8.288   5.868   1.00 22.71 ? 28  LEU A C   1 
ATOM   247  O O   . LEU A 1 29  ? 6.060   8.371   4.677   1.00 22.74 ? 28  LEU A O   1 
ATOM   248  C CB  . LEU A 1 29  ? 3.523   9.268   6.541   1.00 26.03 ? 28  LEU A CB  1 
ATOM   249  C CG  . LEU A 1 29  ? 2.057   9.046   6.957   1.00 24.78 ? 28  LEU A CG  1 
ATOM   250  C CD1 . LEU A 1 29  ? 1.266   10.355  6.964   1.00 29.59 ? 28  LEU A CD1 1 
ATOM   251  C CD2 . LEU A 1 29  ? 1.367   8.024   6.062   1.00 24.70 ? 28  LEU A CD2 1 
ATOM   252  N N   . LYS A 1 30  ? 6.708   8.419   6.823   1.00 22.04 ? 29  LYS A N   1 
ATOM   253  C CA  . LYS A 1 30  ? 8.135   8.531   6.478   1.00 23.70 ? 29  LYS A CA  1 
ATOM   254  C C   . LYS A 1 30  ? 8.675   7.243   5.829   1.00 21.82 ? 29  LYS A C   1 
ATOM   255  O O   . LYS A 1 30  ? 9.423   7.276   4.844   1.00 22.35 ? 29  LYS A O   1 
ATOM   256  C CB  . LYS A 1 30  ? 8.947   8.890   7.722   1.00 26.01 ? 29  LYS A CB  1 
ATOM   257  C CG  . LYS A 1 30  ? 8.604   10.280  8.249   1.00 32.59 ? 29  LYS A CG  1 
ATOM   258  C CD  . LYS A 1 30  ? 9.441   10.680  9.454   1.00 45.43 ? 29  LYS A CD  1 
ATOM   259  C CE  . LYS A 1 30  ? 9.038   12.068  9.942   1.00 55.44 ? 29  LYS A CE  1 
ATOM   260  N NZ  . LYS A 1 30  ? 9.258   13.114  8.897   1.00 57.56 ? 29  LYS A NZ  1 
ATOM   261  N N   . HIS A 1 31  ? 8.278   6.105   6.385   1.00 19.75 ? 30  HIS A N   1 
ATOM   262  C CA  . HIS A 1 31  ? 8.584   4.799   5.804   1.00 19.91 ? 30  HIS A CA  1 
ATOM   263  C C   . HIS A 1 31  ? 8.098   4.726   4.358   1.00 20.20 ? 30  HIS A C   1 
ATOM   264  O O   . HIS A 1 31  ? 8.843   4.329   3.448   1.00 19.06 ? 30  HIS A O   1 
ATOM   265  C CB  . HIS A 1 31  ? 7.928   3.707   6.657   1.00 18.75 ? 30  HIS A CB  1 
ATOM   266  C CG  . HIS A 1 31  ? 8.095   2.313   6.132   1.00 18.86 ? 30  HIS A CG  1 
ATOM   267  N ND1 . HIS A 1 31  ? 9.282   1.618   6.224   1.00 18.07 ? 30  HIS A ND1 1 
ATOM   268  C CD2 . HIS A 1 31  ? 7.204   1.463   5.566   1.00 18.13 ? 30  HIS A CD2 1 
ATOM   269  C CE1 . HIS A 1 31  ? 9.127   0.413   5.707   1.00 17.87 ? 30  HIS A CE1 1 
ATOM   270  N NE2 . HIS A 1 31  ? 7.873   0.287   5.311   1.00 19.16 ? 30  HIS A NE2 1 
ATOM   271  N N   . VAL A 1 32  ? 6.839   5.102   4.152   1.00 20.04 ? 31  VAL A N   1 
ATOM   272  C CA  . VAL A 1 32  ? 6.260   5.143   2.818   1.00 19.31 ? 31  VAL A CA  1 
ATOM   273  C C   . VAL A 1 32  ? 7.093   6.030   1.894   1.00 21.11 ? 31  VAL A C   1 
ATOM   274  O O   . VAL A 1 32  ? 7.402   5.639   0.776   1.00 18.97 ? 31  VAL A O   1 
ATOM   275  C CB  . VAL A 1 32  ? 4.797   5.662   2.845   1.00 20.32 ? 31  VAL A CB  1 
ATOM   276  C CG1 . VAL A 1 32  ? 4.343   6.082   1.455   1.00 21.18 ? 31  VAL A CG1 1 
ATOM   277  C CG2 . VAL A 1 32  ? 3.860   4.589   3.403   1.00 18.84 ? 31  VAL A CG2 1 
ATOM   278  N N   . LYS A 1 33  ? 7.444   7.223   2.372   1.00 22.61 ? 32  LYS A N   1 
ATOM   279  C CA  . LYS A 1 33  ? 8.262   8.162   1.601   1.00 25.03 ? 32  LYS A CA  1 
ATOM   280  C C   . LYS A 1 33  ? 9.611   7.564   1.209   1.00 22.40 ? 32  LYS A C   1 
ATOM   281  O O   . LYS A 1 33  ? 10.048  7.668   0.064   1.00 23.17 ? 32  LYS A O   1 
ATOM   282  C CB  . LYS A 1 33  ? 8.484   9.453   2.392   1.00 30.25 ? 32  LYS A CB  1 
ATOM   283  C CG  . LYS A 1 33  ? 9.462   10.431  1.733   1.00 34.15 ? 32  LYS A CG  1 
ATOM   284  C CD  . LYS A 1 33  ? 9.591   11.700  2.554   1.00 40.44 ? 32  LYS A CD  1 
ATOM   285  C CE  . LYS A 1 33  ? 10.296  12.804  1.778   1.00 49.13 ? 32  LYS A CE  1 
ATOM   286  N NZ  . LYS A 1 33  ? 10.352  14.081  2.557   1.00 54.13 ? 32  LYS A NZ  1 
ATOM   287  N N   . LYS A 1 34  ? 10.270  6.918   2.163   1.00 23.95 ? 33  LYS A N   1 
ATOM   288  C CA  . LYS A 1 34  ? 11.588  6.351   1.889   1.00 25.00 ? 33  LYS A CA  1 
ATOM   289  C C   . LYS A 1 34  ? 11.514  5.220   0.866   1.00 23.09 ? 33  LYS A C   1 
ATOM   290  O O   . LYS A 1 34  ? 12.338  5.152   -0.043  1.00 22.50 ? 33  LYS A O   1 
ATOM   291  C CB  . LYS A 1 34  ? 12.245  5.851   3.177   1.00 28.77 ? 33  LYS A CB  1 
ATOM   292  C CG  . LYS A 1 34  ? 13.666  5.337   2.981   1.00 33.50 ? 33  LYS A CG  1 
ATOM   293  C CD  . LYS A 1 34  ? 14.223  4.684   4.247   1.00 42.23 ? 33  LYS A CD  1 
ATOM   294  C CE  . LYS A 1 34  ? 15.102  5.644   5.046   1.00 49.50 ? 33  LYS A CE  1 
ATOM   295  N NZ  . LYS A 1 34  ? 14.314  6.729   5.708   1.00 47.98 ? 33  LYS A NZ  1 
ATOM   296  N N   . LEU A 1 35  ? 10.531  4.331   1.001   1.00 20.58 ? 34  LEU A N   1 
ATOM   297  C CA  . LEU A 1 35  ? 10.404  3.240   0.049   1.00 20.53 ? 34  LEU A CA  1 
ATOM   298  C C   . LEU A 1 35  ? 10.072  3.692   -1.374  1.00 20.36 ? 34  LEU A C   1 
ATOM   299  O O   . LEU A 1 35  ? 10.579  3.120   -2.339  1.00 19.94 ? 34  LEU A O   1 
ATOM   300  C CB  . LEU A 1 35  ? 9.330   2.237   0.504   1.00 19.40 ? 34  LEU A CB  1 
ATOM   301  C CG  . LEU A 1 35  ? 9.732   1.218   1.572   1.00 19.08 ? 34  LEU A CG  1 
ATOM   302  C CD1 . LEU A 1 35  ? 8.494   0.440   2.036   1.00 18.03 ? 34  LEU A CD1 1 
ATOM   303  C CD2 . LEU A 1 35  ? 10.793  0.276   1.026   1.00 18.58 ? 34  LEU A CD2 1 
ATOM   304  N N   . SER A 1 36  ? 9.209   4.695   -1.511  1.00 20.04 ? 35  SER A N   1 
ATOM   305  C CA  . SER A 1 36  ? 8.607   4.970   -2.815  1.00 20.18 ? 35  SER A CA  1 
ATOM   306  C C   . SER A 1 36  ? 9.175   6.180   -3.559  1.00 21.96 ? 35  SER A C   1 
ATOM   307  O O   . SER A 1 36  ? 8.866   6.373   -4.725  1.00 20.95 ? 35  SER A O   1 
ATOM   308  C CB  . SER A 1 36  ? 7.095   5.150   -2.668  1.00 19.43 ? 35  SER A CB  1 
ATOM   309  O OG  . SER A 1 36  ? 6.786   6.282   -1.872  1.00 20.19 ? 35  SER A OG  1 
ATOM   310  N N   . THR A 1 37  ? 9.983   6.999   -2.897  1.00 23.16 ? 36  THR A N   1 
ATOM   311  C CA  . THR A 1 37  ? 10.617  8.118   -3.597  1.00 23.51 ? 36  THR A CA  1 
ATOM   312  C C   . THR A 1 37  ? 11.404  7.614   -4.804  1.00 23.78 ? 36  THR A C   1 
ATOM   313  O O   . THR A 1 37  ? 12.197  6.686   -4.695  1.00 22.12 ? 36  THR A O   1 
ATOM   314  C CB  . THR A 1 37  ? 11.563  8.908   -2.679  1.00 24.84 ? 36  THR A CB  1 
ATOM   315  O OG1 . THR A 1 37  ? 10.810  9.503   -1.617  1.00 28.28 ? 36  THR A OG1 1 
ATOM   316  C CG2 . THR A 1 37  ? 12.261  10.017  -3.468  1.00 24.84 ? 36  THR A CG2 1 
ATOM   317  N N   . GLY A 1 38  ? 11.160  8.211   -5.963  1.00 23.98 ? 37  GLY A N   1 
ATOM   318  C CA  . GLY A 1 38  ? 11.902  7.860   -7.161  1.00 24.27 ? 37  GLY A CA  1 
ATOM   319  C C   . GLY A 1 38  ? 11.284  6.701   -7.904  1.00 24.39 ? 37  GLY A C   1 
ATOM   320  O O   . GLY A 1 38  ? 11.827  6.238   -8.907  1.00 23.57 ? 37  GLY A O   1 
ATOM   321  N N   . HIS A 1 39  ? 10.145  6.213   -7.409  1.00 23.96 ? 38  HIS A N   1 
ATOM   322  C CA  . HIS A 1 39  ? 9.494   5.067   -8.040  1.00 22.98 ? 38  HIS A CA  1 
ATOM   323  C C   . HIS A 1 39  ? 8.066   5.401   -8.432  1.00 22.70 ? 38  HIS A C   1 
ATOM   324  O O   . HIS A 1 39  ? 7.757   6.564   -8.689  1.00 22.98 ? 38  HIS A O   1 
ATOM   325  C CB  . HIS A 1 39  ? 9.569   3.853   -7.113  1.00 21.53 ? 38  HIS A CB  1 
ATOM   326  C CG  . HIS A 1 39  ? 10.971  3.505   -6.730  1.00 23.25 ? 38  HIS A CG  1 
ATOM   327  N ND1 . HIS A 1 39  ? 11.899  3.061   -7.649  1.00 23.95 ? 38  HIS A ND1 1 
ATOM   328  C CD2 . HIS A 1 39  ? 11.627  3.592   -5.547  1.00 23.44 ? 38  HIS A CD2 1 
ATOM   329  C CE1 . HIS A 1 39  ? 13.058  2.866   -7.043  1.00 24.71 ? 38  HIS A CE1 1 
ATOM   330  N NE2 . HIS A 1 39  ? 12.921  3.177   -5.767  1.00 24.06 ? 38  HIS A NE2 1 
ATOM   331  N N   . THR A 1 40  ? 7.205   4.391   -8.512  1.00 19.90 ? 39  THR A N   1 
ATOM   332  C CA  . THR A 1 40  ? 5.830   4.605   -8.962  1.00 21.13 ? 39  THR A CA  1 
ATOM   333  C C   . THR A 1 40  ? 4.793   4.102   -7.958  1.00 19.61 ? 39  THR A C   1 
ATOM   334  O O   . THR A 1 40  ? 4.916   2.982   -7.424  1.00 17.93 ? 39  THR A O   1 
ATOM   335  C CB  . THR A 1 40  ? 5.586   3.920   -10.329 1.00 21.85 ? 39  THR A CB  1 
ATOM   336  O OG1 . THR A 1 40  ? 6.471   4.479   -11.304 1.00 23.63 ? 39  THR A OG1 1 
ATOM   337  C CG2 . THR A 1 40  ? 4.139   4.101   -10.811 1.00 21.10 ? 39  THR A CG2 1 
ATOM   338  N N   . LEU A 1 41  ? 3.786   4.940   -7.707  1.00 19.25 ? 40  LEU A N   1 
ATOM   339  C CA  . LEU A 1 41  ? 2.615   4.560   -6.916  1.00 19.87 ? 40  LEU A CA  1 
ATOM   340  C C   . LEU A 1 41  ? 1.398   4.359   -7.814  1.00 19.59 ? 40  LEU A C   1 
ATOM   341  O O   . LEU A 1 41  ? 1.048   5.239   -8.591  1.00 18.97 ? 40  LEU A O   1 
ATOM   342  C CB  . LEU A 1 41  ? 2.289   5.628   -5.866  1.00 19.21 ? 40  LEU A CB  1 
ATOM   343  C CG  . LEU A 1 41  ? 3.361   6.019   -4.848  1.00 19.39 ? 40  LEU A CG  1 
ATOM   344  C CD1 . LEU A 1 41  ? 2.807   7.042   -3.887  1.00 20.54 ? 40  LEU A CD1 1 
ATOM   345  C CD2 . LEU A 1 41  ? 3.860   4.813   -4.108  1.00 17.83 ? 40  LEU A CD2 1 
ATOM   346  N N   . VAL A 1 42  ? 0.766   3.196   -7.703  1.00 18.17 ? 41  VAL A N   1 
ATOM   347  C CA  . VAL A 1 42  ? -0.506  2.935   -8.357  1.00 19.51 ? 41  VAL A CA  1 
ATOM   348  C C   . VAL A 1 42  ? -1.585  2.876   -7.281  1.00 18.90 ? 41  VAL A C   1 
ATOM   349  O O   . VAL A 1 42  ? -1.459  2.137   -6.295  1.00 17.74 ? 41  VAL A O   1 
ATOM   350  C CB  . VAL A 1 42  ? -0.483  1.626   -9.168  1.00 18.72 ? 41  VAL A CB  1 
ATOM   351  C CG1 . VAL A 1 42  ? -1.870  1.299   -9.697  1.00 20.09 ? 41  VAL A CG1 1 
ATOM   352  C CG2 . VAL A 1 42  ? 0.491   1.747   -10.310 1.00 20.49 ? 41  VAL A CG2 1 
ATOM   353  N N   . MET A 1 43  ? -2.630  3.676   -7.452  1.00 18.29 ? 42  MET A N   1 
ATOM   354  C CA  . MET A 1 43  ? -3.677  3.781   -6.436  1.00 19.16 ? 42  MET A CA  1 
ATOM   355  C C   . MET A 1 43  ? -5.060  3.908   -7.073  1.00 19.80 ? 42  MET A C   1 
ATOM   356  O O   . MET A 1 43  ? -5.196  4.382   -8.209  1.00 18.81 ? 42  MET A O   1 
ATOM   357  C CB  . MET A 1 43  ? -3.401  4.979   -5.509  1.00 18.28 ? 42  MET A CB  1 
ATOM   358  C CG  . MET A 1 43  ? -3.568  6.365   -6.150  1.00 19.11 ? 42  MET A CG  1 
ATOM   359  S SD  . MET A 1 43  ? -2.903  7.692   -5.113  1.00 18.82 ? 42  MET A SD  1 
ATOM   360  C CE  . MET A 1 43  ? -1.173  7.740   -5.603  1.00 18.61 ? 42  MET A CE  1 
ATOM   361  N N   . GLY A 1 44  ? -6.093  3.472   -6.355  1.00 18.77 ? 43  GLY A N   1 
ATOM   362  C CA  . GLY A 1 44  ? -7.448  3.618   -6.863  1.00 18.57 ? 43  GLY A CA  1 
ATOM   363  C C   . GLY A 1 44  ? -7.913  5.048   -6.683  1.00 19.78 ? 43  GLY A C   1 
ATOM   364  O O   . GLY A 1 44  ? -7.283  5.820   -5.961  1.00 17.65 ? 43  GLY A O   1 
ATOM   365  N N   . ARG A 1 45  ? -9.016  5.409   -7.338  1.00 20.63 ? 44  ARG A N   1 
ATOM   366  C CA  . ARG A 1 45  ? -9.469  6.798   -7.342  1.00 20.10 ? 44  ARG A CA  1 
ATOM   367  C C   . ARG A 1 45  ? -9.769  7.344   -5.942  1.00 20.54 ? 44  ARG A C   1 
ATOM   368  O O   . ARG A 1 45  ? -9.421  8.474   -5.620  1.00 20.15 ? 44  ARG A O   1 
ATOM   369  C CB  . ARG A 1 45  ? -10.707 6.943   -8.226  1.00 21.21 ? 44  ARG A CB  1 
ATOM   370  C CG  . ARG A 1 45  ? -11.134 8.388   -8.422  1.00 23.28 ? 44  ARG A CG  1 
ATOM   371  C CD  . ARG A 1 45  ? -12.313 8.735   -7.536  1.00 25.46 ? 44  ARG A CD  1 
ATOM   372  N NE  . ARG A 1 45  ? -13.398 7.767   -7.664  1.00 23.03 ? 44  ARG A NE  1 
ATOM   373  C CZ  . ARG A 1 45  ? -14.450 7.728   -6.854  1.00 24.03 ? 44  ARG A CZ  1 
ATOM   374  N NH1 . ARG A 1 45  ? -14.552 8.608   -5.863  1.00 25.24 ? 44  ARG A NH1 1 
ATOM   375  N NH2 . ARG A 1 45  ? -15.397 6.818   -7.032  1.00 23.87 ? 44  ARG A NH2 1 
ATOM   376  N N   . LYS A 1 46  ? -10.415 6.534   -5.108  1.00 20.68 ? 45  LYS A N   1 
ATOM   377  C CA  . LYS A 1 46  ? -10.813 6.987   -3.783  1.00 21.55 ? 45  LYS A CA  1 
ATOM   378  C C   . LYS A 1 46  ? -9.600  7.262   -2.925  1.00 19.75 ? 45  LYS A C   1 
ATOM   379  O O   . LYS A 1 46  ? -9.580  8.225   -2.144  1.00 19.73 ? 45  LYS A O   1 
ATOM   380  C CB  . LYS A 1 46  ? -11.720 5.954   -3.103  1.00 22.29 ? 45  LYS A CB  1 
ATOM   381  C CG  . LYS A 1 46  ? -13.060 5.754   -3.793  1.00 22.91 ? 45  LYS A CG  1 
ATOM   382  C CD  . LYS A 1 46  ? -13.968 4.858   -2.958  1.00 25.18 ? 45  LYS A CD  1 
ATOM   383  C CE  . LYS A 1 46  ? -15.320 4.645   -3.613  1.00 26.79 ? 45  LYS A CE  1 
ATOM   384  N NZ  . LYS A 1 46  ? -16.244 3.904   -2.700  1.00 29.51 ? 45  LYS A NZ  1 
ATOM   385  N N   . THR A 1 47  ? -8.582  6.416   -3.058  1.00 18.61 ? 46  THR A N   1 
ATOM   386  C CA  . THR A 1 47  ? -7.361  6.649   -2.312  1.00 19.83 ? 46  THR A CA  1 
ATOM   387  C C   . THR A 1 47  ? -6.725  7.966   -2.756  1.00 20.05 ? 46  THR A C   1 
ATOM   388  O O   . THR A 1 47  ? -6.223  8.733   -1.923  1.00 19.84 ? 46  THR A O   1 
ATOM   389  C CB  . THR A 1 47  ? -6.344  5.497   -2.480  1.00 18.39 ? 46  THR A CB  1 
ATOM   390  O OG1 . THR A 1 47  ? -6.864  4.315   -1.852  1.00 17.73 ? 46  THR A OG1 1 
ATOM   391  C CG2 . THR A 1 47  ? -5.021  5.875   -1.827  1.00 18.10 ? 46  THR A CG2 1 
ATOM   392  N N   . PHE A 1 48  ? -6.749  8.244   -4.057  1.00 20.37 ? 47  PHE A N   1 
ATOM   393  C CA  . PHE A 1 48  ? -6.151  9.491   -4.515  1.00 21.59 ? 47  PHE A CA  1 
ATOM   394  C C   . PHE A 1 48  ? -6.909  10.688  -3.954  1.00 23.87 ? 47  PHE A C   1 
ATOM   395  O O   . PHE A 1 48  ? -6.298  11.636  -3.447  1.00 22.79 ? 47  PHE A O   1 
ATOM   396  C CB  . PHE A 1 48  ? -6.107  9.603   -6.038  1.00 21.52 ? 47  PHE A CB  1 
ATOM   397  C CG  . PHE A 1 48  ? -5.634  10.963  -6.499  1.00 23.10 ? 47  PHE A CG  1 
ATOM   398  C CD1 . PHE A 1 48  ? -4.302  11.325  -6.351  1.00 23.92 ? 47  PHE A CD1 1 
ATOM   399  C CD2 . PHE A 1 48  ? -6.523  11.899  -6.999  1.00 26.27 ? 47  PHE A CD2 1 
ATOM   400  C CE1 . PHE A 1 48  ? -3.859  12.579  -6.735  1.00 26.61 ? 47  PHE A CE1 1 
ATOM   401  C CE2 . PHE A 1 48  ? -6.085  13.159  -7.383  1.00 28.52 ? 47  PHE A CE2 1 
ATOM   402  C CZ  . PHE A 1 48  ? -4.755  13.499  -7.250  1.00 27.02 ? 47  PHE A CZ  1 
ATOM   403  N N   . GLU A 1 49  ? -8.235  10.639  -4.035  1.00 23.57 ? 48  GLU A N   1 
ATOM   404  C CA  . GLU A 1 49  ? -9.059  11.756  -3.556  1.00 27.48 ? 48  GLU A CA  1 
ATOM   405  C C   . GLU A 1 49  ? -8.835  12.008  -2.077  1.00 25.65 ? 48  GLU A C   1 
ATOM   406  O O   . GLU A 1 49  ? -8.905  13.140  -1.619  1.00 26.18 ? 48  GLU A O   1 
ATOM   407  C CB  . GLU A 1 49  ? -10.545 11.501  -3.822  1.00 30.82 ? 48  GLU A CB  1 
ATOM   408  C CG  . GLU A 1 49  ? -10.918 11.393  -5.299  1.00 33.67 ? 48  GLU A CG  1 
ATOM   409  C CD  . GLU A 1 49  ? -10.556 12.637  -6.105  1.00 57.39 ? 48  GLU A CD  1 
ATOM   410  O OE1 . GLU A 1 49  ? -10.438 13.729  -5.510  1.00 60.07 ? 48  GLU A OE1 1 
ATOM   411  O OE2 . GLU A 1 49  ? -10.389 12.525  -7.342  1.00 50.35 ? 48  GLU A OE2 1 
ATOM   412  N N   . SER A 1 50  ? -8.537  10.953  -1.328  1.00 23.39 ? 49  SER A N   1 
ATOM   413  C CA  . SER A 1 50  ? -8.258  11.109  0.085   1.00 25.23 ? 49  SER A CA  1 
ATOM   414  C C   . SER A 1 50  ? -6.980  11.892  0.351   1.00 25.87 ? 49  SER A C   1 
ATOM   415  O O   . SER A 1 50  ? -6.945  12.764  1.224   1.00 25.81 ? 49  SER A O   1 
ATOM   416  C CB  . SER A 1 50  ? -8.153  9.746   0.761   1.00 24.05 ? 49  SER A CB  1 
ATOM   417  O OG  . SER A 1 50  ? -7.650  9.928   2.071   1.00 25.19 ? 49  SER A OG  1 
ATOM   418  N N   . ILE A 1 51  ? -5.924  11.550  -0.380  1.00 25.97 ? 50  ILE A N   1 
ATOM   419  C CA  . ILE A 1 51  ? -4.647  12.253  -0.285  1.00 25.95 ? 50  ILE A CA  1 
ATOM   420  C C   . ILE A 1 51  ? -4.774  13.675  -0.836  1.00 28.00 ? 50  ILE A C   1 
ATOM   421  O O   . ILE A 1 51  ? -4.155  14.602  -0.325  1.00 28.55 ? 50  ILE A O   1 
ATOM   422  C CB  . ILE A 1 51  ? -3.548  11.500  -1.043  1.00 26.26 ? 50  ILE A CB  1 
ATOM   423  C CG1 . ILE A 1 51  ? -3.359  10.111  -0.436  1.00 27.88 ? 50  ILE A CG1 1 
ATOM   424  C CG2 . ILE A 1 51  ? -2.231  12.262  -0.995  1.00 30.00 ? 50  ILE A CG2 1 
ATOM   425  C CD1 . ILE A 1 51  ? -2.380  9.243   -1.210  1.00 27.53 ? 50  ILE A CD1 1 
ATOM   426  N N   . GLY A 1 52  ? -5.579  13.832  -1.882  1.00 26.59 ? 51  GLY A N   1 
ATOM   427  C CA  . GLY A 1 52  ? -5.961  15.154  -2.359  1.00 28.95 ? 51  GLY A CA  1 
ATOM   428  C C   . GLY A 1 52  ? -5.047  15.748  -3.415  1.00 32.09 ? 51  GLY A C   1 
ATOM   429  O O   . GLY A 1 52  ? -5.486  16.545  -4.244  1.00 33.92 ? 51  GLY A O   1 
ATOM   430  N N   . LYS A 1 53  ? -3.774  15.362  -3.382  1.00 31.62 ? 52  LYS A N   1 
ATOM   431  C CA  . LYS A 1 53  ? -2.779  15.866  -4.320  1.00 33.06 ? 52  LYS A CA  1 
ATOM   432  C C   . LYS A 1 53  ? -1.700  14.799  -4.550  1.00 30.83 ? 52  LYS A C   1 
ATOM   433  O O   . LYS A 1 53  ? -1.527  13.919  -3.715  1.00 29.31 ? 52  LYS A O   1 
ATOM   434  C CB  . LYS A 1 53  ? -2.165  17.170  -3.794  1.00 38.95 ? 52  LYS A CB  1 
ATOM   435  C CG  . LYS A 1 53  ? -2.748  18.414  -4.454  1.00 50.30 ? 52  LYS A CG  1 
ATOM   436  C CD  . LYS A 1 53  ? -2.019  19.681  -4.035  1.00 59.65 ? 52  LYS A CD  1 
ATOM   437  C CE  . LYS A 1 53  ? -2.624  20.902  -4.718  1.00 76.83 ? 52  LYS A CE  1 
ATOM   438  N NZ  . LYS A 1 53  ? -1.873  21.275  -5.953  1.00 78.52 ? 52  LYS A NZ  1 
ATOM   439  N N   . PRO A 1 54  ? -0.991  14.864  -5.686  1.00 29.30 ? 53  PRO A N   1 
ATOM   440  C CA  . PRO A 1 54  ? 0.065   13.874  -5.922  1.00 28.75 ? 53  PRO A CA  1 
ATOM   441  C C   . PRO A 1 54  ? 1.154   13.981  -4.869  1.00 28.09 ? 53  PRO A C   1 
ATOM   442  O O   . PRO A 1 54  ? 1.402   15.072  -4.350  1.00 28.03 ? 53  PRO A O   1 
ATOM   443  C CB  . PRO A 1 54  ? 0.609   14.245  -7.311  1.00 28.73 ? 53  PRO A CB  1 
ATOM   444  C CG  . PRO A 1 54  ? -0.421  15.147  -7.919  1.00 30.38 ? 53  PRO A CG  1 
ATOM   445  C CD  . PRO A 1 54  ? -1.076  15.853  -6.777  1.00 31.31 ? 53  PRO A CD  1 
ATOM   446  N N   . LEU A 1 55  ? 1.775   12.858  -4.528  1.00 26.79 ? 54  LEU A N   1 
ATOM   447  C CA  . LEU A 1 55  ? 2.907   12.883  -3.619  1.00 27.45 ? 54  LEU A CA  1 
ATOM   448  C C   . LEU A 1 55  ? 4.151   13.254  -4.416  1.00 28.61 ? 54  LEU A C   1 
ATOM   449  O O   . LEU A 1 55  ? 4.393   12.701  -5.485  1.00 27.31 ? 54  LEU A O   1 
ATOM   450  C CB  . LEU A 1 55  ? 3.071   11.535  -2.917  1.00 28.81 ? 54  LEU A CB  1 
ATOM   451  C CG  . LEU A 1 55  ? 1.873   11.226  -2.005  1.00 30.44 ? 54  LEU A CG  1 
ATOM   452  C CD1 . LEU A 1 55  ? 1.891   9.791   -1.515  1.00 33.27 ? 54  LEU A CD1 1 
ATOM   453  C CD2 . LEU A 1 55  ? 1.842   12.184  -0.830  1.00 35.87 ? 54  LEU A CD2 1 
ATOM   454  N N   . PRO A 1 56  ? 4.926   14.217  -3.907  1.00 30.57 ? 55  PRO A N   1 
ATOM   455  C CA  . PRO A 1 56  ? 6.071   14.729  -4.662  1.00 29.87 ? 55  PRO A CA  1 
ATOM   456  C C   . PRO A 1 56  ? 7.184   13.709  -4.819  1.00 30.41 ? 55  PRO A C   1 
ATOM   457  O O   . PRO A 1 56  ? 7.347   12.831  -3.960  1.00 31.28 ? 55  PRO A O   1 
ATOM   458  C CB  . PRO A 1 56  ? 6.540   15.920  -3.821  1.00 29.90 ? 55  PRO A CB  1 
ATOM   459  C CG  . PRO A 1 56  ? 6.049   15.644  -2.463  1.00 32.13 ? 55  PRO A CG  1 
ATOM   460  C CD  . PRO A 1 56  ? 4.749   14.922  -2.626  1.00 31.22 ? 55  PRO A CD  1 
ATOM   461  N N   . ASN A 1 57  ? 7.907   13.820  -5.933  1.00 28.08 ? 56  ASN A N   1 
ATOM   462  C CA  . ASN A 1 57  ? 9.144   13.081  -6.166  1.00 28.79 ? 56  ASN A CA  1 
ATOM   463  C C   . ASN A 1 57  ? 8.948   11.577  -6.390  1.00 28.25 ? 56  ASN A C   1 
ATOM   464  O O   . ASN A 1 57  ? 9.797   10.762  -6.021  1.00 27.01 ? 56  ASN A O   1 
ATOM   465  C CB  . ASN A 1 57  ? 10.107  13.343  -5.012  1.00 29.41 ? 56  ASN A CB  1 
ATOM   466  C CG  . ASN A 1 57  ? 10.357  14.828  -4.815  1.00 30.19 ? 56  ASN A CG  1 
ATOM   467  O OD1 . ASN A 1 57  ? 10.364  15.585  -5.787  1.00 30.95 ? 56  ASN A OD1 1 
ATOM   468  N ND2 . ASN A 1 57  ? 10.511  15.259  -3.570  1.00 29.56 ? 56  ASN A ND2 1 
ATOM   469  N N   . ARG A 1 58  ? 7.830   11.238  -7.028  1.00 26.49 ? 57  ARG A N   1 
ATOM   470  C CA  . ARG A 1 58  ? 7.578   9.903   -7.566  1.00 24.93 ? 57  ARG A CA  1 
ATOM   471  C C   . ARG A 1 58  ? 6.447   9.990   -8.555  1.00 24.59 ? 57  ARG A C   1 
ATOM   472  O O   . ARG A 1 58  ? 5.701   10.976  -8.565  1.00 24.13 ? 57  ARG A O   1 
ATOM   473  C CB  . ARG A 1 58  ? 7.224   8.902   -6.463  1.00 24.60 ? 57  ARG A CB  1 
ATOM   474  C CG  . ARG A 1 58  ? 5.896   9.174   -5.824  1.00 25.48 ? 57  ARG A CG  1 
ATOM   475  C CD  . ARG A 1 58  ? 5.989   8.815   -4.372  1.00 27.35 ? 57  ARG A CD  1 
ATOM   476  N NE  . ARG A 1 58  ? 6.689   9.883   -3.693  1.00 29.34 ? 57  ARG A NE  1 
ATOM   477  C CZ  . ARG A 1 58  ? 6.588   10.154  -2.404  1.00 36.81 ? 57  ARG A CZ  1 
ATOM   478  N NH1 . ARG A 1 58  ? 5.799   9.434   -1.621  1.00 38.19 ? 57  ARG A NH1 1 
ATOM   479  N NH2 . ARG A 1 58  ? 7.286   11.152  -1.897  1.00 70.75 ? 57  ARG A NH2 1 
ATOM   480  N N   . ARG A 1 59  ? 6.322   8.965   -9.390  1.00 22.81 ? 58  ARG A N   1 
ATOM   481  C CA  . ARG A 1 59  ? 5.223   8.911   -10.331 1.00 23.34 ? 58  ARG A CA  1 
ATOM   482  C C   . ARG A 1 59  ? 3.921   8.478   -9.653  1.00 28.43 ? 58  ARG A C   1 
ATOM   483  O O   . ARG A 1 59  ? 3.863   7.425   -9.007  1.00 23.55 ? 58  ARG A O   1 
ATOM   484  C CB  . ARG A 1 59  ? 5.557   7.966   -11.485 1.00 23.81 ? 58  ARG A CB  1 
ATOM   485  C CG  . ARG A 1 59  ? 4.558   7.999   -12.610 1.00 24.99 ? 58  ARG A CG  1 
ATOM   486  C CD  . ARG A 1 59  ? 4.894   6.977   -13.685 1.00 26.80 ? 58  ARG A CD  1 
ATOM   487  N NE  . ARG A 1 59  ? 3.983   7.068   -14.821 1.00 27.88 ? 58  ARG A NE  1 
ATOM   488  C CZ  . ARG A 1 59  ? 4.097   6.344   -15.927 1.00 28.77 ? 58  ARG A CZ  1 
ATOM   489  N NH1 . ARG A 1 59  ? 5.085   5.463   -16.057 1.00 28.53 ? 58  ARG A NH1 1 
ATOM   490  N NH2 . ARG A 1 59  ? 3.222   6.502   -16.907 1.00 32.10 ? 58  ARG A NH2 1 
ATOM   491  N N   . ASN A 1 60  ? 2.889   9.305   -9.816  1.00 23.95 ? 59  ASN A N   1 
ATOM   492  C CA  . ASN A 1 60  ? 1.557   9.061   -9.259  1.00 23.44 ? 59  ASN A CA  1 
ATOM   493  C C   . ASN A 1 60  ? 0.590   8.590   -10.318 1.00 23.09 ? 59  ASN A C   1 
ATOM   494  O O   . ASN A 1 60  ? 0.198   9.365   -11.190 1.00 24.33 ? 59  ASN A O   1 
ATOM   495  C CB  . ASN A 1 60  ? 1.004   10.323  -8.602  1.00 23.11 ? 59  ASN A CB  1 
ATOM   496  C CG  . ASN A 1 60  ? 1.732   10.683  -7.331  1.00 22.97 ? 59  ASN A CG  1 
ATOM   497  O OD1 . ASN A 1 60  ? 1.182   10.574  -6.242  1.00 23.40 ? 59  ASN A OD1 1 
ATOM   498  N ND2 . ASN A 1 60  ? 2.972   11.113  -7.460  1.00 23.90 ? 59  ASN A ND2 1 
ATOM   499  N N   . VAL A 1 61  ? 0.209   7.319   -10.241 1.00 20.99 ? 60  VAL A N   1 
ATOM   500  C CA  . VAL A 1 61  ? -0.689  6.711   -11.216 1.00 20.80 ? 60  VAL A CA  1 
ATOM   501  C C   . VAL A 1 61  ? -2.026  6.353   -10.568 1.00 20.06 ? 60  VAL A C   1 
ATOM   502  O O   . VAL A 1 61  ? -2.074  5.696   -9.531  1.00 19.17 ? 60  VAL A O   1 
ATOM   503  C CB  . VAL A 1 61  ? -0.051  5.468   -11.831 1.00 20.99 ? 60  VAL A CB  1 
ATOM   504  C CG1 . VAL A 1 61  ? -0.975  4.826   -12.831 1.00 21.54 ? 60  VAL A CG1 1 
ATOM   505  C CG2 . VAL A 1 61  ? 1.284   5.829   -12.482 1.00 21.72 ? 60  VAL A CG2 1 
ATOM   506  N N   . VAL A 1 62  ? -3.116  6.801   -11.169 1.00 20.50 ? 61  VAL A N   1 
ATOM   507  C CA  . VAL A 1 62  ? -4.429  6.602   -10.567 1.00 20.18 ? 61  VAL A CA  1 
ATOM   508  C C   . VAL A 1 62  ? -5.302  5.751   -11.471 1.00 21.17 ? 61  VAL A C   1 
ATOM   509  O O   . VAL A 1 62  ? -5.436  6.035   -12.660 1.00 21.53 ? 61  VAL A O   1 
ATOM   510  C CB  . VAL A 1 62  ? -5.111  7.945   -10.273 1.00 21.22 ? 61  VAL A CB  1 
ATOM   511  C CG1 . VAL A 1 62  ? -6.580  7.748   -9.925  1.00 20.81 ? 61  VAL A CG1 1 
ATOM   512  C CG2 . VAL A 1 62  ? -4.383  8.652   -9.140  1.00 20.24 ? 61  VAL A CG2 1 
ATOM   513  N N   . LEU A 1 63  ? -5.865  4.685   -10.908 1.00 19.06 ? 62  LEU A N   1 
ATOM   514  C CA  . LEU A 1 63  ? -6.724  3.785   -11.663 1.00 21.30 ? 62  LEU A CA  1 
ATOM   515  C C   . LEU A 1 63  ? -8.169  4.194   -11.464 1.00 21.55 ? 62  LEU A C   1 
ATOM   516  O O   . LEU A 1 63  ? -8.620  4.335   -10.337 1.00 20.03 ? 62  LEU A O   1 
ATOM   517  C CB  . LEU A 1 63  ? -6.502  2.335   -11.228 1.00 22.28 ? 62  LEU A CB  1 
ATOM   518  C CG  . LEU A 1 63  ? -7.419  1.239   -11.780 1.00 22.86 ? 62  LEU A CG  1 
ATOM   519  C CD1 . LEU A 1 63  ? -7.363  1.156   -13.308 1.00 22.78 ? 62  LEU A CD1 1 
ATOM   520  C CD2 . LEU A 1 63  ? -7.056  -0.107  -11.141 1.00 23.16 ? 62  LEU A CD2 1 
ATOM   521  N N   . THR A 1 64  ? -8.882  4.409   -12.564 1.00 22.66 ? 63  THR A N   1 
ATOM   522  C CA  . THR A 1 64  ? -10.257 4.895   -12.505 1.00 22.54 ? 63  THR A CA  1 
ATOM   523  C C   . THR A 1 64  ? -10.962 4.576   -13.813 1.00 24.43 ? 63  THR A C   1 
ATOM   524  O O   . THR A 1 64  ? -10.316 4.456   -14.857 1.00 24.52 ? 63  THR A O   1 
ATOM   525  C CB  . THR A 1 64  ? -10.320 6.425   -12.236 1.00 23.67 ? 63  THR A CB  1 
ATOM   526  O OG1 . THR A 1 64  ? -11.686 6.874   -12.276 1.00 24.87 ? 63  THR A OG1 1 
ATOM   527  C CG2 . THR A 1 64  ? -9.523  7.196   -13.290 1.00 24.74 ? 63  THR A CG2 1 
ATOM   528  N N   . SER A 1 65  ? -12.281 4.405   -13.754 1.00 23.93 ? 64  SER A N   1 
ATOM   529  C CA  . SER A 1 65  ? -13.071 4.253   -14.975 1.00 26.29 ? 64  SER A CA  1 
ATOM   530  C C   . SER A 1 65  ? -13.422 5.621   -15.572 1.00 27.47 ? 64  SER A C   1 
ATOM   531  O O   . SER A 1 65  ? -13.907 5.702   -16.691 1.00 27.41 ? 64  SER A O   1 
ATOM   532  C CB  . SER A 1 65  ? -14.350 3.436   -14.716 1.00 25.05 ? 64  SER A CB  1 
ATOM   533  O OG  . SER A 1 65  ? -15.185 4.064   -13.751 1.00 24.26 ? 64  SER A OG  1 
ATOM   534  N N   . ASP A 1 66  ? -13.146 6.691   -14.831 1.00 27.64 ? 65  ASP A N   1 
ATOM   535  C CA  . ASP A 1 66  ? -13.499 8.051   -15.260 1.00 28.66 ? 65  ASP A CA  1 
ATOM   536  C C   . ASP A 1 66  ? -12.626 8.550   -16.417 1.00 29.68 ? 65  ASP A C   1 
ATOM   537  O O   . ASP A 1 66  ? -11.487 8.958   -16.210 1.00 28.19 ? 65  ASP A O   1 
ATOM   538  C CB  . ASP A 1 66  ? -13.399 9.016   -14.062 1.00 31.35 ? 65  ASP A CB  1 
ATOM   539  C CG  . ASP A 1 66  ? -13.977 10.404  -14.355 1.00 29.59 ? 65  ASP A CG  1 
ATOM   540  O OD1 . ASP A 1 66  ? -14.335 10.686  -15.514 1.00 28.76 ? 65  ASP A OD1 1 
ATOM   541  O OD2 . ASP A 1 66  ? -14.062 11.224  -13.412 1.00 29.58 ? 65  ASP A OD2 1 
ATOM   542  N N   . THR A 1 67  ? -13.174 8.546   -17.630 1.00 30.52 ? 66  THR A N   1 
ATOM   543  C CA  . THR A 1 67  ? -12.436 9.031   -18.801 1.00 30.68 ? 66  THR A CA  1 
ATOM   544  C C   . THR A 1 67  ? -12.248 10.560  -18.805 1.00 29.35 ? 66  THR A C   1 
ATOM   545  O O   . THR A 1 67  ? -11.501 11.089  -19.624 1.00 29.66 ? 66  THR A O   1 
ATOM   546  C CB  . THR A 1 67  ? -13.126 8.607   -20.108 1.00 33.19 ? 66  THR A CB  1 
ATOM   547  O OG1 . THR A 1 67  ? -14.519 8.932   -20.043 1.00 34.75 ? 66  THR A OG1 1 
ATOM   548  C CG2 . THR A 1 67  ? -12.988 7.110   -20.310 1.00 35.28 ? 66  THR A CG2 1 
ATOM   549  N N   . SER A 1 68  ? -12.918 11.262  -17.893 1.00 28.30 ? 67  SER A N   1 
ATOM   550  C CA  . SER A 1 68  ? -12.702 12.706  -17.715 1.00 26.51 ? 67  SER A CA  1 
ATOM   551  C C   . SER A 1 68  ? -11.590 12.987  -16.720 1.00 26.14 ? 67  SER A C   1 
ATOM   552  O O   . SER A 1 68  ? -11.182 14.138  -16.520 1.00 25.27 ? 67  SER A O   1 
ATOM   553  C CB  . SER A 1 68  ? -13.974 13.402  -17.230 1.00 25.12 ? 67  SER A CB  1 
ATOM   554  O OG  . SER A 1 68  ? -14.919 13.530  -18.267 1.00 23.87 ? 67  SER A OG  1 
ATOM   555  N N   . PHE A 1 69  ? -11.117 11.937  -16.059 1.00 28.62 ? 68  PHE A N   1 
ATOM   556  C CA  . PHE A 1 69  ? -10.137 12.137  -15.013 1.00 29.04 ? 68  PHE A CA  1 
ATOM   557  C C   . PHE A 1 69  ? -8.855  12.678  -15.612 1.00 30.16 ? 68  PHE A C   1 
ATOM   558  O O   . PHE A 1 69  ? -8.272  12.095  -16.518 1.00 30.31 ? 68  PHE A O   1 
ATOM   559  C CB  . PHE A 1 69  ? -9.858  10.836  -14.242 1.00 29.30 ? 68  PHE A CB  1 
ATOM   560  C CG  . PHE A 1 69  ? -9.118  11.053  -12.959 1.00 28.24 ? 68  PHE A CG  1 
ATOM   561  C CD1 . PHE A 1 69  ? -7.740  11.121  -12.947 1.00 29.23 ? 68  PHE A CD1 1 
ATOM   562  C CD2 . PHE A 1 69  ? -9.802  11.206  -11.766 1.00 30.21 ? 68  PHE A CD2 1 
ATOM   563  C CE1 . PHE A 1 69  ? -7.053  11.320  -11.773 1.00 28.94 ? 68  PHE A CE1 1 
ATOM   564  C CE2 . PHE A 1 69  ? -9.119  11.408  -10.587 1.00 31.02 ? 68  PHE A CE2 1 
ATOM   565  C CZ  . PHE A 1 69  ? -7.743  11.470  -10.593 1.00 27.81 ? 68  PHE A CZ  1 
ATOM   566  N N   . ASN A 1 70  ? -8.422  13.805  -15.082 1.00 32.32 ? 69  ASN A N   1 
ATOM   567  C CA  . ASN A 1 70  ? -7.185  14.412  -15.499 1.00 35.21 ? 69  ASN A CA  1 
ATOM   568  C C   . ASN A 1 70  ? -6.759  15.355  -14.389 1.00 38.86 ? 69  ASN A C   1 
ATOM   569  O O   . ASN A 1 70  ? -7.480  16.294  -14.044 1.00 50.73 ? 69  ASN A O   1 
ATOM   570  C CB  . ASN A 1 70  ? -7.362  15.120  -16.847 1.00 37.70 ? 69  ASN A CB  1 
ATOM   571  C CG  . ASN A 1 70  ? -6.251  16.098  -17.153 1.00 44.29 ? 69  ASN A CG  1 
ATOM   572  O OD1 . ASN A 1 70  ? -6.046  17.085  -16.436 1.00 43.61 ? 69  ASN A OD1 1 
ATOM   573  N ND2 . ASN A 1 70  ? -5.499  15.811  -18.215 1.00 40.93 ? 69  ASN A ND2 1 
ATOM   574  N N   . VAL A 1 71  ? -5.612  15.073  -13.789 1.00 34.81 ? 70  VAL A N   1 
ATOM   575  C CA  . VAL A 1 71  ? -5.117  15.897  -12.700 1.00 33.09 ? 70  VAL A CA  1 
ATOM   576  C C   . VAL A 1 71  ? -3.645  16.183  -12.966 1.00 31.85 ? 70  VAL A C   1 
ATOM   577  O O   . VAL A 1 71  ? -2.895  15.297  -13.393 1.00 31.20 ? 70  VAL A O   1 
ATOM   578  C CB  . VAL A 1 71  ? -5.323  15.209  -11.328 1.00 32.27 ? 70  VAL A CB  1 
ATOM   579  C CG1 . VAL A 1 71  ? -4.713  16.032  -10.198 1.00 30.64 ? 70  VAL A CG1 1 
ATOM   580  C CG2 . VAL A 1 71  ? -6.819  14.972  -11.067 1.00 32.08 ? 70  VAL A CG2 1 
ATOM   581  N N   . GLU A 1 72  ? -3.236  17.426  -12.742 1.00 31.43 ? 71  GLU A N   1 
ATOM   582  C CA  . GLU A 1 72  ? -1.858  17.819  -12.989 1.00 29.89 ? 71  GLU A CA  1 
ATOM   583  C C   . GLU A 1 72  ? -0.917  17.058  -12.057 1.00 29.95 ? 71  GLU A C   1 
ATOM   584  O O   . GLU A 1 72  ? -1.088  17.077  -10.837 1.00 28.03 ? 71  GLU A O   1 
ATOM   585  C CB  . GLU A 1 72  ? -1.684  19.324  -12.811 1.00 32.14 ? 71  GLU A CB  1 
ATOM   586  C CG  . GLU A 1 72  ? -0.542  19.910  -13.631 1.00 39.67 ? 71  GLU A CG  1 
ATOM   587  N N   . GLY A 1 73  ? 0.054   16.369  -12.646 1.00 28.21 ? 72  GLY A N   1 
ATOM   588  C CA  . GLY A 1 73  ? 1.037   15.626  -11.877 1.00 29.19 ? 72  GLY A CA  1 
ATOM   589  C C   . GLY A 1 73  ? 0.638   14.177  -11.705 1.00 28.23 ? 72  GLY A C   1 
ATOM   590  O O   . GLY A 1 73  ? 1.310   13.419  -11.014 1.00 26.72 ? 72  GLY A O   1 
ATOM   591  N N   . VAL A 1 74  ? -0.461  13.792  -12.339 1.00 27.56 ? 73  VAL A N   1 
ATOM   592  C CA  . VAL A 1 74  ? -0.982  12.439  -12.211 1.00 26.77 ? 73  VAL A CA  1 
ATOM   593  C C   . VAL A 1 74  ? -1.136  11.791  -13.575 1.00 27.19 ? 73  VAL A C   1 
ATOM   594  O O   . VAL A 1 74  ? -1.677  12.388  -14.498 1.00 26.66 ? 73  VAL A O   1 
ATOM   595  C CB  . VAL A 1 74  ? -2.351  12.432  -11.476 1.00 27.27 ? 73  VAL A CB  1 
ATOM   596  C CG1 . VAL A 1 74  ? -3.008  11.063  -11.535 1.00 26.01 ? 73  VAL A CG1 1 
ATOM   597  C CG2 . VAL A 1 74  ? -2.196  12.894  -10.047 1.00 26.35 ? 73  VAL A CG2 1 
ATOM   598  N N   . ASP A 1 75  ? -0.643  10.566  -13.703 1.00 26.36 ? 74  ASP A N   1 
ATOM   599  C CA  . ASP A 1 75  ? -0.920  9.762   -14.873 1.00 26.85 ? 74  ASP A CA  1 
ATOM   600  C C   . ASP A 1 75  ? -2.118  8.865   -14.578 1.00 26.22 ? 74  ASP A C   1 
ATOM   601  O O   . ASP A 1 75  ? -2.279  8.382   -13.452 1.00 23.91 ? 74  ASP A O   1 
ATOM   602  C CB  . ASP A 1 75  ? 0.299   8.933   -15.273 1.00 27.08 ? 74  ASP A CB  1 
ATOM   603  C CG  . ASP A 1 75  ? 1.549   9.776   -15.434 1.00 30.09 ? 74  ASP A CG  1 
ATOM   604  O OD1 . ASP A 1 75  ? 1.431   10.992  -15.702 1.00 29.88 ? 74  ASP A OD1 1 
ATOM   605  O OD2 . ASP A 1 75  ? 2.655   9.221   -15.291 1.00 32.11 ? 74  ASP A OD2 1 
ATOM   606  N N   . VAL A 1 76  ? -2.953  8.659   -15.586 1.00 26.13 ? 75  VAL A N   1 
ATOM   607  C CA  . VAL A 1 76  ? -4.183  7.894   -15.427 1.00 26.59 ? 75  VAL A CA  1 
ATOM   608  C C   . VAL A 1 76  ? -4.122  6.583   -16.180 1.00 25.54 ? 75  VAL A C   1 
ATOM   609  O O   . VAL A 1 76  ? -3.618  6.524   -17.301 1.00 27.55 ? 75  VAL A O   1 
ATOM   610  C CB  . VAL A 1 76  ? -5.417  8.679   -15.923 1.00 27.26 ? 75  VAL A CB  1 
ATOM   611  C CG1 . VAL A 1 76  ? -6.700  7.883   -15.674 1.00 28.19 ? 75  VAL A CG1 1 
ATOM   612  C CG2 . VAL A 1 76  ? -5.500  10.001  -15.227 1.00 29.56 ? 75  VAL A CG2 1 
ATOM   613  N N   . ILE A 1 77  ? -4.635  5.527   -15.562 1.00 25.55 ? 76  ILE A N   1 
ATOM   614  C CA  . ILE A 1 77  ? -4.843  4.266   -16.261 1.00 25.12 ? 76  ILE A CA  1 
ATOM   615  C C   . ILE A 1 77  ? -6.291  3.855   -16.041 1.00 27.02 ? 76  ILE A C   1 
ATOM   616  O O   . ILE A 1 77  ? -6.916  4.304   -15.087 1.00 25.47 ? 76  ILE A O   1 
ATOM   617  C CB  . ILE A 1 77  ? -3.870  3.168   -15.779 1.00 26.02 ? 76  ILE A CB  1 
ATOM   618  C CG1 . ILE A 1 77  ? -4.004  2.945   -14.269 1.00 25.23 ? 76  ILE A CG1 1 
ATOM   619  C CG2 . ILE A 1 77  ? -2.442  3.535   -16.164 1.00 25.01 ? 76  ILE A CG2 1 
ATOM   620  C CD1 . ILE A 1 77  ? -3.224  1.747   -13.734 1.00 23.61 ? 76  ILE A CD1 1 
ATOM   621  N N   . HIS A 1 78  ? -6.832  3.021   -16.926 1.00 28.12 ? 77  HIS A N   1 
ATOM   622  C CA  . HIS A 1 78  ? -8.249  2.665   -16.862 1.00 29.20 ? 77  HIS A CA  1 
ATOM   623  C C   . HIS A 1 78  ? -8.494  1.169   -16.688 1.00 27.99 ? 77  HIS A C   1 
ATOM   624  O O   . HIS A 1 78  ? -9.648  0.730   -16.589 1.00 27.41 ? 77  HIS A O   1 
ATOM   625  C CB  . HIS A 1 78  ? -8.969  3.164   -18.116 1.00 30.32 ? 77  HIS A CB  1 
ATOM   626  C CG  . HIS A 1 78  ? -8.962  4.653   -18.251 1.00 30.61 ? 77  HIS A CG  1 
ATOM   627  N ND1 . HIS A 1 78  ? -9.486  5.486   -17.287 1.00 31.19 ? 77  HIS A ND1 1 
ATOM   628  C CD2 . HIS A 1 78  ? -8.471  5.459   -19.221 1.00 31.44 ? 77  HIS A CD2 1 
ATOM   629  C CE1 . HIS A 1 78  ? -9.333  6.743   -17.663 1.00 32.13 ? 77  HIS A CE1 1 
ATOM   630  N NE2 . HIS A 1 78  ? -8.717  6.753   -18.832 1.00 37.85 ? 77  HIS A NE2 1 
ATOM   631  N N   . SER A 1 79  ? -7.417  0.391   -16.632 1.00 28.88 ? 78  SER A N   1 
ATOM   632  C CA  . SER A 1 79  ? -7.539  -1.054  -16.418 1.00 30.32 ? 78  SER A CA  1 
ATOM   633  C C   . SER A 1 79  ? -6.376  -1.606  -15.601 1.00 29.32 ? 78  SER A C   1 
ATOM   634  O O   . SER A 1 79  ? -5.280  -1.040  -15.603 1.00 28.89 ? 78  SER A O   1 
ATOM   635  C CB  . SER A 1 79  ? -7.608  -1.798  -17.748 1.00 30.35 ? 78  SER A CB  1 
ATOM   636  O OG  . SER A 1 79  ? -6.308  -2.164  -18.163 1.00 36.55 ? 78  SER A OG  1 
ATOM   637  N N   . ILE A 1 80  ? -6.624  -2.714  -14.905 1.00 29.13 ? 79  ILE A N   1 
ATOM   638  C CA  . ILE A 1 80  ? -5.569  -3.414  -14.172 1.00 29.56 ? 79  ILE A CA  1 
ATOM   639  C C   . ILE A 1 80  ? -4.407  -3.749  -15.093 1.00 30.35 ? 79  ILE A C   1 
ATOM   640  O O   . ILE A 1 80  ? -3.240  -3.578  -14.732 1.00 28.93 ? 79  ILE A O   1 
ATOM   641  C CB  . ILE A 1 80  ? -6.083  -4.718  -13.536 1.00 30.07 ? 79  ILE A CB  1 
ATOM   642  C CG1 . ILE A 1 80  ? -6.969  -4.401  -12.342 1.00 27.80 ? 79  ILE A CG1 1 
ATOM   643  C CG2 . ILE A 1 80  ? -4.917  -5.573  -13.065 1.00 31.35 ? 79  ILE A CG2 1 
ATOM   644  C CD1 . ILE A 1 80  ? -6.227  -3.717  -11.224 1.00 27.63 ? 79  ILE A CD1 1 
ATOM   645  N N   . GLU A 1 81  ? -4.734  -4.203  -16.300 1.00 31.38 ? 80  GLU A N   1 
ATOM   646  C CA  . GLU A 1 81  ? -3.719  -4.649  -17.249 1.00 32.70 ? 80  GLU A CA  1 
ATOM   647  C C   . GLU A 1 81  ? -2.688  -3.570  -17.554 1.00 31.63 ? 80  GLU A C   1 
ATOM   648  O O   . GLU A 1 81  ? -1.546  -3.876  -17.891 1.00 32.35 ? 80  GLU A O   1 
ATOM   649  C CB  . GLU A 1 81  ? -4.378  -5.125  -18.549 1.00 36.83 ? 80  GLU A CB  1 
ATOM   650  C CG  . GLU A 1 81  ? -3.758  -6.405  -19.110 1.00 46.12 ? 80  GLU A CG  1 
ATOM   651  C CD  . GLU A 1 81  ? -3.983  -7.625  -18.212 1.00 60.15 ? 80  GLU A CD  1 
ATOM   652  O OE1 . GLU A 1 81  ? -4.819  -7.553  -17.283 1.00 47.64 ? 80  GLU A OE1 1 
ATOM   653  O OE2 . GLU A 1 81  ? -3.318  -8.660  -18.438 1.00 63.90 ? 80  GLU A OE2 1 
ATOM   654  N N   . ASP A 1 82  ? -3.085  -2.310  -17.411 1.00 30.66 ? 81  ASP A N   1 
ATOM   655  C CA  . ASP A 1 82  ? -2.179  -1.190  -17.639 1.00 30.05 ? 81  ASP A CA  1 
ATOM   656  C C   . ASP A 1 82  ? -1.025  -1.148  -16.650 1.00 29.38 ? 81  ASP A C   1 
ATOM   657  O O   . ASP A 1 82  ? 0.029   -0.601  -16.951 1.00 30.72 ? 81  ASP A O   1 
ATOM   658  C CB  . ASP A 1 82  ? -2.943  0.136   -17.584 1.00 29.77 ? 81  ASP A CB  1 
ATOM   659  C CG  . ASP A 1 82  ? -3.893  0.302   -18.755 1.00 31.71 ? 81  ASP A CG  1 
ATOM   660  O OD1 . ASP A 1 82  ? -3.584  -0.237  -19.837 1.00 33.11 ? 81  ASP A OD1 1 
ATOM   661  O OD2 . ASP A 1 82  ? -4.937  0.966   -18.595 1.00 32.03 ? 81  ASP A OD2 1 
ATOM   662  N N   . ILE A 1 83  ? -1.227  -1.707  -15.463 1.00 28.84 ? 82  ILE A N   1 
ATOM   663  C CA  . ILE A 1 83  ? -0.186  -1.683  -14.433 1.00 28.83 ? 82  ILE A CA  1 
ATOM   664  C C   . ILE A 1 83  ? 1.082   -2.363  -14.921 1.00 31.58 ? 82  ILE A C   1 
ATOM   665  O O   . ILE A 1 83  ? 2.185   -1.887  -14.668 1.00 31.29 ? 82  ILE A O   1 
ATOM   666  C CB  . ILE A 1 83  ? -0.661  -2.362  -13.135 1.00 27.42 ? 82  ILE A CB  1 
ATOM   667  C CG1 . ILE A 1 83  ? -1.798  -1.541  -12.518 1.00 25.78 ? 82  ILE A CG1 1 
ATOM   668  C CG2 . ILE A 1 83  ? 0.515   -2.566  -12.158 1.00 25.69 ? 82  ILE A CG2 1 
ATOM   669  C CD1 . ILE A 1 83  ? -2.522  -2.216  -11.378 1.00 24.55 ? 82  ILE A CD1 1 
ATOM   670  N N   . TYR A 1 84  ? 0.917   -3.446  -15.671 1.00 32.22 ? 83  TYR A N   1 
ATOM   671  C CA  . TYR A 1 84  ? 2.063   -4.247  -16.098 1.00 35.39 ? 83  TYR A CA  1 
ATOM   672  C C   . TYR A 1 84  ? 2.928   -3.571  -17.167 1.00 38.51 ? 83  TYR A C   1 
ATOM   673  O O   . TYR A 1 84  ? 4.034   -4.029  -17.459 1.00 40.46 ? 83  TYR A O   1 
ATOM   674  C CB  . TYR A 1 84  ? 1.586   -5.610  -16.597 1.00 33.75 ? 83  TYR A CB  1 
ATOM   675  C CG  . TYR A 1 84  ? 0.725   -6.333  -15.589 1.00 33.27 ? 83  TYR A CG  1 
ATOM   676  C CD1 . TYR A 1 84  ? 1.261   -6.788  -14.391 1.00 34.16 ? 83  TYR A CD1 1 
ATOM   677  C CD2 . TYR A 1 84  ? -0.622  -6.554  -15.828 1.00 34.05 ? 83  TYR A CD2 1 
ATOM   678  C CE1 . TYR A 1 84  ? 0.474   -7.446  -13.458 1.00 33.13 ? 83  TYR A CE1 1 
ATOM   679  C CE2 . TYR A 1 84  ? -1.414  -7.211  -14.909 1.00 34.83 ? 83  TYR A CE2 1 
ATOM   680  C CZ  . TYR A 1 84  ? -0.863  -7.655  -13.725 1.00 33.20 ? 83  TYR A CZ  1 
ATOM   681  O OH  . TYR A 1 84  ? -1.653  -8.310  -12.803 1.00 33.49 ? 83  TYR A OH  1 
ATOM   682  N N   . GLN A 1 85  ? 2.433   -2.474  -17.734 1.00 37.89 ? 84  GLN A N   1 
ATOM   683  C CA  . GLN A 1 85  ? 3.195   -1.728  -18.733 1.00 40.44 ? 84  GLN A CA  1 
ATOM   684  C C   . GLN A 1 85  ? 3.981   -0.587  -18.106 1.00 37.88 ? 84  GLN A C   1 
ATOM   685  O O   . GLN A 1 85  ? 4.699   0.128   -18.796 1.00 39.81 ? 84  GLN A O   1 
ATOM   686  C CB  . GLN A 1 85  ? 2.270   -1.177  -19.820 1.00 40.76 ? 84  GLN A CB  1 
ATOM   687  C CG  . GLN A 1 85  ? 1.595   -2.263  -20.635 1.00 45.36 ? 84  GLN A CG  1 
ATOM   688  C CD  . GLN A 1 85  ? 2.587   -3.156  -21.351 1.00 53.13 ? 84  GLN A CD  1 
ATOM   689  O OE1 . GLN A 1 85  ? 3.583   -2.684  -21.905 1.00 58.35 ? 84  GLN A OE1 1 
ATOM   690  N NE2 . GLN A 1 85  ? 2.333   -4.458  -21.326 1.00 56.03 ? 84  GLN A NE2 1 
ATOM   691  N N   . LEU A 1 86  ? 3.850   -0.413  -16.796 1.00 34.86 ? 85  LEU A N   1 
ATOM   692  C CA  . LEU A 1 86  ? 4.585   0.646   -16.119 1.00 34.04 ? 85  LEU A CA  1 
ATOM   693  C C   . LEU A 1 86  ? 6.016   0.198   -15.866 1.00 35.12 ? 85  LEU A C   1 
ATOM   694  O O   . LEU A 1 86  ? 6.237   -0.916  -15.402 1.00 38.72 ? 85  LEU A O   1 
ATOM   695  C CB  . LEU A 1 86  ? 3.897   1.023   -14.804 1.00 31.74 ? 85  LEU A CB  1 
ATOM   696  C CG  . LEU A 1 86  ? 2.461   1.515   -14.967 1.00 29.39 ? 85  LEU A CG  1 
ATOM   697  C CD1 . LEU A 1 86  ? 1.770   1.583   -13.615 1.00 25.53 ? 85  LEU A CD1 1 
ATOM   698  C CD2 . LEU A 1 86  ? 2.448   2.871   -15.639 1.00 27.76 ? 85  LEU A CD2 1 
ATOM   699  N N   . PRO A 1 87  ? 6.994   1.057   -16.181 1.00 33.07 ? 86  PRO A N   1 
ATOM   700  C CA  . PRO A 1 87  ? 8.406   0.731   -15.946 1.00 31.91 ? 86  PRO A CA  1 
ATOM   701  C C   . PRO A 1 87  ? 8.829   0.904   -14.491 1.00 31.52 ? 86  PRO A C   1 
ATOM   702  O O   . PRO A 1 87  ? 8.228   1.694   -13.752 1.00 30.03 ? 86  PRO A O   1 
ATOM   703  C CB  . PRO A 1 87  ? 9.155   1.742   -16.821 1.00 30.18 ? 86  PRO A CB  1 
ATOM   704  C CG  . PRO A 1 87  ? 8.113   2.407   -17.669 1.00 33.23 ? 86  PRO A CG  1 
ATOM   705  C CD  . PRO A 1 87  ? 6.839   2.317   -16.924 1.00 31.75 ? 86  PRO A CD  1 
ATOM   706  N N   . GLY A 1 88  ? 9.876   0.190   -14.099 1.00 29.98 ? 87  GLY A N   1 
ATOM   707  C CA  . GLY A 1 88  ? 10.534  0.437   -12.831 1.00 27.48 ? 87  GLY A CA  1 
ATOM   708  C C   . GLY A 1 88  ? 9.891   -0.285  -11.666 1.00 28.97 ? 87  GLY A C   1 
ATOM   709  O O   . GLY A 1 88  ? 9.123   -1.215  -11.852 1.00 29.82 ? 87  GLY A O   1 
ATOM   710  N N   . HIS A 1 89  ? 10.209  0.150   -10.452 1.00 24.82 ? 88  HIS A N   1 
ATOM   711  C CA  . HIS A 1 89  ? 9.590   -0.439  -9.271  1.00 23.73 ? 88  HIS A CA  1 
ATOM   712  C C   . HIS A 1 89  ? 8.208   0.186   -9.032  1.00 21.10 ? 88  HIS A C   1 
ATOM   713  O O   . HIS A 1 89  ? 8.088   1.386   -8.762  1.00 21.12 ? 88  HIS A O   1 
ATOM   714  C CB  . HIS A 1 89  ? 10.500  -0.264  -8.063  1.00 23.73 ? 88  HIS A CB  1 
ATOM   715  C CG  . HIS A 1 89  ? 10.150  -1.146  -6.905  1.00 22.30 ? 88  HIS A CG  1 
ATOM   716  N ND1 . HIS A 1 89  ? 10.944  -1.241  -5.783  1.00 21.30 ? 88  HIS A ND1 1 
ATOM   717  C CD2 . HIS A 1 89  ? 9.082   -1.948  -6.680  1.00 22.20 ? 88  HIS A CD2 1 
ATOM   718  C CE1 . HIS A 1 89  ? 10.389  -2.080  -4.924  1.00 21.12 ? 88  HIS A CE1 1 
ATOM   719  N NE2 . HIS A 1 89  ? 9.258   -2.521  -5.444  1.00 19.93 ? 88  HIS A NE2 1 
ATOM   720  N N   . VAL A 1 90  ? 7.169   -0.630  -9.163  1.00 21.33 ? 89  VAL A N   1 
ATOM   721  C CA  . VAL A 1 90  ? 5.791   -0.159  -8.992  1.00 20.80 ? 89  VAL A CA  1 
ATOM   722  C C   . VAL A 1 90  ? 5.210   -0.633  -7.668  1.00 19.43 ? 89  VAL A C   1 
ATOM   723  O O   . VAL A 1 90  ? 5.222   -1.828  -7.386  1.00 18.52 ? 89  VAL A O   1 
ATOM   724  C CB  . VAL A 1 90  ? 4.893   -0.642  -10.143 1.00 22.64 ? 89  VAL A CB  1 
ATOM   725  C CG1 . VAL A 1 90  ? 3.432   -0.299  -9.876  1.00 19.18 ? 89  VAL A CG1 1 
ATOM   726  C CG2 . VAL A 1 90  ? 5.363   -0.038  -11.470 1.00 25.44 ? 89  VAL A CG2 1 
ATOM   727  N N   . PHE A 1 91  ? 4.706   0.310   -6.868  1.00 17.37 ? 90  PHE A N   1 
ATOM   728  C CA  . PHE A 1 91  ? 4.029   0.002   -5.615  1.00 16.55 ? 90  PHE A CA  1 
ATOM   729  C C   . PHE A 1 91  ? 2.509   0.147   -5.723  1.00 16.97 ? 90  PHE A C   1 
ATOM   730  O O   . PHE A 1 91  ? 1.996   1.240   -6.030  1.00 17.24 ? 90  PHE A O   1 
ATOM   731  C CB  . PHE A 1 91  ? 4.536   0.908   -4.493  1.00 16.31 ? 90  PHE A CB  1 
ATOM   732  C CG  . PHE A 1 91  ? 5.990   0.712   -4.153  1.00 17.93 ? 90  PHE A CG  1 
ATOM   733  C CD1 . PHE A 1 91  ? 6.986   1.389   -4.860  1.00 18.30 ? 90  PHE A CD1 1 
ATOM   734  C CD2 . PHE A 1 91  ? 6.360   -0.132  -3.119  1.00 17.18 ? 90  PHE A CD2 1 
ATOM   735  C CE1 . PHE A 1 91  ? 8.329   1.210   -4.537  1.00 19.42 ? 90  PHE A CE1 1 
ATOM   736  C CE2 . PHE A 1 91  ? 7.702   -0.320  -2.785  1.00 17.71 ? 90  PHE A CE2 1 
ATOM   737  C CZ  . PHE A 1 91  ? 8.688   0.351   -3.497  1.00 20.26 ? 90  PHE A CZ  1 
ATOM   738  N N   . ILE A 1 92  ? 1.790   -0.942  -5.458  1.00 14.45 ? 91  ILE A N   1 
ATOM   739  C CA  . ILE A 1 92  ? 0.338   -0.883  -5.292  1.00 15.80 ? 91  ILE A CA  1 
ATOM   740  C C   . ILE A 1 92  ? 0.028   -0.211  -3.951  1.00 16.30 ? 91  ILE A C   1 
ATOM   741  O O   . ILE A 1 92  ? 0.332   -0.752  -2.891  1.00 13.87 ? 91  ILE A O   1 
ATOM   742  C CB  . ILE A 1 92  ? -0.306  -2.276  -5.326  1.00 15.97 ? 91  ILE A CB  1 
ATOM   743  C CG1 . ILE A 1 92  ? 0.058   -3.019  -6.619  1.00 16.23 ? 91  ILE A CG1 1 
ATOM   744  C CG2 . ILE A 1 92  ? -1.817  -2.155  -5.180  1.00 17.97 ? 91  ILE A CG2 1 
ATOM   745  C CD1 . ILE A 1 92  ? -0.370  -2.288  -7.908  1.00 18.40 ? 91  ILE A CD1 1 
ATOM   746  N N   . PHE A 1 93  ? -0.573  0.974   -4.012  1.00 15.91 ? 92  PHE A N   1 
ATOM   747  C CA  . PHE A 1 93  ? -0.634  1.899   -2.884  1.00 17.48 ? 92  PHE A CA  1 
ATOM   748  C C   . PHE A 1 93  ? -1.991  1.894   -2.160  1.00 17.12 ? 92  PHE A C   1 
ATOM   749  O O   . PHE A 1 93  ? -2.137  2.501   -1.102  1.00 18.57 ? 92  PHE A O   1 
ATOM   750  C CB  . PHE A 1 93  ? -0.320  3.304   -3.406  1.00 19.14 ? 92  PHE A CB  1 
ATOM   751  C CG  . PHE A 1 93  ? 0.080   4.298   -2.352  1.00 20.89 ? 92  PHE A CG  1 
ATOM   752  C CD1 . PHE A 1 93  ? 1.213   4.104   -1.582  1.00 21.78 ? 92  PHE A CD1 1 
ATOM   753  C CD2 . PHE A 1 93  ? -0.647  5.473   -2.184  1.00 21.67 ? 92  PHE A CD2 1 
ATOM   754  C CE1 . PHE A 1 93  ? 1.595   5.040   -0.637  1.00 25.60 ? 92  PHE A CE1 1 
ATOM   755  C CE2 . PHE A 1 93  ? -0.263  6.417   -1.244  1.00 24.60 ? 92  PHE A CE2 1 
ATOM   756  C CZ  . PHE A 1 93  ? 0.859   6.199   -0.470  1.00 25.32 ? 92  PHE A CZ  1 
ATOM   757  N N   . GLY A 1 94  ? -2.975  1.209   -2.726  1.00 16.41 ? 93  GLY A N   1 
ATOM   758  C CA  . GLY A 1 94  ? -4.304  1.140   -2.122  1.00 16.40 ? 93  GLY A CA  1 
ATOM   759  C C   . GLY A 1 94  ? -5.394  1.515   -3.116  1.00 18.38 ? 93  GLY A C   1 
ATOM   760  O O   . GLY A 1 94  ? -5.076  1.856   -4.266  1.00 17.02 ? 93  GLY A O   1 
ATOM   761  N N   . GLY A 1 95  ? -6.669  1.444   -2.709  1.00 17.55 ? 94  GLY A N   1 
ATOM   762  C CA  . GLY A 1 95  ? -7.077  1.030   -1.374  1.00 17.14 ? 94  GLY A CA  1 
ATOM   763  C C   . GLY A 1 95  ? -7.533  -0.421  -1.382  1.00 17.86 ? 94  GLY A C   1 
ATOM   764  O O   . GLY A 1 95  ? -6.904  -1.252  -2.042  1.00 16.82 ? 94  GLY A O   1 
ATOM   765  N N   . GLN A 1 96  ? -8.627  -0.734  -0.677  1.00 16.75 ? 95  GLN A N   1 
ATOM   766  C CA  . GLN A 1 96  ? -9.084  -2.128  -0.552  1.00 16.36 ? 95  GLN A CA  1 
ATOM   767  C C   . GLN A 1 96  ? -9.282  -2.819  -1.899  1.00 17.70 ? 95  GLN A C   1 
ATOM   768  O O   . GLN A 1 96  ? -8.846  -3.951  -2.094  1.00 16.88 ? 95  GLN A O   1 
ATOM   769  C CB  . GLN A 1 96  ? -10.385 -2.213  0.255   1.00 15.84 ? 95  GLN A CB  1 
ATOM   770  C CG  . GLN A 1 96  ? -11.028 -3.607  0.198   1.00 16.41 ? 95  GLN A CG  1 
ATOM   771  C CD  . GLN A 1 96  ? -12.206 -3.789  1.159   1.00 17.82 ? 95  GLN A CD  1 
ATOM   772  O OE1 . GLN A 1 96  ? -12.288 -3.154  2.214   1.00 14.07 ? 95  GLN A OE1 1 
ATOM   773  N NE2 . GLN A 1 96  ? -13.119 -4.682  0.795   1.00 24.63 ? 95  GLN A NE2 1 
ATOM   774  N N   A THR A 1 97  ? -9.916  -2.113  -2.833  0.73 17.96 ? 96  THR A N   1 
ATOM   775  N N   B THR A 1 97  ? -9.935  -2.134  -2.836  0.27 20.31 ? 96  THR A N   1 
ATOM   776  C CA  A THR A 1 97  ? -10.239 -2.679  -4.128  0.73 18.71 ? 96  THR A CA  1 
ATOM   777  C CA  B THR A 1 97  ? -10.233 -2.728  -4.138  0.27 18.43 ? 96  THR A CA  1 
ATOM   778  C C   A THR A 1 97  ? -8.986  -3.088  -4.904  0.73 18.42 ? 96  THR A C   1 
ATOM   779  C C   B THR A 1 97  ? -8.967  -3.112  -4.895  0.27 19.26 ? 96  THR A C   1 
ATOM   780  O O   A THR A 1 97  ? -8.906  -4.186  -5.438  0.73 18.24 ? 96  THR A O   1 
ATOM   781  O O   B THR A 1 97  ? -8.865  -4.220  -5.416  0.27 18.50 ? 96  THR A O   1 
ATOM   782  C CB  A THR A 1 97  ? -11.058 -1.676  -4.965  0.73 18.95 ? 96  THR A CB  1 
ATOM   783  C CB  B THR A 1 97  ? -11.057 -1.779  -5.027  0.27 18.50 ? 96  THR A CB  1 
ATOM   784  O OG1 A THR A 1 97  ? -12.187 -1.224  -4.200  0.73 18.51 ? 96  THR A OG1 1 
ATOM   785  O OG1 B THR A 1 97  ? -10.391 -0.514  -5.122  0.27 17.98 ? 96  THR A OG1 1 
ATOM   786  C CG2 A THR A 1 97  ? -11.537 -2.329  -6.234  0.73 18.80 ? 96  THR A CG2 1 
ATOM   787  C CG2 B THR A 1 97  ? -12.449 -1.581  -4.447  0.27 18.82 ? 96  THR A CG2 1 
ATOM   788  N N   . LEU A 1 98  ? -8.005  -2.199  -4.961  1.00 18.13 ? 97  LEU A N   1 
ATOM   789  C CA  . LEU A 1 98  ? -6.768  -2.481  -5.678  1.00 18.55 ? 97  LEU A CA  1 
ATOM   790  C C   . LEU A 1 98  ? -5.957  -3.594  -4.982  1.00 17.80 ? 97  LEU A C   1 
ATOM   791  O O   . LEU A 1 98  ? -5.334  -4.417  -5.642  1.00 17.26 ? 97  LEU A O   1 
ATOM   792  C CB  . LEU A 1 98  ? -5.935  -1.213  -5.806  1.00 19.39 ? 97  LEU A CB  1 
ATOM   793  C CG  . LEU A 1 98  ? -4.869  -1.203  -6.899  1.00 23.31 ? 97  LEU A CG  1 
ATOM   794  C CD1 . LEU A 1 98  ? -5.412  -1.707  -8.212  1.00 21.58 ? 97  LEU A CD1 1 
ATOM   795  C CD2 . LEU A 1 98  ? -4.381  0.210   -7.059  1.00 35.95 ? 97  LEU A CD2 1 
ATOM   796  N N   . PHE A 1 99  ? -5.975  -3.616  -3.652  1.00 16.66 ? 98  PHE A N   1 
ATOM   797  C CA  . PHE A 1 99  ? -5.286  -4.686  -2.913  1.00 15.65 ? 98  PHE A CA  1 
ATOM   798  C C   . PHE A 1 99  ? -5.897  -6.043  -3.251  1.00 16.69 ? 98  PHE A C   1 
ATOM   799  O O   . PHE A 1 99  ? -5.169  -6.992  -3.553  1.00 17.20 ? 98  PHE A O   1 
ATOM   800  C CB  . PHE A 1 99  ? -5.328  -4.414  -1.404  1.00 14.16 ? 98  PHE A CB  1 
ATOM   801  C CG  . PHE A 1 99  ? -4.443  -3.269  -0.969  1.00 14.27 ? 98  PHE A CG  1 
ATOM   802  C CD1 . PHE A 1 99  ? -3.212  -3.054  -1.573  1.00 14.52 ? 98  PHE A CD1 1 
ATOM   803  C CD2 . PHE A 1 99  ? -4.853  -2.398  0.018   1.00 14.93 ? 98  PHE A CD2 1 
ATOM   804  C CE1 . PHE A 1 99  ? -2.417  -1.991  -1.188  1.00 14.24 ? 98  PHE A CE1 1 
ATOM   805  C CE2 . PHE A 1 99  ? -4.069  -1.334  0.409   1.00 15.11 ? 98  PHE A CE2 1 
ATOM   806  C CZ  . PHE A 1 99  ? -2.840  -1.134  -0.183  1.00 15.39 ? 98  PHE A CZ  1 
ATOM   807  N N   . GLU A 1 100 ? -7.228  -6.126  -3.250  1.00 16.48 ? 99  GLU A N   1 
ATOM   808  C CA  . GLU A 1 100 ? -7.931  -7.369  -3.562  1.00 17.35 ? 99  GLU A CA  1 
ATOM   809  C C   . GLU A 1 100 ? -7.639  -7.832  -4.986  1.00 17.63 ? 99  GLU A C   1 
ATOM   810  O O   . GLU A 1 100 ? -7.481  -9.026  -5.248  1.00 17.70 ? 99  GLU A O   1 
ATOM   811  C CB  . GLU A 1 100 ? -9.446  -7.200  -3.365  1.00 17.77 ? 99  GLU A CB  1 
ATOM   812  C CG  . GLU A 1 100 ? -9.834  -6.994  -1.914  1.00 17.60 ? 99  GLU A CG  1 
ATOM   813  C CD  . GLU A 1 100 ? -11.320 -6.688  -1.722  1.00 18.93 ? 99  GLU A CD  1 
ATOM   814  O OE1 . GLU A 1 100 ? -11.787 -6.768  -0.571  1.00 17.23 ? 99  GLU A OE1 1 
ATOM   815  O OE2 . GLU A 1 100 ? -12.002 -6.341  -2.707  1.00 17.20 ? 99  GLU A OE2 1 
ATOM   816  N N   . GLU A 1 101 ? -7.543  -6.872  -5.896  1.00 18.00 ? 100 GLU A N   1 
ATOM   817  C CA  . GLU A 1 101 ? -7.250  -7.165  -7.283  1.00 18.91 ? 100 GLU A CA  1 
ATOM   818  C C   . GLU A 1 101 ? -5.796  -7.573  -7.513  1.00 18.55 ? 100 GLU A C   1 
ATOM   819  O O   . GLU A 1 101 ? -5.502  -8.292  -8.462  1.00 19.48 ? 100 GLU A O   1 
ATOM   820  C CB  . GLU A 1 101 ? -7.592  -5.955  -8.157  1.00 20.20 ? 100 GLU A CB  1 
ATOM   821  C CG  . GLU A 1 101 ? -9.091  -5.636  -8.203  1.00 20.73 ? 100 GLU A CG  1 
ATOM   822  C CD  . GLU A 1 101 ? -9.400  -4.359  -8.967  1.00 21.68 ? 100 GLU A CD  1 
ATOM   823  O OE1 . GLU A 1 101 ? -9.195  -3.246  -8.427  1.00 20.56 ? 100 GLU A OE1 1 
ATOM   824  O OE2 . GLU A 1 101 ? -9.857  -4.484  -10.114 1.00 25.53 ? 100 GLU A OE2 1 
ATOM   825  N N   . MET A 1 102 ? -4.881  -7.128  -6.656  1.00 18.18 ? 101 MET A N   1 
ATOM   826  C CA  . MET A 1 102 ? -3.462  -7.350  -6.940  1.00 18.51 ? 101 MET A CA  1 
ATOM   827  C C   . MET A 1 102 ? -2.706  -8.307  -6.002  1.00 18.27 ? 101 MET A C   1 
ATOM   828  O O   . MET A 1 102 ? -1.587  -8.701  -6.319  1.00 18.72 ? 101 MET A O   1 
ATOM   829  C CB  . MET A 1 102 ? -2.735  -6.012  -6.949  1.00 17.62 ? 101 MET A CB  1 
ATOM   830  C CG  . MET A 1 102 ? -3.216  -5.043  -8.031  1.00 19.48 ? 101 MET A CG  1 
ATOM   831  S SD  . MET A 1 102 ? -3.055  -5.683  -9.721  1.00 21.30 ? 101 MET A SD  1 
ATOM   832  C CE  . MET A 1 102 ? -1.271  -5.795  -9.818  1.00 20.59 ? 101 MET A CE  1 
ATOM   833  N N   . ILE A 1 103 ? -3.276  -8.665  -4.855  1.00 17.65 ? 102 ILE A N   1 
ATOM   834  C CA  . ILE A 1 103 ? -2.507  -9.441  -3.867  1.00 19.21 ? 102 ILE A CA  1 
ATOM   835  C C   . ILE A 1 103 ? -2.039  -10.781 -4.439  1.00 21.32 ? 102 ILE A C   1 
ATOM   836  O O   . ILE A 1 103 ? -0.967  -11.257 -4.079  1.00 21.69 ? 102 ILE A O   1 
ATOM   837  C CB  . ILE A 1 103 ? -3.302  -9.680  -2.548  1.00 19.15 ? 102 ILE A CB  1 
ATOM   838  C CG1 . ILE A 1 103 ? -2.391  -10.324 -1.484  1.00 19.69 ? 102 ILE A CG1 1 
ATOM   839  C CG2 . ILE A 1 103 ? -4.560  -10.506 -2.786  1.00 18.65 ? 102 ILE A CG2 1 
ATOM   840  C CD1 . ILE A 1 103 ? -2.948  -10.278 -0.079  1.00 17.06 ? 102 ILE A CD1 1 
ATOM   841  N N   . ASP A 1 104 ? -2.802  -11.365 -5.362  1.00 19.67 ? 103 ASP A N   1 
ATOM   842  C CA  . ASP A 1 104 ? -2.365  -12.616 -5.995  1.00 21.87 ? 103 ASP A CA  1 
ATOM   843  C C   . ASP A 1 104 ? -1.341  -12.422 -7.118  1.00 21.84 ? 103 ASP A C   1 
ATOM   844  O O   . ASP A 1 104 ? -0.863  -13.393 -7.680  1.00 22.19 ? 103 ASP A O   1 
ATOM   845  C CB  . ASP A 1 104 ? -3.567  -13.390 -6.543  1.00 23.56 ? 103 ASP A CB  1 
ATOM   846  C CG  . ASP A 1 104 ? -4.403  -14.012 -5.446  1.00 25.50 ? 103 ASP A CG  1 
ATOM   847  O OD1 . ASP A 1 104 ? -3.844  -14.331 -4.374  1.00 26.23 ? 103 ASP A OD1 1 
ATOM   848  O OD2 . ASP A 1 104 ? -5.618  -14.166 -5.642  1.00 28.65 ? 103 ASP A OD2 1 
ATOM   849  N N   . LYS A 1 105 ? -0.984  -11.181 -7.421  1.00 21.23 ? 104 LYS A N   1 
ATOM   850  C CA  . LYS A 1 105 ? -0.122  -10.877 -8.571  1.00 20.06 ? 104 LYS A CA  1 
ATOM   851  C C   . LYS A 1 105 ? 1.232   -10.268 -8.202  1.00 20.06 ? 104 LYS A C   1 
ATOM   852  O O   . LYS A 1 105 ? 2.183   -10.326 -8.985  1.00 21.29 ? 104 LYS A O   1 
ATOM   853  C CB  . LYS A 1 105 ? -0.835  -9.903  -9.519  1.00 23.01 ? 104 LYS A CB  1 
ATOM   854  C CG  . LYS A 1 105 ? -2.246  -10.309 -9.923  1.00 25.12 ? 104 LYS A CG  1 
ATOM   855  C CD  . LYS A 1 105 ? -2.240  -11.394 -10.979 1.00 33.39 ? 104 LYS A CD  1 
ATOM   856  C CE  . LYS A 1 105 ? -3.645  -11.656 -11.521 1.00 42.48 ? 104 LYS A CE  1 
ATOM   857  N NZ  . LYS A 1 105 ? -4.598  -12.133 -10.473 1.00 43.21 ? 104 LYS A NZ  1 
ATOM   858  N N   . VAL A 1 106 ? 1.330   -9.650  -7.035  1.00 18.24 ? 105 VAL A N   1 
ATOM   859  C CA  . VAL A 1 106 ? 2.564   -8.944  -6.710  1.00 20.18 ? 105 VAL A CA  1 
ATOM   860  C C   . VAL A 1 106 ? 3.714   -9.896  -6.337  1.00 19.93 ? 105 VAL A C   1 
ATOM   861  O O   . VAL A 1 106 ? 3.484   -11.015 -5.900  1.00 19.50 ? 105 VAL A O   1 
ATOM   862  C CB  . VAL A 1 106 ? 2.335   -7.931  -5.571  1.00 18.39 ? 105 VAL A CB  1 
ATOM   863  C CG1 . VAL A 1 106 ? 1.313   -6.876  -6.020  1.00 17.21 ? 105 VAL A CG1 1 
ATOM   864  C CG2 . VAL A 1 106 ? 1.867   -8.630  -4.306  1.00 15.51 ? 105 VAL A CG2 1 
ATOM   865  N N   . ASP A 1 107 ? 4.949   -9.430  -6.523  1.00 20.79 ? 106 ASP A N   1 
ATOM   866  C CA  . ASP A 1 107 ? 6.135   -10.176 -6.111  1.00 20.45 ? 106 ASP A CA  1 
ATOM   867  C C   . ASP A 1 107 ? 6.243   -10.210 -4.589  1.00 19.08 ? 106 ASP A C   1 
ATOM   868  O O   . ASP A 1 107 ? 6.511   -11.257 -3.968  1.00 17.87 ? 106 ASP A O   1 
ATOM   869  C CB  . ASP A 1 107 ? 7.398   -9.539  -6.707  1.00 22.74 ? 106 ASP A CB  1 
ATOM   870  C CG  . ASP A 1 107 ? 7.308   -9.376  -8.214  1.00 26.52 ? 106 ASP A CG  1 
ATOM   871  O OD1 . ASP A 1 107 ? 6.932   -10.352 -8.880  1.00 26.73 ? 106 ASP A OD1 1 
ATOM   872  O OD2 . ASP A 1 107 ? 7.593   -8.272  -8.725  1.00 29.30 ? 106 ASP A OD2 1 
ATOM   873  N N   . ASP A 1 108 ? 6.046   -9.044  -3.986  1.00 17.15 ? 107 ASP A N   1 
ATOM   874  C CA  . ASP A 1 108 ? 6.285   -8.909  -2.569  1.00 15.66 ? 107 ASP A CA  1 
ATOM   875  C C   . ASP A 1 108 ? 5.409   -7.816  -1.973  1.00 14.87 ? 107 ASP A C   1 
ATOM   876  O O   . ASP A 1 108 ? 4.722   -7.094  -2.692  1.00 13.52 ? 107 ASP A O   1 
ATOM   877  C CB  . ASP A 1 108 ? 7.766   -8.621  -2.311  1.00 16.10 ? 107 ASP A CB  1 
ATOM   878  C CG  . ASP A 1 108 ? 8.237   -7.344  -2.977  1.00 16.92 ? 107 ASP A CG  1 
ATOM   879  O OD1 . ASP A 1 108 ? 7.525   -6.806  -3.855  1.00 17.18 ? 107 ASP A OD1 1 
ATOM   880  O OD2 . ASP A 1 108 ? 9.327   -6.882  -2.624  1.00 16.54 ? 107 ASP A OD2 1 
ATOM   881  N N   . MET A 1 109 ? 5.432   -7.717  -0.649  1.00 11.97 ? 108 MET A N   1 
ATOM   882  C CA  . MET A 1 109 ? 4.615   -6.751  0.079   1.00 12.64 ? 108 MET A CA  1 
ATOM   883  C C   . MET A 1 109 ? 5.430   -6.058  1.156   1.00 13.42 ? 108 MET A C   1 
ATOM   884  O O   . MET A 1 109 ? 6.175   -6.711  1.912   1.00 11.57 ? 108 MET A O   1 
ATOM   885  C CB  . MET A 1 109 ? 3.394   -7.446  0.710   1.00 11.99 ? 108 MET A CB  1 
ATOM   886  C CG  . MET A 1 109 ? 2.579   -8.277  -0.288  1.00 12.93 ? 108 MET A CG  1 
ATOM   887  S SD  . MET A 1 109 ? 0.943   -8.744  0.326   1.00 11.19 ? 108 MET A SD  1 
ATOM   888  C CE  . MET A 1 109 ? 1.352   -10.046 1.485   1.00 14.08 ? 108 MET A CE  1 
ATOM   889  N N   . TYR A 1 110 ? 5.298   -4.734  1.224   1.00 11.42 ? 109 TYR A N   1 
ATOM   890  C CA  . TYR A 1 110 ? 5.826   -3.972  2.343   1.00 11.48 ? 109 TYR A CA  1 
ATOM   891  C C   . TYR A 1 110 ? 4.655   -3.608  3.237   1.00 13.42 ? 109 TYR A C   1 
ATOM   892  O O   . TYR A 1 110 ? 3.873   -2.696  2.915   1.00 9.16  ? 109 TYR A O   1 
ATOM   893  C CB  . TYR A 1 110 ? 6.552   -2.721  1.863   1.00 13.22 ? 109 TYR A CB  1 
ATOM   894  C CG  . TYR A 1 110 ? 7.817   -3.024  1.096   1.00 13.84 ? 109 TYR A CG  1 
ATOM   895  C CD1 . TYR A 1 110 ? 7.786   -3.228  -0.275  1.00 14.19 ? 109 TYR A CD1 1 
ATOM   896  C CD2 . TYR A 1 110 ? 9.038   -3.109  1.749   1.00 13.98 ? 109 TYR A CD2 1 
ATOM   897  C CE1 . TYR A 1 110 ? 8.941   -3.509  -0.980  1.00 15.31 ? 109 TYR A CE1 1 
ATOM   898  C CE2 . TYR A 1 110 ? 10.206  -3.384  1.049   1.00 14.04 ? 109 TYR A CE2 1 
ATOM   899  C CZ  . TYR A 1 110 ? 10.150  -3.584  -0.308  1.00 15.02 ? 109 TYR A CZ  1 
ATOM   900  O OH  . TYR A 1 110 ? 11.304  -3.863  -1.015  1.00 15.48 ? 109 TYR A OH  1 
ATOM   901  N N   . ILE A 1 111 ? 4.534   -4.324  4.354   1.00 10.18 ? 110 ILE A N   1 
ATOM   902  C CA  . ILE A 1 111 ? 3.394   -4.153  5.251   1.00 11.98 ? 110 ILE A CA  1 
ATOM   903  C C   . ILE A 1 111 ? 3.814   -3.518  6.568   1.00 12.21 ? 110 ILE A C   1 
ATOM   904  O O   . ILE A 1 111 ? 4.701   -4.012  7.234   1.00 12.12 ? 110 ILE A O   1 
ATOM   905  C CB  . ILE A 1 111 ? 2.711   -5.509  5.546   1.00 12.03 ? 110 ILE A CB  1 
ATOM   906  C CG1 . ILE A 1 111 ? 2.222   -6.139  4.245   1.00 12.50 ? 110 ILE A CG1 1 
ATOM   907  C CG2 . ILE A 1 111 ? 1.591   -5.338  6.561   1.00 12.14 ? 110 ILE A CG2 1 
ATOM   908  C CD1 . ILE A 1 111 ? 1.312   -7.359  4.439   1.00 13.69 ? 110 ILE A CD1 1 
ATOM   909  N N   . THR A 1 112 ? 3.172   -2.425  6.948   1.00 11.19 ? 111 THR A N   1 
ATOM   910  C CA  . THR A 1 112 ? 3.287   -1.971  8.326   1.00 11.68 ? 111 THR A CA  1 
ATOM   911  C C   . THR A 1 112 ? 2.122   -2.536  9.124   1.00 12.59 ? 111 THR A C   1 
ATOM   912  O O   . THR A 1 112 ? 0.962   -2.228  8.855   1.00 11.81 ? 111 THR A O   1 
ATOM   913  C CB  . THR A 1 112 ? 3.310   -0.443  8.425   1.00 12.83 ? 111 THR A CB  1 
ATOM   914  O OG1 . THR A 1 112 ? 4.373   0.057   7.612   1.00 12.18 ? 111 THR A OG1 1 
ATOM   915  C CG2 . THR A 1 112 ? 3.533   0.013   9.864   1.00 13.23 ? 111 THR A CG2 1 
ATOM   916  N N   . VAL A 1 113 ? 2.423   -3.408  10.072  1.00 11.68 ? 112 VAL A N   1 
ATOM   917  C CA  . VAL A 1 113 ? 1.391   -3.911  10.952  1.00 11.81 ? 112 VAL A CA  1 
ATOM   918  C C   . VAL A 1 113 ? 1.209   -2.913  12.077  1.00 13.32 ? 112 VAL A C   1 
ATOM   919  O O   . VAL A 1 113 ? 2.126   -2.687  12.869  1.00 12.41 ? 112 VAL A O   1 
ATOM   920  C CB  . VAL A 1 113 ? 1.733   -5.288  11.548  1.00 14.80 ? 112 VAL A CB  1 
ATOM   921  C CG1 . VAL A 1 113 ? 0.643   -5.706  12.537  1.00 13.90 ? 112 VAL A CG1 1 
ATOM   922  C CG2 . VAL A 1 113 ? 1.929   -6.330  10.450  1.00 14.24 ? 112 VAL A CG2 1 
ATOM   923  N N   . ILE A 1 114 ? 0.037   -2.294  12.128  1.00 12.23 ? 113 ILE A N   1 
ATOM   924  C CA  . ILE A 1 114 ? -0.298  -1.404  13.225  1.00 12.48 ? 113 ILE A CA  1 
ATOM   925  C C   . ILE A 1 114 ? -0.837  -2.280  14.351  1.00 13.10 ? 113 ILE A C   1 
ATOM   926  O O   . ILE A 1 114 ? -1.876  -2.923  14.204  1.00 11.98 ? 113 ILE A O   1 
ATOM   927  C CB  . ILE A 1 114 ? -1.349  -0.335  12.814  1.00 13.74 ? 113 ILE A CB  1 
ATOM   928  C CG1 . ILE A 1 114 ? -0.994  0.326   11.471  1.00 12.81 ? 113 ILE A CG1 1 
ATOM   929  C CG2 . ILE A 1 114 ? -1.577  0.662   13.949  1.00 13.37 ? 113 ILE A CG2 1 
ATOM   930  C CD1 . ILE A 1 114 ? 0.181   1.273   11.517  1.00 14.52 ? 113 ILE A CD1 1 
ATOM   931  N N   . GLU A 1 115 ? -0.130  -2.302  15.472  1.00 13.05 ? 114 GLU A N   1 
ATOM   932  C CA  . GLU A 1 115 ? -0.391  -3.282  16.520  1.00 14.50 ? 114 GLU A CA  1 
ATOM   933  C C   . GLU A 1 115 ? -1.512  -2.807  17.446  1.00 13.80 ? 114 GLU A C   1 
ATOM   934  O O   . GLU A 1 115 ? -1.330  -2.697  18.653  1.00 13.89 ? 114 GLU A O   1 
ATOM   935  C CB  . GLU A 1 115 ? 0.897   -3.554  17.309  1.00 15.08 ? 114 GLU A CB  1 
ATOM   936  C CG  . GLU A 1 115 ? 2.117   -3.871  16.430  1.00 15.61 ? 114 GLU A CG  1 
ATOM   937  C CD  . GLU A 1 115 ? 2.221   -5.342  16.044  1.00 20.49 ? 114 GLU A CD  1 
ATOM   938  O OE1 . GLU A 1 115 ? 1.361   -6.129  16.483  1.00 21.37 ? 114 GLU A OE1 1 
ATOM   939  O OE2 . GLU A 1 115 ? 3.176   -5.719  15.319  1.00 20.78 ? 114 GLU A OE2 1 
ATOM   940  N N   . GLY A 1 116 ? -2.670  -2.531  16.853  1.00 13.30 ? 115 GLY A N   1 
ATOM   941  C CA  . GLY A 1 116 ? -3.848  -2.098  17.579  1.00 13.50 ? 115 GLY A CA  1 
ATOM   942  C C   . GLY A 1 116 ? -5.133  -2.539  16.872  1.00 13.38 ? 115 GLY A C   1 
ATOM   943  O O   . GLY A 1 116 ? -5.082  -3.167  15.811  1.00 12.52 ? 115 GLY A O   1 
ATOM   944  N N   . LYS A 1 117 ? -6.280  -2.237  17.475  1.00 13.31 ? 116 LYS A N   1 
ATOM   945  C CA  . LYS A 1 117 ? -7.572  -2.555  16.883  1.00 14.20 ? 116 LYS A CA  1 
ATOM   946  C C   . LYS A 1 117 ? -8.366  -1.269  16.718  1.00 13.98 ? 116 LYS A C   1 
ATOM   947  O O   . LYS A 1 117 ? -8.767  -0.646  17.704  1.00 14.22 ? 116 LYS A O   1 
ATOM   948  C CB  . LYS A 1 117 ? -8.346  -3.571  17.728  1.00 15.95 ? 116 LYS A CB  1 
ATOM   949  C CG  . LYS A 1 117 ? -7.625  -4.900  17.875  1.00 18.89 ? 116 LYS A CG  1 
ATOM   950  C CD  . LYS A 1 117 ? -8.545  -6.014  18.365  1.00 24.36 ? 116 LYS A CD  1 
ATOM   951  C CE  . LYS A 1 117 ? -9.079  -5.739  19.752  1.00 29.68 ? 116 LYS A CE  1 
ATOM   952  N NZ  . LYS A 1 117 ? -9.798  -6.928  20.321  1.00 39.29 ? 116 LYS A NZ  1 
ATOM   953  N N   . PHE A 1 118 ? -8.548  -0.868  15.466  1.00 13.55 ? 117 PHE A N   1 
ATOM   954  C CA  . PHE A 1 118 ? -9.228  0.382   15.112  1.00 14.63 ? 117 PHE A CA  1 
ATOM   955  C C   . PHE A 1 118 ? -10.584 0.056   14.511  1.00 14.93 ? 117 PHE A C   1 
ATOM   956  O O   . PHE A 1 118 ? -10.778 -1.040  13.992  1.00 13.52 ? 117 PHE A O   1 
ATOM   957  C CB  . PHE A 1 118 ? -8.384  1.193   14.112  1.00 13.75 ? 117 PHE A CB  1 
ATOM   958  C CG  . PHE A 1 118 ? -7.088  1.694   14.687  1.00 14.85 ? 117 PHE A CG  1 
ATOM   959  C CD1 . PHE A 1 118 ? -6.023  0.837   14.889  1.00 13.27 ? 117 PHE A CD1 1 
ATOM   960  C CD2 . PHE A 1 118 ? -6.949  3.024   15.050  1.00 15.05 ? 117 PHE A CD2 1 
ATOM   961  C CE1 . PHE A 1 118 ? -4.842  1.295   15.444  1.00 14.24 ? 117 PHE A CE1 1 
ATOM   962  C CE2 . PHE A 1 118 ? -5.756  3.486   15.602  1.00 14.80 ? 117 PHE A CE2 1 
ATOM   963  C CZ  . PHE A 1 118 ? -4.719  2.627   15.796  1.00 14.50 ? 117 PHE A CZ  1 
ATOM   964  N N   . ARG A 1 119 ? -11.517 0.994   14.594  1.00 16.30 ? 118 ARG A N   1 
ATOM   965  C CA  . ARG A 1 119 ? -12.748 0.914   13.814  1.00 18.86 ? 118 ARG A CA  1 
ATOM   966  C C   . ARG A 1 119 ? -12.410 1.158   12.347  1.00 16.07 ? 118 ARG A C   1 
ATOM   967  O O   . ARG A 1 119 ? -11.759 2.154   12.013  1.00 16.24 ? 118 ARG A O   1 
ATOM   968  C CB  . ARG A 1 119 ? -13.780 1.941   14.307  1.00 21.43 ? 118 ARG A CB  1 
ATOM   969  C CG  . ARG A 1 119 ? -14.965 2.148   13.357  1.00 23.20 ? 118 ARG A CG  1 
ATOM   970  C CD  . ARG A 1 119 ? -16.052 3.055   13.964  1.00 28.94 ? 118 ARG A CD  1 
ATOM   971  N NE  . ARG A 1 119 ? -16.553 2.510   15.219  1.00 33.69 ? 118 ARG A NE  1 
ATOM   972  C CZ  . ARG A 1 119 ? -16.180 2.930   16.424  1.00 42.66 ? 118 ARG A CZ  1 
ATOM   973  N NH1 . ARG A 1 119 ? -15.316 3.925   16.549  1.00 40.10 ? 118 ARG A NH1 1 
ATOM   974  N NH2 . ARG A 1 119 ? -16.671 2.356   17.509  1.00 39.62 ? 118 ARG A NH2 1 
ATOM   975  N N   . GLY A 1 120 ? -12.829 0.253   11.470  1.00 14.83 ? 119 GLY A N   1 
ATOM   976  C CA  . GLY A 1 120 ? -12.581 0.427   10.050  1.00 14.23 ? 119 GLY A CA  1 
ATOM   977  C C   . GLY A 1 120 ? -13.775 0.144   9.167   1.00 14.65 ? 119 GLY A C   1 
ATOM   978  O O   . GLY A 1 120 ? -14.733 -0.503  9.604   1.00 14.75 ? 119 GLY A O   1 
ATOM   979  N N   . ASP A 1 121 ? -13.726 0.613   7.920   1.00 13.17 ? 120 ASP A N   1 
ATOM   980  C CA  . ASP A 1 121 ? -14.745 0.229   6.947   1.00 14.56 ? 120 ASP A CA  1 
ATOM   981  C C   . ASP A 1 121 ? -14.101 -0.319  5.673   1.00 14.88 ? 120 ASP A C   1 
ATOM   982  O O   . ASP A 1 121 ? -14.789 -0.661  4.710   1.00 12.34 ? 120 ASP A O   1 
ATOM   983  C CB  . ASP A 1 121 ? -15.702 1.402   6.623   1.00 15.65 ? 120 ASP A CB  1 
ATOM   984  C CG  . ASP A 1 121 ? -14.985 2.638   6.092   1.00 15.32 ? 120 ASP A CG  1 
ATOM   985  O OD1 . ASP A 1 121 ? -13.876 2.499   5.549   1.00 13.00 ? 120 ASP A OD1 1 
ATOM   986  O OD2 . ASP A 1 121 ? -15.540 3.756   6.228   1.00 14.39 ? 120 ASP A OD2 1 
ATOM   987  N N   . THR A 1 122 ? -12.773 -0.416  5.668   1.00 11.21 ? 121 THR A N   1 
ATOM   988  C CA  . THR A 1 122 ? -12.072 -1.006  4.543   1.00 14.21 ? 121 THR A CA  1 
ATOM   989  C C   . THR A 1 122 ? -10.914 -1.850  5.076   1.00 14.15 ? 121 THR A C   1 
ATOM   990  O O   . THR A 1 122 ? -10.304 -1.502  6.090   1.00 10.79 ? 121 THR A O   1 
ATOM   991  C CB  . THR A 1 122 ? -11.526 0.047   3.562   1.00 15.46 ? 121 THR A CB  1 
ATOM   992  O OG1 . THR A 1 122 ? -10.914 1.093   4.307   1.00 14.78 ? 121 THR A OG1 1 
ATOM   993  C CG2 . THR A 1 122 ? -12.633 0.641   2.725   1.00 16.38 ? 121 THR A CG2 1 
ATOM   994  N N   . PHE A 1 123 ? -10.642 -2.958  4.393   1.00 12.95 ? 122 PHE A N   1 
ATOM   995  C CA  . PHE A 1 123 ? -9.741  -3.993  4.892   1.00 13.52 ? 122 PHE A CA  1 
ATOM   996  C C   . PHE A 1 123 ? -8.751  -4.458  3.846   1.00 12.75 ? 122 PHE A C   1 
ATOM   997  O O   . PHE A 1 123 ? -9.055  -4.464  2.666   1.00 13.03 ? 122 PHE A O   1 
ATOM   998  C CB  . PHE A 1 123 ? -10.539 -5.218  5.365   1.00 13.14 ? 122 PHE A CB  1 
ATOM   999  C CG  . PHE A 1 123 ? -11.273 -5.004  6.646   1.00 13.02 ? 122 PHE A CG  1 
ATOM   1000 C CD1 . PHE A 1 123 ? -12.427 -4.227  6.683   1.00 13.19 ? 122 PHE A CD1 1 
ATOM   1001 C CD2 . PHE A 1 123 ? -10.811 -5.577  7.825   1.00 13.28 ? 122 PHE A CD2 1 
ATOM   1002 C CE1 . PHE A 1 123 ? -13.110 -4.023  7.872   1.00 13.48 ? 122 PHE A CE1 1 
ATOM   1003 C CE2 . PHE A 1 123 ? -11.486 -5.375  9.010   1.00 12.24 ? 122 PHE A CE2 1 
ATOM   1004 C CZ  . PHE A 1 123 ? -12.642 -4.597  9.031   1.00 12.76 ? 122 PHE A CZ  1 
ATOM   1005 N N   . PHE A 1 124 ? -7.583  -4.898  4.303   1.00 11.75 ? 123 PHE A N   1 
ATOM   1006 C CA  . PHE A 1 124 ? -6.629  -5.625  3.477   1.00 12.14 ? 123 PHE A CA  1 
ATOM   1007 C C   . PHE A 1 124 ? -7.110  -7.075  3.385   1.00 12.68 ? 123 PHE A C   1 
ATOM   1008 O O   . PHE A 1 124 ? -7.632  -7.593  4.349   1.00 11.80 ? 123 PHE A O   1 
ATOM   1009 C CB  . PHE A 1 124 ? -5.212  -5.563  4.095   1.00 12.66 ? 123 PHE A CB  1 
ATOM   1010 C CG  . PHE A 1 124 ? -4.116  -6.008  3.154   1.00 11.13 ? 123 PHE A CG  1 
ATOM   1011 C CD1 . PHE A 1 124 ? -3.758  -5.222  2.073   1.00 11.95 ? 123 PHE A CD1 1 
ATOM   1012 C CD2 . PHE A 1 124 ? -3.459  -7.213  3.353   1.00 12.69 ? 123 PHE A CD2 1 
ATOM   1013 C CE1 . PHE A 1 124 ? -2.769  -5.618  1.191   1.00 12.78 ? 123 PHE A CE1 1 
ATOM   1014 C CE2 . PHE A 1 124 ? -2.461  -7.629  2.477   1.00 12.22 ? 123 PHE A CE2 1 
ATOM   1015 C CZ  . PHE A 1 124 ? -2.112  -6.831  1.391   1.00 11.80 ? 123 PHE A CZ  1 
ATOM   1016 N N   . PRO A 1 125 ? -6.957  -7.726  2.225   1.00 12.61 ? 124 PRO A N   1 
ATOM   1017 C CA  . PRO A 1 125 ? -7.412  -9.125  2.114   1.00 13.92 ? 124 PRO A CA  1 
ATOM   1018 C C   . PRO A 1 125 ? -6.654  -10.049 3.063   1.00 14.15 ? 124 PRO A C   1 
ATOM   1019 O O   . PRO A 1 125 ? -5.476  -9.789  3.302   1.00 12.49 ? 124 PRO A O   1 
ATOM   1020 C CB  . PRO A 1 125 ? -7.085  -9.502  0.665   1.00 13.62 ? 124 PRO A CB  1 
ATOM   1021 C CG  . PRO A 1 125 ? -6.739  -8.256  -0.029  1.00 14.14 ? 124 PRO A CG  1 
ATOM   1022 C CD  . PRO A 1 125 ? -6.344  -7.233  0.984   1.00 13.83 ? 124 PRO A CD  1 
ATOM   1023 N N   . PRO A 1 126 ? -7.309  -11.098 3.591   1.00 15.26 ? 125 PRO A N   1 
ATOM   1024 C CA  . PRO A 1 126 ? -6.595  -12.091 4.405   1.00 17.59 ? 125 PRO A CA  1 
ATOM   1025 C C   . PRO A 1 126 ? -5.458  -12.743 3.631   1.00 18.06 ? 125 PRO A C   1 
ATOM   1026 O O   . PRO A 1 126 ? -5.566  -12.908 2.430   1.00 15.18 ? 125 PRO A O   1 
ATOM   1027 C CB  . PRO A 1 126 ? -7.678  -13.130 4.735   1.00 19.69 ? 125 PRO A CB  1 
ATOM   1028 C CG  . PRO A 1 126 ? -8.979  -12.350 4.646   1.00 17.93 ? 125 PRO A CG  1 
ATOM   1029 C CD  . PRO A 1 126 ? -8.757  -11.385 3.512   1.00 16.18 ? 125 PRO A CD  1 
ATOM   1030 N N   . TYR A 1 127 ? -4.374  -13.067 4.324   1.00 19.56 ? 126 TYR A N   1 
ATOM   1031 C CA  . TYR A 1 127 ? -3.237  -13.766 3.737   1.00 20.88 ? 126 TYR A CA  1 
ATOM   1032 C C   . TYR A 1 127 ? -2.588  -14.627 4.821   1.00 22.15 ? 126 TYR A C   1 
ATOM   1033 O O   . TYR A 1 127 ? -2.769  -14.377 6.013   1.00 19.98 ? 126 TYR A O   1 
ATOM   1034 C CB  . TYR A 1 127 ? -2.222  -12.785 3.150   1.00 19.81 ? 126 TYR A CB  1 
ATOM   1035 C CG  . TYR A 1 127 ? -1.638  -11.834 4.176   1.00 18.62 ? 126 TYR A CG  1 
ATOM   1036 C CD1 . TYR A 1 127 ? -2.310  -10.658 4.535   1.00 16.88 ? 126 TYR A CD1 1 
ATOM   1037 C CD2 . TYR A 1 127 ? -0.419  -12.102 4.785   1.00 18.01 ? 126 TYR A CD2 1 
ATOM   1038 C CE1 . TYR A 1 127 ? -1.775  -9.785  5.467   1.00 16.69 ? 126 TYR A CE1 1 
ATOM   1039 C CE2 . TYR A 1 127 ? 0.117   -11.241 5.717   1.00 17.64 ? 126 TYR A CE2 1 
ATOM   1040 C CZ  . TYR A 1 127 ? -0.562  -10.087 6.060   1.00 17.17 ? 126 TYR A CZ  1 
ATOM   1041 O OH  . TYR A 1 127 ? -0.015  -9.244  6.992   1.00 13.03 ? 126 TYR A OH  1 
ATOM   1042 N N   . THR A 1 128 ? -1.837  -15.642 4.420   1.00 20.94 ? 127 THR A N   1 
ATOM   1043 C CA  . THR A 1 128 ? -1.176  -16.496 5.415   1.00 22.54 ? 127 THR A CA  1 
ATOM   1044 C C   . THR A 1 128 ? 0.339   -16.500 5.255   1.00 22.74 ? 127 THR A C   1 
ATOM   1045 O O   . THR A 1 128 ? 0.851   -16.504 4.142   1.00 19.31 ? 127 THR A O   1 
ATOM   1046 C CB  . THR A 1 128 ? -1.710  -17.948 5.352   1.00 24.02 ? 127 THR A CB  1 
ATOM   1047 O OG1 . THR A 1 128 ? -0.878  -18.802 6.149   1.00 26.71 ? 127 THR A OG1 1 
ATOM   1048 C CG2 . THR A 1 128 ? -1.734  -18.451 3.938   1.00 25.39 ? 127 THR A CG2 1 
ATOM   1049 N N   . PHE A 1 129 ? 1.063   -16.485 6.372   1.00 22.48 ? 128 PHE A N   1 
ATOM   1050 C CA  . PHE A 1 129 ? 2.525   -16.566 6.315   1.00 23.98 ? 128 PHE A CA  1 
ATOM   1051 C C   . PHE A 1 129 ? 2.999   -17.922 5.796   1.00 24.89 ? 128 PHE A C   1 
ATOM   1052 O O   . PHE A 1 129 ? 4.188   -18.128 5.556   1.00 24.97 ? 128 PHE A O   1 
ATOM   1053 C CB  . PHE A 1 129 ? 3.137   -16.297 7.689   1.00 25.62 ? 128 PHE A CB  1 
ATOM   1054 C CG  . PHE A 1 129 ? 3.057   -14.857 8.113   1.00 23.95 ? 128 PHE A CG  1 
ATOM   1055 C CD1 . PHE A 1 129 ? 3.898   -13.905 7.565   1.00 24.63 ? 128 PHE A CD1 1 
ATOM   1056 C CD2 . PHE A 1 129 ? 2.122   -14.455 9.051   1.00 26.77 ? 128 PHE A CD2 1 
ATOM   1057 C CE1 . PHE A 1 129 ? 3.822   -12.570 7.969   1.00 21.90 ? 128 PHE A CE1 1 
ATOM   1058 C CE2 . PHE A 1 129 ? 2.032   -13.129 9.450   1.00 28.12 ? 128 PHE A CE2 1 
ATOM   1059 C CZ  . PHE A 1 129 ? 2.881   -12.187 8.908   1.00 24.00 ? 128 PHE A CZ  1 
ATOM   1060 N N   . GLU A 1 130 ? 2.081   -18.854 5.602   1.00 26.09 ? 129 GLU A N   1 
ATOM   1061 C CA  . GLU A 1 130 ? 2.457   -20.079 4.924   1.00 28.39 ? 129 GLU A CA  1 
ATOM   1062 C C   . GLU A 1 130 ? 2.822   -19.774 3.462   1.00 26.77 ? 129 GLU A C   1 
ATOM   1063 O O   . GLU A 1 130 ? 3.587   -20.514 2.845   1.00 24.50 ? 129 GLU A O   1 
ATOM   1064 C CB  . GLU A 1 130 ? 1.338   -21.120 5.021   1.00 31.23 ? 129 GLU A CB  1 
ATOM   1065 C CG  . GLU A 1 130 ? 0.991   -21.505 6.468   1.00 41.89 ? 129 GLU A CG  1 
ATOM   1066 C CD  . GLU A 1 130 ? 2.219   -21.610 7.380   1.00 55.57 ? 129 GLU A CD  1 
ATOM   1067 O OE1 . GLU A 1 130 ? 2.804   -22.714 7.475   1.00 56.51 ? 129 GLU A OE1 1 
ATOM   1068 O OE2 . GLU A 1 130 ? 2.593   -20.599 8.020   1.00 53.53 ? 129 GLU A OE2 1 
ATOM   1069 N N   . ASP A 1 131 ? 2.305   -18.671 2.921   1.00 23.06 ? 130 ASP A N   1 
ATOM   1070 C CA  . ASP A 1 131 ? 2.560   -18.339 1.525   1.00 22.74 ? 130 ASP A CA  1 
ATOM   1071 C C   . ASP A 1 131 ? 3.658   -17.292 1.346   1.00 20.79 ? 130 ASP A C   1 
ATOM   1072 O O   . ASP A 1 131 ? 4.072   -17.034 0.217   1.00 17.97 ? 130 ASP A O   1 
ATOM   1073 C CB  . ASP A 1 131 ? 1.298   -17.812 0.850   1.00 23.72 ? 130 ASP A CB  1 
ATOM   1074 C CG  . ASP A 1 131 ? 0.198   -18.843 0.755   1.00 26.75 ? 130 ASP A CG  1 
ATOM   1075 O OD1 . ASP A 1 131 ? 0.444   -20.042 1.034   1.00 25.03 ? 130 ASP A OD1 1 
ATOM   1076 O OD2 . ASP A 1 131 ? -0.922  -18.428 0.388   1.00 27.15 ? 130 ASP A OD2 1 
ATOM   1077 N N   . TRP A 1 132 ? 4.084   -16.672 2.446   1.00 19.37 ? 131 TRP A N   1 
ATOM   1078 C CA  . TRP A 1 132 ? 4.949   -15.482 2.394   1.00 17.42 ? 131 TRP A CA  1 
ATOM   1079 C C   . TRP A 1 132 ? 6.111   -15.594 3.354   1.00 18.17 ? 131 TRP A C   1 
ATOM   1080 O O   . TRP A 1 132 ? 5.918   -15.808 4.558   1.00 16.55 ? 131 TRP A O   1 
ATOM   1081 C CB  . TRP A 1 132 ? 4.157   -14.208 2.722   1.00 17.04 ? 131 TRP A CB  1 
ATOM   1082 C CG  . TRP A 1 132 ? 3.036   -13.928 1.770   1.00 17.87 ? 131 TRP A CG  1 
ATOM   1083 C CD1 . TRP A 1 132 ? 1.745   -14.363 1.874   1.00 19.31 ? 131 TRP A CD1 1 
ATOM   1084 C CD2 . TRP A 1 132 ? 3.109   -13.170 0.557   1.00 17.24 ? 131 TRP A CD2 1 
ATOM   1085 N NE1 . TRP A 1 132 ? 1.014   -13.919 0.807   1.00 18.84 ? 131 TRP A NE1 1 
ATOM   1086 C CE2 . TRP A 1 132 ? 1.825   -13.193 -0.024  1.00 18.37 ? 131 TRP A CE2 1 
ATOM   1087 C CE3 . TRP A 1 132 ? 4.137   -12.475 -0.095  1.00 15.65 ? 131 TRP A CE3 1 
ATOM   1088 C CZ2 . TRP A 1 132 ? 1.537   -12.542 -1.213  1.00 18.28 ? 131 TRP A CZ2 1 
ATOM   1089 C CZ3 . TRP A 1 132 ? 3.849   -11.829 -1.281  1.00 16.19 ? 131 TRP A CZ3 1 
ATOM   1090 C CH2 . TRP A 1 132 ? 2.560   -11.863 -1.827  1.00 16.40 ? 131 TRP A CH2 1 
ATOM   1091 N N   . GLU A 1 133 ? 7.320   -15.444 2.820   1.00 15.70 ? 132 GLU A N   1 
ATOM   1092 C CA  . GLU A 1 133 ? 8.519   -15.468 3.630   1.00 18.01 ? 132 GLU A CA  1 
ATOM   1093 C C   . GLU A 1 133 ? 8.790   -14.080 4.204   1.00 15.92 ? 132 GLU A C   1 
ATOM   1094 O O   . GLU A 1 133 ? 8.682   -13.081 3.491   1.00 13.67 ? 132 GLU A O   1 
ATOM   1095 C CB  . GLU A 1 133 ? 9.722   -15.940 2.801   1.00 18.57 ? 132 GLU A CB  1 
ATOM   1096 C CG  . GLU A 1 133 ? 11.017  -15.850 3.571   1.00 20.54 ? 132 GLU A CG  1 
ATOM   1097 C CD  . GLU A 1 133 ? 12.118  -16.696 2.992   1.00 26.28 ? 132 GLU A CD  1 
ATOM   1098 O OE1 . GLU A 1 133 ? 12.858  -17.301 3.790   1.00 35.74 ? 132 GLU A OE1 1 
ATOM   1099 O OE2 . GLU A 1 133 ? 12.255  -16.749 1.751   1.00 28.00 ? 132 GLU A OE2 1 
ATOM   1100 N N   . VAL A 1 134 ? 9.152   -14.026 5.483   1.00 15.70 ? 133 VAL A N   1 
ATOM   1101 C CA  . VAL A 1 134 ? 9.495   -12.764 6.146   1.00 14.67 ? 133 VAL A CA  1 
ATOM   1102 C C   . VAL A 1 134 ? 10.943  -12.386 5.799   1.00 14.42 ? 133 VAL A C   1 
ATOM   1103 O O   . VAL A 1 134 ? 11.882  -12.859 6.438   1.00 13.10 ? 133 VAL A O   1 
ATOM   1104 C CB  . VAL A 1 134 ? 9.325   -12.878 7.676   1.00 14.75 ? 133 VAL A CB  1 
ATOM   1105 C CG1 . VAL A 1 134 ? 9.610   -11.556 8.365   1.00 13.60 ? 133 VAL A CG1 1 
ATOM   1106 C CG2 . VAL A 1 134 ? 7.930   -13.414 8.040   1.00 16.63 ? 133 VAL A CG2 1 
ATOM   1107 N N   . ALA A 1 135 ? 11.119  -11.565 4.765   1.00 12.69 ? 134 ALA A N   1 
ATOM   1108 C CA  . ALA A 1 135 ? 12.454  -11.111 4.375   1.00 14.12 ? 134 ALA A CA  1 
ATOM   1109 C C   . ALA A 1 135 ? 13.047  -10.251 5.472   1.00 12.96 ? 134 ALA A C   1 
ATOM   1110 O O   . ALA A 1 135 ? 14.253  -10.265 5.702   1.00 11.70 ? 134 ALA A O   1 
ATOM   1111 C CB  . ALA A 1 135 ? 12.410  -10.334 3.056   1.00 13.80 ? 134 ALA A CB  1 
ATOM   1112 N N   . SER A 1 136 ? 12.184  -9.501  6.144   1.00 11.95 ? 135 SER A N   1 
ATOM   1113 C CA  . SER A 1 136 ? 12.591  -8.686  7.287   1.00 13.06 ? 135 SER A CA  1 
ATOM   1114 C C   . SER A 1 136 ? 11.390  -8.266  8.123   1.00 13.49 ? 135 SER A C   1 
ATOM   1115 O O   . SER A 1 136 ? 10.266  -8.124  7.622   1.00 12.11 ? 135 SER A O   1 
ATOM   1116 C CB  . SER A 1 136 ? 13.348  -7.444  6.834   1.00 13.41 ? 135 SER A CB  1 
ATOM   1117 O OG  . SER A 1 136 ? 12.508  -6.598  6.076   1.00 13.94 ? 135 SER A OG  1 
ATOM   1118 N N   . SER A 1 137 ? 11.649  -8.082  9.404   1.00 13.82 ? 136 SER A N   1 
ATOM   1119 C CA  . SER A 1 137 ? 10.654  -7.641  10.359  1.00 14.63 ? 136 SER A CA  1 
ATOM   1120 C C   . SER A 1 137 ? 11.323  -6.708  11.350  1.00 14.97 ? 136 SER A C   1 
ATOM   1121 O O   . SER A 1 137 ? 12.210  -7.125  12.092  1.00 15.25 ? 136 SER A O   1 
ATOM   1122 C CB  . SER A 1 137 ? 10.028  -8.823  11.081  1.00 14.88 ? 136 SER A CB  1 
ATOM   1123 O OG  . SER A 1 137 ? 9.151   -8.367  12.096  1.00 13.95 ? 136 SER A OG  1 
ATOM   1124 N N   . VAL A 1 138 ? 10.918  -5.443  11.337  1.00 14.53 ? 137 VAL A N   1 
ATOM   1125 C CA  . VAL A 1 138 ? 11.577  -4.391  12.114  1.00 15.92 ? 137 VAL A CA  1 
ATOM   1126 C C   . VAL A 1 138 ? 10.545  -3.625  12.950  1.00 16.26 ? 137 VAL A C   1 
ATOM   1127 O O   . VAL A 1 138 ? 9.608   -3.031  12.409  1.00 14.63 ? 137 VAL A O   1 
ATOM   1128 C CB  . VAL A 1 138 ? 12.336  -3.416  11.196  1.00 14.40 ? 137 VAL A CB  1 
ATOM   1129 C CG1 . VAL A 1 138 ? 13.121  -2.382  12.019  1.00 15.77 ? 137 VAL A CG1 1 
ATOM   1130 C CG2 . VAL A 1 138 ? 13.284  -4.178  10.263  1.00 13.44 ? 137 VAL A CG2 1 
ATOM   1131 N N   . GLU A 1 139 ? 10.701  -3.654  14.264  1.00 17.98 ? 138 GLU A N   1 
ATOM   1132 C CA  . GLU A 1 139 ? 9.818   -2.893  15.148  1.00 18.49 ? 138 GLU A CA  1 
ATOM   1133 C C   . GLU A 1 139 ? 9.999   -1.399  14.967  1.00 18.74 ? 138 GLU A C   1 
ATOM   1134 O O   . GLU A 1 139 ? 11.129  -0.907  14.895  1.00 19.24 ? 138 GLU A O   1 
ATOM   1135 C CB  . GLU A 1 139 ? 10.077  -3.261  16.597  1.00 21.41 ? 138 GLU A CB  1 
ATOM   1136 C CG  . GLU A 1 139 ? 9.849   -4.713  16.915  1.00 25.18 ? 138 GLU A CG  1 
ATOM   1137 C CD  . GLU A 1 139 ? 10.099  -5.005  18.382  1.00 31.62 ? 138 GLU A CD  1 
ATOM   1138 O OE1 . GLU A 1 139 ? 10.101  -6.191  18.772  1.00 36.06 ? 138 GLU A OE1 1 
ATOM   1139 O OE2 . GLU A 1 139 ? 10.303  -4.044  19.147  1.00 31.24 ? 138 GLU A OE2 1 
ATOM   1140 N N   . GLY A 1 140 ? 8.891   -0.670  14.882  1.00 17.27 ? 139 GLY A N   1 
ATOM   1141 C CA  . GLY A 1 140 ? 8.965   0.770   14.744  1.00 18.46 ? 139 GLY A CA  1 
ATOM   1142 C C   . GLY A 1 140 ? 9.332   1.327   16.107  1.00 20.38 ? 139 GLY A C   1 
ATOM   1143 O O   . GLY A 1 140 ? 9.037   0.706   17.129  1.00 19.78 ? 139 GLY A O   1 
ATOM   1144 N N   . LYS A 1 141 ? 9.994   2.478   16.126  1.00 21.60 ? 140 LYS A N   1 
ATOM   1145 C CA  . LYS A 1 141 ? 10.350  3.138   17.377  1.00 24.06 ? 140 LYS A CA  1 
ATOM   1146 C C   . LYS A 1 141 ? 9.208   4.028   17.811  1.00 22.77 ? 140 LYS A C   1 
ATOM   1147 O O   . LYS A 1 141 ? 8.628   4.738   16.992  1.00 23.59 ? 140 LYS A O   1 
ATOM   1148 C CB  . LYS A 1 141 ? 11.619  3.978   17.217  1.00 29.34 ? 140 LYS A CB  1 
ATOM   1149 C CG  . LYS A 1 141 ? 12.803  3.249   16.615  1.00 45.53 ? 140 LYS A CG  1 
ATOM   1150 C CD  . LYS A 1 141 ? 13.567  2.432   17.644  1.00 35.64 ? 140 LYS A CD  1 
ATOM   1151 C CE  . LYS A 1 141 ? 15.004  2.221   17.158  1.00 40.03 ? 140 LYS A CE  1 
ATOM   1152 N NZ  . LYS A 1 141 ? 15.764  1.200   17.927  1.00 29.37 ? 140 LYS A NZ  1 
ATOM   1153 N N   . LEU A 1 142 ? 8.887   3.992   19.095  1.00 23.36 ? 141 LEU A N   1 
ATOM   1154 C CA  . LEU A 1 142 ? 7.841   4.843   19.639  1.00 25.39 ? 141 LEU A CA  1 
ATOM   1155 C C   . LEU A 1 142 ? 8.419   6.105   20.259  1.00 26.86 ? 141 LEU A C   1 
ATOM   1156 O O   . LEU A 1 142 ? 9.522   6.093   20.787  1.00 27.52 ? 141 LEU A O   1 
ATOM   1157 C CB  . LEU A 1 142 ? 7.025   4.090   20.683  1.00 23.62 ? 141 LEU A CB  1 
ATOM   1158 C CG  . LEU A 1 142 ? 6.544   2.734   20.180  1.00 22.46 ? 141 LEU A CG  1 
ATOM   1159 C CD1 . LEU A 1 142 ? 5.664   2.065   21.221  1.00 20.83 ? 141 LEU A CD1 1 
ATOM   1160 C CD2 . LEU A 1 142 ? 5.836   2.899   18.838  1.00 20.54 ? 141 LEU A CD2 1 
ATOM   1161 N N   . ASP A 1 143 ? 7.668   7.191   20.186  1.00 28.15 ? 142 ASP A N   1 
ATOM   1162 C CA  . ASP A 1 143 ? 8.081   8.432   20.818  1.00 30.70 ? 142 ASP A CA  1 
ATOM   1163 C C   . ASP A 1 143 ? 6.855   9.306   21.020  1.00 32.03 ? 142 ASP A C   1 
ATOM   1164 O O   . ASP A 1 143 ? 5.722   8.826   20.917  1.00 30.15 ? 142 ASP A O   1 
ATOM   1165 C CB  . ASP A 1 143 ? 9.146   9.157   19.986  1.00 31.27 ? 142 ASP A CB  1 
ATOM   1166 C CG  . ASP A 1 143 ? 8.678   9.494   18.575  1.00 31.48 ? 142 ASP A CG  1 
ATOM   1167 O OD1 . ASP A 1 143 ? 7.489   9.811   18.378  1.00 32.63 ? 142 ASP A OD1 1 
ATOM   1168 O OD2 . ASP A 1 143 ? 9.514   9.467   17.650  1.00 34.35 ? 142 ASP A OD2 1 
ATOM   1169 N N   . GLU A 1 144 ? 7.083   10.595  21.274  1.00 35.49 ? 143 GLU A N   1 
ATOM   1170 C CA  . GLU A 1 144 ? 5.995   11.529  21.551  1.00 36.01 ? 143 GLU A CA  1 
ATOM   1171 C C   . GLU A 1 144 ? 5.025   11.664  20.380  1.00 34.73 ? 143 GLU A C   1 
ATOM   1172 O O   . GLU A 1 144 ? 3.817   11.835  20.570  1.00 35.35 ? 143 GLU A O   1 
ATOM   1173 C CB  . GLU A 1 144 ? 6.564   12.903  21.916  1.00 42.06 ? 143 GLU A CB  1 
ATOM   1174 N N   . LYS A 1 145 ? 5.550   11.573  19.163  1.00 33.46 ? 144 LYS A N   1 
ATOM   1175 C CA  . LYS A 1 145 ? 4.717   11.764  17.975  1.00 33.89 ? 144 LYS A CA  1 
ATOM   1176 C C   . LYS A 1 145 ? 4.211   10.445  17.383  1.00 29.85 ? 144 LYS A C   1 
ATOM   1177 O O   . LYS A 1 145 ? 3.334   10.443  16.524  1.00 29.33 ? 144 LYS A O   1 
ATOM   1178 C CB  . LYS A 1 145 ? 5.500   12.546  16.916  1.00 36.78 ? 144 LYS A CB  1 
ATOM   1179 C CG  . LYS A 1 145 ? 6.195   13.797  17.457  1.00 43.31 ? 144 LYS A CG  1 
ATOM   1180 C CD  . LYS A 1 145 ? 5.198   14.802  18.022  1.00 44.88 ? 144 LYS A CD  1 
ATOM   1181 N N   . ASN A 1 146 ? 4.765   9.330   17.853  1.00 28.31 ? 145 ASN A N   1 
ATOM   1182 C CA  . ASN A 1 146 ? 4.451   8.014   17.301  1.00 25.57 ? 145 ASN A CA  1 
ATOM   1183 C C   . ASN A 1 146 ? 4.205   7.008   18.408  1.00 23.99 ? 145 ASN A C   1 
ATOM   1184 O O   . ASN A 1 146 ? 5.131   6.383   18.917  1.00 23.60 ? 145 ASN A O   1 
ATOM   1185 C CB  . ASN A 1 146 ? 5.580   7.539   16.390  1.00 24.21 ? 145 ASN A CB  1 
ATOM   1186 C CG  . ASN A 1 146 ? 5.758   8.430   15.175  1.00 24.11 ? 145 ASN A CG  1 
ATOM   1187 O OD1 . ASN A 1 146 ? 5.204   8.160   14.109  1.00 22.02 ? 145 ASN A OD1 1 
ATOM   1188 N ND2 . ASN A 1 146 ? 6.512   9.503   15.334  1.00 25.34 ? 145 ASN A ND2 1 
ATOM   1189 N N   . THR A 1 147 ? 2.942   6.844   18.775  1.00 22.62 ? 146 THR A N   1 
ATOM   1190 C CA  . THR A 1 147 ? 2.620   6.237   20.054  1.00 21.11 ? 146 THR A CA  1 
ATOM   1191 C C   . THR A 1 147 ? 1.951   4.858   19.934  1.00 20.46 ? 146 THR A C   1 
ATOM   1192 O O   . THR A 1 147 ? 1.677   4.199   20.940  1.00 18.59 ? 146 THR A O   1 
ATOM   1193 C CB  . THR A 1 147 ? 1.705   7.179   20.858  1.00 23.45 ? 146 THR A CB  1 
ATOM   1194 O OG1 . THR A 1 147 ? 0.408   7.214   20.247  1.00 24.43 ? 146 THR A OG1 1 
ATOM   1195 C CG2 . THR A 1 147 ? 2.281   8.582   20.878  1.00 25.63 ? 146 THR A CG2 1 
ATOM   1196 N N   . ILE A 1 148 ? 1.680   4.428   18.706  1.00 18.99 ? 147 ILE A N   1 
ATOM   1197 C CA  . ILE A 1 148 ? 1.101   3.114   18.486  1.00 16.96 ? 147 ILE A CA  1 
ATOM   1198 C C   . ILE A 1 148 ? 2.191   2.140   18.042  1.00 15.48 ? 147 ILE A C   1 
ATOM   1199 O O   . ILE A 1 148 ? 2.901   2.419   17.082  1.00 15.24 ? 147 ILE A O   1 
ATOM   1200 C CB  . ILE A 1 148 ? 0.007   3.176   17.427  1.00 16.74 ? 147 ILE A CB  1 
ATOM   1201 C CG1 . ILE A 1 148 ? -0.962  4.325   17.751  1.00 19.37 ? 147 ILE A CG1 1 
ATOM   1202 C CG2 . ILE A 1 148 ? -0.698  1.838   17.344  1.00 15.63 ? 147 ILE A CG2 1 
ATOM   1203 C CD1 . ILE A 1 148 ? -1.457  5.116   16.505  1.00 21.16 ? 147 ILE A CD1 1 
ATOM   1204 N N   . PRO A 1 149 ? 2.327   1.000   18.734  1.00 16.21 ? 148 PRO A N   1 
ATOM   1205 C CA  . PRO A 1 149 ? 3.364   0.056   18.315  1.00 15.91 ? 148 PRO A CA  1 
ATOM   1206 C C   . PRO A 1 149 ? 3.098   -0.393  16.901  1.00 15.02 ? 148 PRO A C   1 
ATOM   1207 O O   . PRO A 1 149 ? 1.938   -0.531  16.490  1.00 13.76 ? 148 PRO A O   1 
ATOM   1208 C CB  . PRO A 1 149 ? 3.218   -1.105  19.298  1.00 15.27 ? 148 PRO A CB  1 
ATOM   1209 C CG  . PRO A 1 149 ? 2.480   -0.549  20.455  1.00 16.11 ? 148 PRO A CG  1 
ATOM   1210 C CD  . PRO A 1 149 ? 1.569   0.496   19.890  1.00 15.06 ? 148 PRO A CD  1 
ATOM   1211 N N   . HIS A 1 150 ? 4.163   -0.591  16.150  1.00 13.92 ? 149 HIS A N   1 
ATOM   1212 C CA  . HIS A 1 150 ? 4.018   -0.966  14.753  1.00 15.24 ? 149 HIS A CA  1 
ATOM   1213 C C   . HIS A 1 150 ? 5.259   -1.700  14.297  1.00 15.19 ? 149 HIS A C   1 
ATOM   1214 O O   . HIS A 1 150 ? 6.345   -1.516  14.851  1.00 15.47 ? 149 HIS A O   1 
ATOM   1215 C CB  . HIS A 1 150 ? 3.756   0.258   13.860  1.00 13.86 ? 149 HIS A CB  1 
ATOM   1216 C CG  . HIS A 1 150 ? 4.766   1.356   14.012  1.00 15.23 ? 149 HIS A CG  1 
ATOM   1217 N ND1 . HIS A 1 150 ? 4.870   2.125   15.153  1.00 14.99 ? 149 HIS A ND1 1 
ATOM   1218 C CD2 . HIS A 1 150 ? 5.703   1.828   13.154  1.00 15.22 ? 149 HIS A CD2 1 
ATOM   1219 C CE1 . HIS A 1 150 ? 5.829   3.023   14.993  1.00 16.17 ? 149 HIS A CE1 1 
ATOM   1220 N NE2 . HIS A 1 150 ? 6.353   2.862   13.789  1.00 16.88 ? 149 HIS A NE2 1 
ATOM   1221 N N   . THR A 1 151 ? 5.079   -2.534  13.282  1.00 14.82 ? 150 THR A N   1 
ATOM   1222 C CA  . THR A 1 151 ? 6.127   -3.420  12.807  1.00 14.31 ? 150 THR A CA  1 
ATOM   1223 C C   . THR A 1 151 ? 6.176   -3.368  11.299  1.00 13.88 ? 150 THR A C   1 
ATOM   1224 O O   . THR A 1 151 ? 5.158   -3.576  10.633  1.00 11.95 ? 150 THR A O   1 
ATOM   1225 C CB  . THR A 1 151 ? 5.878   -4.863  13.290  1.00 15.55 ? 150 THR A CB  1 
ATOM   1226 O OG1 . THR A 1 151 ? 5.840   -4.869  14.721  1.00 17.34 ? 150 THR A OG1 1 
ATOM   1227 C CG2 . THR A 1 151 ? 6.971   -5.807  12.812  1.00 16.37 ? 150 THR A CG2 1 
ATOM   1228 N N   . PHE A 1 152 ? 7.356   -3.076  10.766  1.00 13.29 ? 151 PHE A N   1 
ATOM   1229 C CA  . PHE A 1 152 ? 7.581   -3.081  9.327   1.00 13.32 ? 151 PHE A CA  1 
ATOM   1230 C C   . PHE A 1 152 ? 7.947   -4.472  8.812   1.00 13.24 ? 151 PHE A C   1 
ATOM   1231 O O   . PHE A 1 152 ? 8.993   -5.017  9.164   1.00 13.71 ? 151 PHE A O   1 
ATOM   1232 C CB  . PHE A 1 152 ? 8.687   -2.077  8.961   1.00 13.80 ? 151 PHE A CB  1 
ATOM   1233 C CG  . PHE A 1 152 ? 8.422   -0.663  9.449   1.00 14.64 ? 151 PHE A CG  1 
ATOM   1234 C CD1 . PHE A 1 152 ? 7.424   0.109   8.878   1.00 14.83 ? 151 PHE A CD1 1 
ATOM   1235 C CD2 . PHE A 1 152 ? 9.204   -0.101  10.459  1.00 15.13 ? 151 PHE A CD2 1 
ATOM   1236 C CE1 . PHE A 1 152 ? 7.197   1.419   9.307   1.00 15.88 ? 151 PHE A CE1 1 
ATOM   1237 C CE2 . PHE A 1 152 ? 8.969   1.201   10.908  1.00 15.77 ? 151 PHE A CE2 1 
ATOM   1238 C CZ  . PHE A 1 152 ? 7.967   1.959   10.328  1.00 16.85 ? 151 PHE A CZ  1 
ATOM   1239 N N   . LEU A 1 153 ? 7.087   -5.043  7.975   1.00 11.27 ? 152 LEU A N   1 
ATOM   1240 C CA  . LEU A 1 153 ? 7.342   -6.346  7.359   1.00 12.49 ? 152 LEU A CA  1 
ATOM   1241 C C   . LEU A 1 153 ? 7.667   -6.188  5.891   1.00 13.40 ? 152 LEU A C   1 
ATOM   1242 O O   . LEU A 1 153 ? 7.001   -5.428  5.191   1.00 12.25 ? 152 LEU A O   1 
ATOM   1243 C CB  . LEU A 1 153 ? 6.119   -7.273  7.486   1.00 12.35 ? 152 LEU A CB  1 
ATOM   1244 C CG  . LEU A 1 153 ? 5.556   -7.658  8.855   1.00 14.11 ? 152 LEU A CG  1 
ATOM   1245 C CD1 . LEU A 1 153 ? 4.373   -8.610  8.709   1.00 14.35 ? 152 LEU A CD1 1 
ATOM   1246 C CD2 . LEU A 1 153 ? 6.621   -8.281  9.743   1.00 14.16 ? 152 LEU A CD2 1 
ATOM   1247 N N   . HIS A 1 154 ? 8.694   -6.895  5.427   1.00 12.52 ? 153 HIS A N   1 
ATOM   1248 C CA  . HIS A 1 154 ? 8.881   -7.105  4.009   1.00 12.45 ? 153 HIS A CA  1 
ATOM   1249 C C   . HIS A 1 154 ? 8.646   -8.586  3.753   1.00 13.67 ? 153 HIS A C   1 
ATOM   1250 O O   . HIS A 1 154 ? 9.434   -9.422  4.196   1.00 11.71 ? 153 HIS A O   1 
ATOM   1251 C CB  . HIS A 1 154 ? 10.285  -6.694  3.555   1.00 12.90 ? 153 HIS A CB  1 
ATOM   1252 C CG  . HIS A 1 154 ? 10.510  -6.840  2.084   1.00 14.52 ? 153 HIS A CG  1 
ATOM   1253 N ND1 . HIS A 1 154 ? 11.770  -6.927  1.533   1.00 12.39 ? 153 HIS A ND1 1 
ATOM   1254 C CD2 . HIS A 1 154 ? 9.635   -6.902  1.046   1.00 13.31 ? 153 HIS A CD2 1 
ATOM   1255 C CE1 . HIS A 1 154 ? 11.665  -7.031  0.220   1.00 14.55 ? 153 HIS A CE1 1 
ATOM   1256 N NE2 . HIS A 1 154 ? 10.382  -7.023  -0.102  1.00 13.90 ? 153 HIS A NE2 1 
ATOM   1257 N N   . LEU A 1 155 ? 7.567   -8.900  3.046   1.00 11.29 ? 154 LEU A N   1 
ATOM   1258 C CA  . LEU A 1 155 ? 7.174   -10.289 2.759   1.00 13.67 ? 154 LEU A CA  1 
ATOM   1259 C C   . LEU A 1 155 ? 7.368   -10.630 1.282   1.00 14.01 ? 154 LEU A C   1 
ATOM   1260 O O   . LEU A 1 155 ? 6.990   -9.856  0.414   1.00 11.89 ? 154 LEU A O   1 
ATOM   1261 C CB  . LEU A 1 155 ? 5.710   -10.519 3.144   1.00 11.89 ? 154 LEU A CB  1 
ATOM   1262 C CG  . LEU A 1 155 ? 5.299   -10.207 4.583   1.00 14.05 ? 154 LEU A CG  1 
ATOM   1263 C CD1 . LEU A 1 155 ? 3.808   -10.529 4.779   1.00 15.17 ? 154 LEU A CD1 1 
ATOM   1264 C CD2 . LEU A 1 155 ? 6.157   -10.970 5.585   1.00 13.67 ? 154 LEU A CD2 1 
ATOM   1265 N N   . ILE A 1 156 ? 7.944   -11.794 0.999   1.00 14.45 ? 155 ILE A N   1 
ATOM   1266 C CA  . ILE A 1 156 ? 8.186   -12.194 -0.373  1.00 15.70 ? 155 ILE A CA  1 
ATOM   1267 C C   . ILE A 1 156 ? 7.447   -13.499 -0.628  1.00 17.18 ? 155 ILE A C   1 
ATOM   1268 O O   . ILE A 1 156 ? 7.506   -14.418 0.198   1.00 16.22 ? 155 ILE A O   1 
ATOM   1269 C CB  . ILE A 1 156 ? 9.703   -12.345 -0.665  1.00 17.63 ? 155 ILE A CB  1 
ATOM   1270 C CG1 . ILE A 1 156 ? 10.441  -11.021 -0.391  1.00 16.15 ? 155 ILE A CG1 1 
ATOM   1271 C CG2 . ILE A 1 156 ? 9.930   -12.750 -2.122  1.00 19.76 ? 155 ILE A CG2 1 
ATOM   1272 C CD1 . ILE A 1 156 ? 11.942  -11.117 -0.577  1.00 16.41 ? 155 ILE A CD1 1 
ATOM   1273 N N   . ARG A 1 157 ? 6.735   -13.571 -1.751  1.00 15.83 ? 156 ARG A N   1 
ATOM   1274 C CA  . ARG A 1 157 ? 5.932   -14.742 -2.072  1.00 19.37 ? 156 ARG A CA  1 
ATOM   1275 C C   . ARG A 1 157 ? 6.807   -15.991 -2.134  1.00 20.69 ? 156 ARG A C   1 
ATOM   1276 O O   . ARG A 1 157 ? 7.845   -15.990 -2.797  1.00 21.51 ? 156 ARG A O   1 
ATOM   1277 C CB  . ARG A 1 157 ? 5.188   -14.554 -3.405  1.00 19.69 ? 156 ARG A CB  1 
ATOM   1278 C CG  . ARG A 1 157 ? 4.218   -15.699 -3.716  1.00 21.15 ? 156 ARG A CG  1 
ATOM   1279 C CD  . ARG A 1 157 ? 3.553   -15.533 -5.077  1.00 22.22 ? 156 ARG A CD  1 
ATOM   1280 N NE  . ARG A 1 157 ? 3.044   -14.174 -5.273  1.00 21.39 ? 156 ARG A NE  1 
ATOM   1281 C CZ  . ARG A 1 157 ? 1.853   -13.745 -4.855  1.00 21.69 ? 156 ARG A CZ  1 
ATOM   1282 N NH1 . ARG A 1 157 ? 1.031   -14.567 -4.216  1.00 20.86 ? 156 ARG A NH1 1 
ATOM   1283 N NH2 . ARG A 1 157 ? 1.493   -12.485 -5.082  1.00 20.06 ? 156 ARG A NH2 1 
ATOM   1284 N N   . LYS A 1 158 ? 6.393   -17.044 -1.431  1.00 20.59 ? 157 LYS A N   1 
ATOM   1285 C CA  . LYS A 1 158 ? 7.137   -18.303 -1.440  1.00 24.93 ? 157 LYS A CA  1 
ATOM   1286 C C   . LYS A 1 158 ? 6.871   -19.061 -2.724  1.00 27.86 ? 157 LYS A C   1 
ATOM   1287 O O   . LYS A 1 158 ? 5.769   -18.998 -3.270  1.00 27.26 ? 157 LYS A O   1 
ATOM   1288 C CB  . LYS A 1 158 ? 6.765   -19.176 -0.247  1.00 23.86 ? 157 LYS A CB  1 
ATOM   1289 C CG  . LYS A 1 158 ? 7.265   -18.685 1.105   1.00 23.20 ? 157 LYS A CG  1 
ATOM   1290 C CD  . LYS A 1 158 ? 6.904   -19.706 2.181   1.00 24.10 ? 157 LYS A CD  1 
ATOM   1291 C CE  . LYS A 1 158 ? 7.319   -19.255 3.565   1.00 23.27 ? 157 LYS A CE  1 
ATOM   1292 N NZ  . LYS A 1 158 ? 6.730   -20.128 4.617   1.00 22.76 ? 157 LYS A NZ  1 
ATOM   1293 N N   . LYS A 1 159 ? 7.878   -19.776 -3.214  1.00 30.10 ? 158 LYS A N   1 
ATOM   1294 C CA  . LYS A 1 159 ? 7.697   -20.586 -4.414  1.00 33.28 ? 158 LYS A CA  1 
ATOM   1295 C C   . LYS A 1 159 ? 7.059   -21.919 -4.064  1.00 33.06 ? 158 LYS A C   1 
ATOM   1296 O O   . LYS A 1 159 ? 7.313   -22.469 -3.000  1.00 32.01 ? 158 LYS A O   1 
ATOM   1297 C CB  . LYS A 1 159 ? 9.035   -20.812 -5.131  1.00 37.05 ? 158 LYS A CB  1 
ATOM   1298 C CG  . LYS A 1 159 ? 9.846   -19.548 -5.390  1.00 41.90 ? 158 LYS A CG  1 
ATOM   1299 C CD  . LYS A 1 159 ? 9.278   -18.729 -6.552  1.00 48.72 ? 158 LYS A CD  1 
ATOM   1300 C CE  . LYS A 1 159 ? 8.323   -17.645 -6.053  1.00 62.05 ? 158 LYS A CE  1 
ATOM   1301 N NZ  . LYS A 1 159 ? 7.288   -17.211 -7.038  1.00 46.24 ? 158 LYS A NZ  1 
ATOM   1302 N N   . LEU A 1 160 ? 6.213   -22.420 -4.954  1.00 32.91 ? 159 LEU A N   1 
ATOM   1303 C CA  . LEU A 1 160 ? 5.610   -23.728 -4.764  1.00 33.78 ? 159 LEU A CA  1 
ATOM   1304 C C   . LEU A 1 160 ? 6.573   -24.771 -5.312  1.00 32.86 ? 159 LEU A C   1 
ATOM   1305 O O   . LEU A 1 160 ? 6.879   -24.760 -6.507  1.00 30.38 ? 159 LEU A O   1 
ATOM   1306 C CB  . LEU A 1 160 ? 4.255   -23.827 -5.467  1.00 36.51 ? 159 LEU A CB  1 
ATOM   1307 C CG  . LEU A 1 160 ? 3.027   -23.273 -4.740  1.00 39.13 ? 159 LEU A CG  1 
ATOM   1308 C CD1 . LEU A 1 160 ? 3.133   -21.755 -4.621  1.00 39.22 ? 159 LEU A CD1 1 
ATOM   1309 C CD2 . LEU A 1 160 ? 1.737   -23.667 -5.434  1.00 41.01 ? 159 LEU A CD2 1 
ATOM   1310 N N   . VAL A 1 161 ? 7.065   -25.645 -4.441  1.00 31.49 ? 160 VAL A N   1 
ATOM   1311 C CA  . VAL A 1 161 ? 7.986   -26.695 -4.850  1.00 30.78 ? 160 VAL A CA  1 
ATOM   1312 C C   . VAL A 1 161 ? 7.436   -28.055 -4.422  1.00 31.83 ? 160 VAL A C   1 
ATOM   1313 O O   . VAL A 1 161 ? 6.630   -28.135 -3.493  1.00 32.21 ? 160 VAL A O   1 
ATOM   1314 C CB  . VAL A 1 161 ? 9.397   -26.481 -4.255  1.00 30.72 ? 160 VAL A CB  1 
ATOM   1315 C CG1 . VAL A 1 161 ? 9.977   -25.162 -4.726  1.00 33.01 ? 160 VAL A CG1 1 
ATOM   1316 C CG2 . VAL A 1 161 ? 9.342   -26.523 -2.735  1.00 31.17 ? 160 VAL A CG2 1 
ATOM   1317 N N   . PRO A 1 162 ? 7.851   -29.129 -5.114  1.00 32.32 ? 161 PRO A N   1 
ATOM   1318 C CA  . PRO A 1 162 ? 7.399   -30.477 -4.737  1.00 33.90 ? 161 PRO A CA  1 
ATOM   1319 C C   . PRO A 1 162 ? 7.995   -30.932 -3.405  1.00 33.39 ? 161 PRO A C   1 
ATOM   1320 O O   . PRO A 1 162 ? 9.211   -30.965 -3.282  1.00 33.33 ? 161 PRO A O   1 
ATOM   1321 C CB  . PRO A 1 162 ? 7.898   -31.361 -5.897  1.00 32.41 ? 161 PRO A CB  1 
ATOM   1322 C CG  . PRO A 1 162 ? 8.989   -30.565 -6.553  1.00 37.53 ? 161 PRO A CG  1 
ATOM   1323 C CD  . PRO A 1 162 ? 8.608   -29.128 -6.380  1.00 32.56 ? 161 PRO A CD  1 
ATOM   1324 N N   . ARG A 1 163 ? 7.136   -31.275 -2.444  1.00 30.98 ? 162 ARG A N   1 
ATOM   1325 C CA  . ARG A 1 163 ? 7.539   -31.664 -1.085  1.00 35.66 ? 162 ARG A CA  1 
ATOM   1326 C C   . ARG A 1 163 ? 8.664   -30.818 -0.514  1.00 41.42 ? 162 ARG A C   1 
ATOM   1327 O O   . ARG A 1 163 ? 9.816   -31.252 -0.489  1.00 51.16 ? 162 ARG A O   1 
ATOM   1328 C CB  . ARG A 1 163 ? 7.952   -33.137 -1.050  1.00 37.61 ? 162 ARG A CB  1 
ATOM   1329 C CG  . ARG A 1 163 ? 6.782   -34.096 -0.921  1.00 31.72 ? 162 ARG A CG  1 
HETATM 1330 P PA  . NAP B 2 .   ? -9.793  2.588   -3.760  1.00 18.64 ? 201 NAP A PA  1 
HETATM 1331 O O1A . NAP B 2 .   ? -9.384  1.176   -4.093  1.00 19.50 ? 201 NAP A O1A 1 
HETATM 1332 O O2A . NAP B 2 .   ? -8.832  3.620   -3.254  1.00 20.01 ? 201 NAP A O2A 1 
HETATM 1333 O O5B . NAP B 2 .   ? -10.482 3.196   -5.075  1.00 22.23 ? 201 NAP A O5B 1 
HETATM 1334 C C5B . NAP B 2 .   ? -11.531 2.475   -5.709  1.00 20.90 ? 201 NAP A C5B 1 
HETATM 1335 C C4B . NAP B 2 .   ? -11.732 3.084   -7.075  1.00 19.61 ? 201 NAP A C4B 1 
HETATM 1336 O O4B . NAP B 2 .   ? -10.614 2.701   -7.858  1.00 22.35 ? 201 NAP A O4B 1 
HETATM 1337 C C3B . NAP B 2 .   ? -12.894 2.500   -7.863  1.00 22.55 ? 201 NAP A C3B 1 
HETATM 1338 O O3B . NAP B 2 .   ? -14.149 3.059   -7.470  1.00 22.18 ? 201 NAP A O3B 1 
HETATM 1339 C C2B . NAP B 2 .   ? -12.493 2.851   -9.279  1.00 19.79 ? 201 NAP A C2B 1 
HETATM 1340 O O2B . NAP B 2 .   ? -12.609 4.248   -9.480  1.00 21.57 ? 201 NAP A O2B 1 
HETATM 1341 C C1B . NAP B 2 .   ? -10.998 2.598   -9.226  1.00 21.90 ? 201 NAP A C1B 1 
HETATM 1342 N N9A . NAP B 2 .   ? -10.724 1.234   -9.669  1.00 22.94 ? 201 NAP A N9A 1 
HETATM 1343 C C8A . NAP B 2 .   ? -10.388 0.206   -8.864  1.00 21.64 ? 201 NAP A C8A 1 
HETATM 1344 N N7A . NAP B 2 .   ? -10.204 -0.914  -9.594  1.00 22.04 ? 201 NAP A N7A 1 
HETATM 1345 C C5A . NAP B 2 .   ? -10.433 -0.607  -10.886 1.00 22.63 ? 201 NAP A C5A 1 
HETATM 1346 C C6A . NAP B 2 .   ? -10.411 -1.322  -12.172 1.00 25.16 ? 201 NAP A C6A 1 
HETATM 1347 N N6A . NAP B 2 .   ? -10.104 -2.636  -12.229 1.00 28.41 ? 201 NAP A N6A 1 
HETATM 1348 N N1A . NAP B 2 .   ? -10.703 -0.620  -13.290 1.00 24.79 ? 201 NAP A N1A 1 
HETATM 1349 C C2A . NAP B 2 .   ? -11.013 0.686   -13.252 1.00 24.26 ? 201 NAP A C2A 1 
HETATM 1350 N N3A . NAP B 2 .   ? -11.052 1.406   -12.115 1.00 24.06 ? 201 NAP A N3A 1 
HETATM 1351 C C4A . NAP B 2 .   ? -10.778 0.818   -10.927 1.00 23.38 ? 201 NAP A C4A 1 
HETATM 1352 O O3  . NAP B 2 .   ? -11.103 2.611   -2.812  1.00 21.97 ? 201 NAP A O3  1 
HETATM 1353 P PN  . NAP B 2 .   ? -11.460 1.629   -1.583  1.00 21.18 ? 201 NAP A PN  1 
HETATM 1354 O O1N . NAP B 2 .   ? -12.751 2.114   -0.967  1.00 23.96 ? 201 NAP A O1N 1 
HETATM 1355 O O2N . NAP B 2 .   ? -11.378 0.221   -2.049  1.00 19.53 ? 201 NAP A O2N 1 
HETATM 1356 O O5D . NAP B 2 .   ? -10.298 1.937   -0.492  1.00 19.77 ? 201 NAP A O5D 1 
HETATM 1357 C C5D . NAP B 2 .   ? -10.231 3.219   0.146   1.00 24.38 ? 201 NAP A C5D 1 
HETATM 1358 C C4D . NAP B 2 .   ? -9.753  3.131   1.599   1.00 19.81 ? 201 NAP A C4D 1 
HETATM 1359 O O4D . NAP B 2 .   ? -8.434  2.572   1.732   1.00 17.02 ? 201 NAP A O4D 1 
HETATM 1360 C C3D . NAP B 2 .   ? -9.688  4.513   2.235   1.00 20.01 ? 201 NAP A C3D 1 
HETATM 1361 O O3D . NAP B 2 .   ? -10.276 4.412   3.534   1.00 20.76 ? 201 NAP A O3D 1 
HETATM 1362 C C2D . NAP B 2 .   ? -8.220  4.803   2.445   1.00 19.44 ? 201 NAP A C2D 1 
HETATM 1363 O O2D . NAP B 2 .   ? -8.054  5.570   3.637   1.00 19.31 ? 201 NAP A O2D 1 
HETATM 1364 C C1D . NAP B 2 .   ? -7.655  3.404   2.612   1.00 18.27 ? 201 NAP A C1D 1 
HETATM 1365 N N1N . NAP B 2 .   ? -6.235  3.204   2.301   1.00 19.29 ? 201 NAP A N1N 1 
HETATM 1366 C C2N . NAP B 2 .   ? -5.450  2.677   3.260   1.00 18.30 ? 201 NAP A C2N 1 
HETATM 1367 C C3N . NAP B 2 .   ? -4.107  2.402   3.031   1.00 19.17 ? 201 NAP A C3N 1 
HETATM 1368 C C7N . NAP B 2 .   ? -3.247  1.833   4.124   1.00 19.21 ? 201 NAP A C7N 1 
HETATM 1369 O O7N . NAP B 2 .   ? -2.095  1.497   3.846   1.00 18.02 ? 201 NAP A O7N 1 
HETATM 1370 N N7N . NAP B 2 .   ? -3.749  1.735   5.366   1.00 15.87 ? 201 NAP A N7N 1 
HETATM 1371 C C4N . NAP B 2 .   ? -3.576  2.676   1.776   1.00 18.61 ? 201 NAP A C4N 1 
HETATM 1372 C C5N . NAP B 2 .   ? -4.406  3.228   0.804   1.00 22.43 ? 201 NAP A C5N 1 
HETATM 1373 C C6N . NAP B 2 .   ? -5.753  3.469   1.084   1.00 21.11 ? 201 NAP A C6N 1 
HETATM 1374 P P2B . NAP B 2 .   ? -13.876 4.941   -10.233 1.00 24.66 ? 201 NAP A P2B 1 
HETATM 1375 O O1X . NAP B 2 .   ? -13.485 6.398   -10.251 1.00 22.98 ? 201 NAP A O1X 1 
HETATM 1376 O O2X . NAP B 2 .   ? -13.892 4.262   -11.577 1.00 23.20 ? 201 NAP A O2X 1 
HETATM 1377 O O3X . NAP B 2 .   ? -15.012 4.576   -9.316  1.00 20.76 ? 201 NAP A O3X 1 
HETATM 1378 C C02 . OWP C 3 .   ? 0.223   3.026   2.246   1.00 20.60 ? 202 OWP A C02 1 
HETATM 1379 C C03 . OWP C 3 .   ? -0.374  4.212   2.724   1.00 21.67 ? 202 OWP A C03 1 
HETATM 1380 C C04 . OWP C 3 .   ? -1.289  4.982   1.783   1.00 23.68 ? 202 OWP A C04 1 
HETATM 1381 C C05 . OWP C 3 .   ? -1.629  6.380   2.250   1.00 26.73 ? 202 OWP A C05 1 
HETATM 1382 C C06 . OWP C 3 .   ? -2.966  6.708   2.422   1.00 25.92 ? 202 OWP A C06 1 
HETATM 1383 C C07 . OWP C 3 .   ? -3.310  7.977   2.844   1.00 27.68 ? 202 OWP A C07 1 
HETATM 1384 C C09 . OWP C 3 .   ? -5.615  7.372   2.723   1.00 22.95 ? 202 OWP A C09 1 
HETATM 1385 C C10 . OWP C 3 .   ? -2.314  8.912   3.073   1.00 29.55 ? 202 OWP A C10 1 
HETATM 1386 C C12 . OWP C 3 .   ? -2.830  10.199  4.907   1.00 28.69 ? 202 OWP A C12 1 
HETATM 1387 C C13 . OWP C 3 .   ? -0.975  8.599   2.886   1.00 31.78 ? 202 OWP A C13 1 
HETATM 1388 C C14 . OWP C 3 .   ? 0.118   9.621   3.169   1.00 37.88 ? 202 OWP A C14 1 
HETATM 1389 C C15 . OWP C 3 .   ? 0.555   10.548  2.293   1.00 42.37 ? 202 OWP A C15 1 
HETATM 1390 C C16 . OWP C 3 .   ? 1.527   11.614  2.786   1.00 48.05 ? 202 OWP A C16 1 
HETATM 1391 C C19 . OWP C 3 .   ? 4.977   10.362  1.856   1.00 46.51 ? 202 OWP A C19 1 
HETATM 1392 C C20 . OWP C 3 .   ? 3.732   12.554  3.213   1.00 71.26 ? 202 OWP A C20 1 
HETATM 1393 C C21 . OWP C 3 .   ? 4.272   12.249  4.615   1.00 57.61 ? 202 OWP A C21 1 
HETATM 1394 C C22 . OWP C 3 .   ? 5.488   13.102  4.948   1.00 59.92 ? 202 OWP A C22 1 
HETATM 1395 C C24 . OWP C 3 .   ? 4.881   12.856  2.246   1.00 58.64 ? 202 OWP A C24 1 
HETATM 1396 C C25 . OWP C 3 .   ? 5.473   11.797  1.602   1.00 56.22 ? 202 OWP A C25 1 
HETATM 1397 C C26 . OWP C 3 .   ? 6.533   12.041  0.700   1.00 50.41 ? 202 OWP A C26 1 
HETATM 1398 C C27 . OWP C 3 .   ? 6.977   13.341  0.465   1.00 48.31 ? 202 OWP A C27 1 
HETATM 1399 C C28 . OWP C 3 .   ? 6.373   14.415  1.120   1.00 54.24 ? 202 OWP A C28 1 
HETATM 1400 C C29 . OWP C 3 .   ? 5.322   14.181  2.002   1.00 56.85 ? 202 OWP A C29 1 
HETATM 1401 C C31 . OWP C 3 .   ? -0.630  7.324   2.471   1.00 28.78 ? 202 OWP A C31 1 
HETATM 1402 C C32 . OWP C 3 .   ? -0.086  4.608   4.043   1.00 21.72 ? 202 OWP A C32 1 
HETATM 1403 C C34 . OWP C 3 .   ? 1.289   2.749   4.279   1.00 19.29 ? 202 OWP A C34 1 
HETATM 1404 C C38 . OWP C 3 .   ? 6.777   12.572  4.889   1.00 54.57 ? 202 OWP A C38 1 
HETATM 1405 C C39 . OWP C 3 .   ? 5.307   14.432  5.309   1.00 66.42 ? 202 OWP A C39 1 
HETATM 1406 C C40 . OWP C 3 .   ? 7.871   13.377  5.191   1.00 60.07 ? 202 OWP A C40 1 
HETATM 1407 C C41 . OWP C 3 .   ? 6.402   15.234  5.607   1.00 64.90 ? 202 OWP A C41 1 
HETATM 1408 C C42 . OWP C 3 .   ? 7.684   14.704  5.548   1.00 60.85 ? 202 OWP A C42 1 
HETATM 1409 N N01 . OWP C 3 .   ? -0.039  2.560   0.928   1.00 18.50 ? 202 OWP A N01 1 
HETATM 1410 N N17 . OWP C 3 .   ? 2.951   11.460  2.715   1.00 55.48 ? 202 OWP A N17 1 
HETATM 1411 N N18 . OWP C 3 .   ? 3.559   10.302  2.151   1.00 47.69 ? 202 OWP A N18 1 
HETATM 1412 N N33 . OWP C 3 .   ? 0.749   3.852   4.772   1.00 21.43 ? 202 OWP A N33 1 
HETATM 1413 N N35 . OWP C 3 .   ? 2.178   1.979   5.067   1.00 16.20 ? 202 OWP A N35 1 
HETATM 1414 N N36 . OWP C 3 .   ? 1.045   2.346   3.055   1.00 19.23 ? 202 OWP A N36 1 
HETATM 1415 O O08 . OWP C 3 .   ? -4.649  8.345   3.046   1.00 25.15 ? 202 OWP A O08 1 
HETATM 1416 O O11 . OWP C 3 .   ? -2.674  10.183  3.511   1.00 32.50 ? 202 OWP A O11 1 
HETATM 1417 O O30 . OWP C 3 .   ? 1.080   12.638  3.264   1.00 49.01 ? 202 OWP A O30 1 
HETATM 1418 C C1  . GOL D 4 .   ? -2.536  -15.285 0.642   1.00 35.64 ? 203 GOL A C1  1 
HETATM 1419 O O1  . GOL D 4 .   ? -1.662  -16.014 1.512   1.00 24.73 ? 203 GOL A O1  1 
HETATM 1420 C C2  . GOL D 4 .   ? -1.717  -14.617 -0.456  1.00 52.77 ? 203 GOL A C2  1 
HETATM 1421 O O2  . GOL D 4 .   ? -1.469  -13.252 -0.102  1.00 53.36 ? 203 GOL A O2  1 
HETATM 1422 C C3  . GOL D 4 .   ? -2.490  -14.670 -1.769  1.00 33.83 ? 203 GOL A C3  1 
HETATM 1423 O O3  . GOL D 4 .   ? -1.583  -14.495 -2.864  1.00 26.96 ? 203 GOL A O3  1 
HETATM 1424 C C1  . GOL E 4 .   ? -4.571  -12.850 8.361   1.00 28.05 ? 204 GOL A C1  1 
HETATM 1425 O O1  . GOL E 4 .   ? -5.264  -12.934 7.111   1.00 22.94 ? 204 GOL A O1  1 
HETATM 1426 C C2  . GOL E 4 .   ? -3.594  -11.681 8.323   1.00 26.27 ? 204 GOL A C2  1 
HETATM 1427 O O2  . GOL E 4 .   ? -3.784  -10.863 9.483   1.00 38.96 ? 204 GOL A O2  1 
HETATM 1428 C C3  . GOL E 4 .   ? -2.166  -12.212 8.305   1.00 27.13 ? 204 GOL A C3  1 
HETATM 1429 O O3  . GOL E 4 .   ? -2.029  -13.249 9.283   1.00 33.67 ? 204 GOL A O3  1 
HETATM 1430 O O   . HOH F 5 .   ? -11.111 11.584  2.881   1.00 32.91 ? 301 HOH A O   1 
HETATM 1431 O O   . HOH F 5 .   ? -8.273  13.968  3.484   1.00 38.60 ? 302 HOH A O   1 
HETATM 1432 O O   . HOH F 5 .   ? 0.245   4.502   7.847   1.00 17.39 ? 303 HOH A O   1 
HETATM 1433 O O   . HOH F 5 .   ? 6.589   3.738   -13.583 1.00 26.48 ? 304 HOH A O   1 
HETATM 1434 O O   . HOH F 5 .   ? -3.738  -9.910  14.253  1.00 26.31 ? 305 HOH A O   1 
HETATM 1435 O O   . HOH F 5 .   ? 9.926   -7.914  14.395  1.00 22.00 ? 306 HOH A O   1 
HETATM 1436 O O   . HOH F 5 .   ? -5.853  9.754   6.059   1.00 21.62 ? 307 HOH A O   1 
HETATM 1437 O O   . HOH F 5 .   ? 11.758  2.765   -10.111 1.00 26.75 ? 308 HOH A O   1 
HETATM 1438 O O   . HOH F 5 .   ? 12.390  1.400   -2.534  1.00 22.65 ? 309 HOH A O   1 
HETATM 1439 O O   . HOH F 5 .   ? 10.999  3.742   13.136  1.00 27.47 ? 310 HOH A O   1 
HETATM 1440 O O   . HOH F 5 .   ? 3.209   11.755  -11.091 1.00 27.39 ? 311 HOH A O   1 
HETATM 1441 O O   . HOH F 5 .   ? 8.861   3.659   -11.271 1.00 26.35 ? 312 HOH A O   1 
HETATM 1442 O O   . HOH F 5 .   ? 10.838  -4.799  -3.318  1.00 16.87 ? 313 HOH A O   1 
HETATM 1443 O O   . HOH F 5 .   ? -5.723  2.995   -19.960 1.00 33.14 ? 314 HOH A O   1 
HETATM 1444 O O   . HOH F 5 .   ? -16.113 3.535   -0.159  1.00 31.53 ? 315 HOH A O   1 
HETATM 1445 O O   . HOH F 5 .   ? -9.806  -3.492  14.001  1.00 13.33 ? 316 HOH A O   1 
HETATM 1446 O O   . HOH F 5 .   ? 8.575   -14.897 -5.018  1.00 33.79 ? 317 HOH A O   1 
HETATM 1447 O O   . HOH F 5 .   ? 6.578   -17.169 6.669   1.00 22.09 ? 318 HOH A O   1 
HETATM 1448 O O   . HOH F 5 .   ? -12.873 4.260   3.911   1.00 16.99 ? 319 HOH A O   1 
HETATM 1449 O O   . HOH F 5 .   ? -13.769 3.955   0.970   1.00 23.92 ? 320 HOH A O   1 
HETATM 1450 O O   . HOH F 5 .   ? 0.255   -9.987  9.490   1.00 23.39 ? 321 HOH A O   1 
HETATM 1451 O O   . HOH F 5 .   ? -14.869 1.103   -2.161  1.00 32.39 ? 322 HOH A O   1 
HETATM 1452 O O   . HOH F 5 .   ? -9.541  5.772   14.240  1.00 22.60 ? 323 HOH A O   1 
HETATM 1453 O O   . HOH F 5 .   ? 7.407   -10.281 12.622  1.00 22.63 ? 324 HOH A O   1 
HETATM 1454 O O   . HOH F 5 .   ? -18.018 3.772   7.163   1.00 20.30 ? 325 HOH A O   1 
HETATM 1455 O O   . HOH F 5 .   ? 14.222  -17.968 0.449   1.00 27.47 ? 326 HOH A O   1 
HETATM 1456 O O   . HOH F 5 .   ? 13.730  -6.750  3.316   1.00 16.45 ? 327 HOH A O   1 
HETATM 1457 O O   . HOH F 5 .   ? -10.120 -7.039  1.481   1.00 12.66 ? 328 HOH A O   1 
HETATM 1458 O O   . HOH F 5 .   ? 13.260  5.261   -2.714  1.00 25.19 ? 329 HOH A O   1 
HETATM 1459 O O   . HOH F 5 .   ? 10.567  5.381   9.312   1.00 32.24 ? 330 HOH A O   1 
HETATM 1460 O O   . HOH F 5 .   ? 2.801   5.304   23.116  1.00 21.41 ? 331 HOH A O   1 
HETATM 1461 O O   . HOH F 5 .   ? -17.024 0.093   10.883  1.00 18.63 ? 332 HOH A O   1 
HETATM 1462 O O   . HOH F 5 .   ? 12.033  -15.115 -0.381  1.00 25.88 ? 333 HOH A O   1 
HETATM 1463 O O   . HOH F 5 .   ? -0.863  8.795   10.148  1.00 24.56 ? 334 HOH A O   1 
HETATM 1464 O O   . HOH F 5 .   ? 7.315   15.849  -7.616  1.00 31.99 ? 335 HOH A O   1 
HETATM 1465 O O   . HOH F 5 .   ? -11.743 9.339   -0.953  1.00 24.95 ? 336 HOH A O   1 
HETATM 1466 O O   . HOH F 5 .   ? -13.606 10.543  -10.820 1.00 30.18 ? 337 HOH A O   1 
HETATM 1467 O O   . HOH F 5 .   ? -11.629 8.603   9.513   1.00 21.25 ? 338 HOH A O   1 
HETATM 1468 O O   . HOH F 5 .   ? 11.048  -4.668  7.338   1.00 13.93 ? 339 HOH A O   1 
HETATM 1469 O O   . HOH F 5 .   ? 3.460   -18.803 -1.771  1.00 23.83 ? 340 HOH A O   1 
HETATM 1470 O O   . HOH F 5 .   ? -4.249  13.084  -15.106 1.00 33.29 ? 341 HOH A O   1 
HETATM 1471 O O   . HOH F 5 .   ? -12.796 3.957   -18.490 1.00 30.64 ? 342 HOH A O   1 
HETATM 1472 O O   . HOH F 5 .   ? 10.510  -16.389 -2.247  1.00 28.96 ? 343 HOH A O   1 
HETATM 1473 O O   . HOH F 5 .   ? -10.793 -8.750  10.705  1.00 13.51 ? 344 HOH A O   1 
HETATM 1474 O O   . HOH F 5 .   ? 4.948   -18.684 -5.887  1.00 34.07 ? 345 HOH A O   1 
HETATM 1475 O O   . HOH F 5 .   ? -14.681 -3.587  3.526   1.00 24.64 ? 346 HOH A O   1 
HETATM 1476 O O   . HOH F 5 .   ? -11.628 4.688   13.110  1.00 19.23 ? 347 HOH A O   1 
HETATM 1477 O O   . HOH F 5 .   ? 13.693  -1.431  15.796  1.00 21.76 ? 348 HOH A O   1 
HETATM 1478 O O   . HOH F 5 .   ? -9.338  -3.793  -14.634 1.00 31.37 ? 349 HOH A O   1 
HETATM 1479 O O   . HOH F 5 .   ? 4.519   4.301   -18.518 1.00 36.49 ? 350 HOH A O   1 
HETATM 1480 O O   . HOH F 5 .   ? 12.255  -1.615  -2.356  1.00 23.41 ? 351 HOH A O   1 
HETATM 1481 O O   . HOH F 5 .   ? 0.895   8.062   17.280  1.00 26.17 ? 352 HOH A O   1 
HETATM 1482 O O   . HOH F 5 .   ? 6.858   -7.180  15.910  1.00 28.26 ? 353 HOH A O   1 
HETATM 1483 O O   . HOH F 5 .   ? -15.270 8.530   -10.515 1.00 25.16 ? 354 HOH A O   1 
HETATM 1484 O O   . HOH F 5 .   ? 1.164   14.934  1.667   1.00 48.87 ? 355 HOH A O   1 
HETATM 1485 O O   . HOH F 5 .   ? -0.805  -22.440 1.810   1.00 32.42 ? 356 HOH A O   1 
HETATM 1486 O O   . HOH F 5 .   ? -10.679 3.277   16.022  1.00 16.85 ? 357 HOH A O   1 
HETATM 1487 O O   . HOH F 5 .   ? -7.803  -13.409 0.783   1.00 20.12 ? 358 HOH A O   1 
HETATM 1488 O O   . HOH F 5 .   ? -2.276  10.154  -17.895 1.00 32.44 ? 359 HOH A O   1 
HETATM 1489 O O   . HOH F 5 .   ? 12.422  1.073   13.328  1.00 24.63 ? 360 HOH A O   1 
HETATM 1490 O O   . HOH F 5 .   ? 6.717   -0.708  17.979  1.00 17.01 ? 361 HOH A O   1 
HETATM 1491 O O   . HOH F 5 .   ? 9.565   -16.442 6.933   1.00 15.92 ? 362 HOH A O   1 
HETATM 1492 O O   . HOH F 5 .   ? -5.417  -10.757 -6.350  1.00 20.92 ? 363 HOH A O   1 
HETATM 1493 O O   . HOH F 5 .   ? -16.035 8.412   -17.554 1.00 33.74 ? 364 HOH A O   1 
HETATM 1494 O O   . HOH F 5 .   ? 14.892  3.167   -3.686  1.00 31.19 ? 365 HOH A O   1 
HETATM 1495 O O   . HOH F 5 .   ? 3.533   -8.147  13.827  1.00 32.23 ? 366 HOH A O   1 
HETATM 1496 O O   . HOH F 5 .   ? 7.390   -2.568  5.473   1.00 13.13 ? 367 HOH A O   1 
HETATM 1497 O O   . HOH F 5 .   ? 4.497   -0.469  4.763   1.00 14.43 ? 368 HOH A O   1 
HETATM 1498 O O   . HOH F 5 .   ? -1.100  -17.317 -2.286  1.00 29.37 ? 369 HOH A O   1 
HETATM 1499 O O   . HOH F 5 .   ? 6.279   -3.410  17.215  1.00 19.16 ? 370 HOH A O   1 
HETATM 1500 O O   . HOH F 5 .   ? -8.123  -11.190 -3.382  1.00 28.26 ? 371 HOH A O   1 
HETATM 1501 O O   . HOH F 5 .   ? -13.931 -2.428  11.976  1.00 16.04 ? 372 HOH A O   1 
HETATM 1502 O O   . HOH F 5 .   ? -0.299  -16.898 8.950   1.00 28.59 ? 373 HOH A O   1 
HETATM 1503 O O   . HOH F 5 .   ? -15.069 -6.453  2.123   1.00 33.07 ? 374 HOH A O   1 
HETATM 1504 O O   . HOH F 5 .   ? -12.004 -7.933  18.531  1.00 36.32 ? 375 HOH A O   1 
HETATM 1505 O O   . HOH F 5 .   ? 14.777  6.598   -9.274  1.00 30.78 ? 376 HOH A O   1 
HETATM 1506 O O   . HOH F 5 .   ? -14.406 11.207  1.253   1.00 32.89 ? 377 HOH A O   1 
HETATM 1507 O O   . HOH F 5 .   ? -9.890  15.274  -8.454  1.00 38.15 ? 378 HOH A O   1 
HETATM 1508 O O   . HOH F 5 .   ? -18.681 4.610   -4.360  1.00 31.10 ? 379 HOH A O   1 
HETATM 1509 O O   . HOH F 5 .   ? 15.809  -8.897  3.437   1.00 17.14 ? 380 HOH A O   1 
HETATM 1510 O O   . HOH F 5 .   ? 11.407  -33.573 -1.749  1.00 34.72 ? 381 HOH A O   1 
HETATM 1511 O O   . HOH F 5 .   ? 0.397   6.629   8.954   1.00 19.93 ? 382 HOH A O   1 
HETATM 1512 O O   . HOH F 5 .   ? -13.344 -9.485  -0.592  1.00 24.21 ? 383 HOH A O   1 
HETATM 1513 O O   . HOH F 5 .   ? 1.607   -20.783 -1.782  1.00 32.11 ? 384 HOH A O   1 
HETATM 1514 O O   . HOH F 5 .   ? 5.252   -13.677 -7.449  1.00 27.41 ? 385 HOH A O   1 
HETATM 1515 O O   . HOH F 5 .   ? -13.617 5.759   14.637  1.00 26.93 ? 386 HOH A O   1 
HETATM 1516 O O   . HOH F 5 .   ? -12.275 -4.541  12.620  1.00 15.06 ? 387 HOH A O   1 
HETATM 1517 O O   . HOH F 5 .   ? 10.343  12.714  -1.419  1.00 38.37 ? 388 HOH A O   1 
HETATM 1518 O O   . HOH F 5 .   ? 10.548  17.731  -8.227  1.00 32.27 ? 389 HOH A O   1 
HETATM 1519 O O   . HOH F 5 .   ? -13.846 9.979   -2.981  1.00 42.14 ? 390 HOH A O   1 
HETATM 1520 O O   . HOH F 5 .   ? -14.596 11.822  -21.573 1.00 29.67 ? 391 HOH A O   1 
HETATM 1521 O O   . HOH F 5 .   ? -4.888  -16.846 1.491   1.00 30.34 ? 392 HOH A O   1 
HETATM 1522 O O   . HOH F 5 .   ? -3.225  -20.946 7.302   1.00 41.38 ? 393 HOH A O   1 
HETATM 1523 O O   . HOH F 5 .   ? 1.483   -17.773 -3.239  1.00 28.65 ? 394 HOH A O   1 
HETATM 1524 O O   . HOH F 5 .   ? 14.670  -8.557  0.755   1.00 22.06 ? 395 HOH A O   1 
HETATM 1525 O O   . HOH F 5 .   ? 11.026  -9.547  -4.033  1.00 30.54 ? 396 HOH A O   1 
HETATM 1526 O O   . HOH F 5 .   ? 11.927  -7.822  16.218  1.00 25.79 ? 397 HOH A O   1 
HETATM 1527 O O   . HOH F 5 .   ? 9.943   -3.127  5.270   1.00 17.11 ? 398 HOH A O   1 
HETATM 1528 O O   . HOH F 5 .   ? -5.466  -16.656 3.864   1.00 25.68 ? 399 HOH A O   1 
HETATM 1529 O O   . HOH F 5 .   ? 13.190  -1.552  18.537  1.00 23.50 ? 400 HOH A O   1 
HETATM 1530 O O   . HOH F 5 .   ? -12.624 -7.170  12.189  1.00 16.45 ? 401 HOH A O   1 
HETATM 1531 O O   . HOH F 5 .   ? -14.128 -8.277  14.205  1.00 25.16 ? 402 HOH A O   1 
HETATM 1532 O O   . HOH F 5 .   ? -11.847 3.895   18.357  1.00 22.34 ? 403 HOH A O   1 
HETATM 1533 O O   . HOH F 5 .   ? 13.082  9.703   2.351   1.00 35.82 ? 404 HOH A O   1 
HETATM 1534 O O   . HOH F 5 .   ? -12.220 11.686  0.666   1.00 31.78 ? 405 HOH A O   1 
HETATM 1535 O O   . HOH F 5 .   ? 2.547   15.003  11.617  1.00 42.32 ? 406 HOH A O   1 
HETATM 1536 O O   . HOH F 5 .   ? -8.774  -15.771 2.189   1.00 30.31 ? 407 HOH A O   1 
HETATM 1537 O O   . HOH F 5 .   ? 2.493   -9.802  12.136  1.00 33.52 ? 408 HOH A O   1 
# 
loop_
_pdbx_poly_seq_scheme.asym_id 
_pdbx_poly_seq_scheme.entity_id 
_pdbx_poly_seq_scheme.seq_id 
_pdbx_poly_seq_scheme.mon_id 
_pdbx_poly_seq_scheme.ndb_seq_num 
_pdbx_poly_seq_scheme.pdb_seq_num 
_pdbx_poly_seq_scheme.auth_seq_num 
_pdbx_poly_seq_scheme.pdb_mon_id 
_pdbx_poly_seq_scheme.auth_mon_id 
_pdbx_poly_seq_scheme.pdb_strand_id 
_pdbx_poly_seq_scheme.pdb_ins_code 
_pdbx_poly_seq_scheme.hetero 
A 1 1   MET 1   0   0   MET MET A . n 
A 1 2   THR 2   1   1   THR THR A . n 
A 1 3   LEU 3   2   2   LEU LEU A . n 
A 1 4   SER 4   3   3   SER SER A . n 
A 1 5   ILE 5   4   4   ILE ILE A . n 
A 1 6   LEU 6   5   5   LEU LEU A . n 
A 1 7   VAL 7   6   6   VAL VAL A . n 
A 1 8   ALA 8   7   7   ALA ALA A . n 
A 1 9   HIS 9   8   8   HIS HIS A . n 
A 1 10  ASP 10  9   9   ASP ASP A . n 
A 1 11  LEU 11  10  10  LEU LEU A . n 
A 1 12  GLN 12  11  11  GLN GLN A . n 
A 1 13  ARG 13  12  12  ARG ARG A . n 
A 1 14  VAL 14  13  13  VAL VAL A . n 
A 1 15  ILE 15  14  14  ILE ILE A . n 
A 1 16  GLY 16  15  15  GLY GLY A . n 
A 1 17  PHE 17  16  16  PHE PHE A . n 
A 1 18  GLU 18  17  17  GLU GLU A . n 
A 1 19  ASN 19  18  18  ASN ASN A . n 
A 1 20  GLN 20  19  19  GLN GLN A . n 
A 1 21  LEU 21  20  20  LEU LEU A . n 
A 1 22  PRO 22  21  21  PRO PRO A . n 
A 1 23  TRP 23  22  22  TRP TRP A . n 
A 1 24  HIS 24  23  23  HIS HIS A . n 
A 1 25  LEU 25  24  24  LEU LEU A . n 
A 1 26  PRO 26  25  25  PRO PRO A . n 
A 1 27  ASN 27  26  26  ASN ASN A . n 
A 1 28  ASP 28  27  27  ASP ASP A . n 
A 1 29  LEU 29  28  28  LEU LEU A . n 
A 1 30  LYS 30  29  29  LYS LYS A . n 
A 1 31  HIS 31  30  30  HIS HIS A . n 
A 1 32  VAL 32  31  31  VAL VAL A . n 
A 1 33  LYS 33  32  32  LYS LYS A . n 
A 1 34  LYS 34  33  33  LYS LYS A . n 
A 1 35  LEU 35  34  34  LEU LEU A . n 
A 1 36  SER 36  35  35  SER SER A . n 
A 1 37  THR 37  36  36  THR THR A . n 
A 1 38  GLY 38  37  37  GLY GLY A . n 
A 1 39  HIS 39  38  38  HIS HIS A . n 
A 1 40  THR 40  39  39  THR THR A . n 
A 1 41  LEU 41  40  40  LEU LEU A . n 
A 1 42  VAL 42  41  41  VAL VAL A . n 
A 1 43  MET 43  42  42  MET MET A . n 
A 1 44  GLY 44  43  43  GLY GLY A . n 
A 1 45  ARG 45  44  44  ARG ARG A . n 
A 1 46  LYS 46  45  45  LYS LYS A . n 
A 1 47  THR 47  46  46  THR THR A . n 
A 1 48  PHE 48  47  47  PHE PHE A . n 
A 1 49  GLU 49  48  48  GLU GLU A . n 
A 1 50  SER 50  49  49  SER SER A . n 
A 1 51  ILE 51  50  50  ILE ILE A . n 
A 1 52  GLY 52  51  51  GLY GLY A . n 
A 1 53  LYS 53  52  52  LYS LYS A . n 
A 1 54  PRO 54  53  53  PRO PRO A . n 
A 1 55  LEU 55  54  54  LEU LEU A . n 
A 1 56  PRO 56  55  55  PRO PRO A . n 
A 1 57  ASN 57  56  56  ASN ASN A . n 
A 1 58  ARG 58  57  57  ARG ARG A . n 
A 1 59  ARG 59  58  58  ARG ARG A . n 
A 1 60  ASN 60  59  59  ASN ASN A . n 
A 1 61  VAL 61  60  60  VAL VAL A . n 
A 1 62  VAL 62  61  61  VAL VAL A . n 
A 1 63  LEU 63  62  62  LEU LEU A . n 
A 1 64  THR 64  63  63  THR THR A . n 
A 1 65  SER 65  64  64  SER SER A . n 
A 1 66  ASP 66  65  65  ASP ASP A . n 
A 1 67  THR 67  66  66  THR THR A . n 
A 1 68  SER 68  67  67  SER SER A . n 
A 1 69  PHE 69  68  68  PHE PHE A . n 
A 1 70  ASN 70  69  69  ASN ASN A . n 
A 1 71  VAL 71  70  70  VAL VAL A . n 
A 1 72  GLU 72  71  71  GLU GLU A . n 
A 1 73  GLY 73  72  72  GLY GLY A . n 
A 1 74  VAL 74  73  73  VAL VAL A . n 
A 1 75  ASP 75  74  74  ASP ASP A . n 
A 1 76  VAL 76  75  75  VAL VAL A . n 
A 1 77  ILE 77  76  76  ILE ILE A . n 
A 1 78  HIS 78  77  77  HIS HIS A . n 
A 1 79  SER 79  78  78  SER SER A . n 
A 1 80  ILE 80  79  79  ILE ILE A . n 
A 1 81  GLU 81  80  80  GLU GLU A . n 
A 1 82  ASP 82  81  81  ASP ASP A . n 
A 1 83  ILE 83  82  82  ILE ILE A . n 
A 1 84  TYR 84  83  83  TYR TYR A . n 
A 1 85  GLN 85  84  84  GLN GLN A . n 
A 1 86  LEU 86  85  85  LEU LEU A . n 
A 1 87  PRO 87  86  86  PRO PRO A . n 
A 1 88  GLY 88  87  87  GLY GLY A . n 
A 1 89  HIS 89  88  88  HIS HIS A . n 
A 1 90  VAL 90  89  89  VAL VAL A . n 
A 1 91  PHE 91  90  90  PHE PHE A . n 
A 1 92  ILE 92  91  91  ILE ILE A . n 
A 1 93  PHE 93  92  92  PHE PHE A . n 
A 1 94  GLY 94  93  93  GLY GLY A . n 
A 1 95  GLY 95  94  94  GLY GLY A . n 
A 1 96  GLN 96  95  95  GLN GLN A . n 
A 1 97  THR 97  96  96  THR THR A . n 
A 1 98  LEU 98  97  97  LEU LEU A . n 
A 1 99  PHE 99  98  98  PHE PHE A . n 
A 1 100 GLU 100 99  99  GLU GLU A . n 
A 1 101 GLU 101 100 100 GLU GLU A . n 
A 1 102 MET 102 101 101 MET MET A . n 
A 1 103 ILE 103 102 102 ILE ILE A . n 
A 1 104 ASP 104 103 103 ASP ASP A . n 
A 1 105 LYS 105 104 104 LYS LYS A . n 
A 1 106 VAL 106 105 105 VAL VAL A . n 
A 1 107 ASP 107 106 106 ASP ASP A . n 
A 1 108 ASP 108 107 107 ASP ASP A . n 
A 1 109 MET 109 108 108 MET MET A . n 
A 1 110 TYR 110 109 109 TYR TYR A . n 
A 1 111 ILE 111 110 110 ILE ILE A . n 
A 1 112 THR 112 111 111 THR THR A . n 
A 1 113 VAL 113 112 112 VAL VAL A . n 
A 1 114 ILE 114 113 113 ILE ILE A . n 
A 1 115 GLU 115 114 114 GLU GLU A . n 
A 1 116 GLY 116 115 115 GLY GLY A . n 
A 1 117 LYS 117 116 116 LYS LYS A . n 
A 1 118 PHE 118 117 117 PHE PHE A . n 
A 1 119 ARG 119 118 118 ARG ARG A . n 
A 1 120 GLY 120 119 119 GLY GLY A . n 
A 1 121 ASP 121 120 120 ASP ASP A . n 
A 1 122 THR 122 121 121 THR THR A . n 
A 1 123 PHE 123 122 122 PHE PHE A . n 
A 1 124 PHE 124 123 123 PHE PHE A . n 
A 1 125 PRO 125 124 124 PRO PRO A . n 
A 1 126 PRO 126 125 125 PRO PRO A . n 
A 1 127 TYR 127 126 126 TYR TYR A . n 
A 1 128 THR 128 127 127 THR THR A . n 
A 1 129 PHE 129 128 128 PHE PHE A . n 
A 1 130 GLU 130 129 129 GLU GLU A . n 
A 1 131 ASP 131 130 130 ASP ASP A . n 
A 1 132 TRP 132 131 131 TRP TRP A . n 
A 1 133 GLU 133 132 132 GLU GLU A . n 
A 1 134 VAL 134 133 133 VAL VAL A . n 
A 1 135 ALA 135 134 134 ALA ALA A . n 
A 1 136 SER 136 135 135 SER SER A . n 
A 1 137 SER 137 136 136 SER SER A . n 
A 1 138 VAL 138 137 137 VAL VAL A . n 
A 1 139 GLU 139 138 138 GLU GLU A . n 
A 1 140 GLY 140 139 139 GLY GLY A . n 
A 1 141 LYS 141 140 140 LYS LYS A . n 
A 1 142 LEU 142 141 141 LEU LEU A . n 
A 1 143 ASP 143 142 142 ASP ASP A . n 
A 1 144 GLU 144 143 143 GLU GLU A . n 
A 1 145 LYS 145 144 144 LYS LYS A . n 
A 1 146 ASN 146 145 145 ASN ASN A . n 
A 1 147 THR 147 146 146 THR THR A . n 
A 1 148 ILE 148 147 147 ILE ILE A . n 
A 1 149 PRO 149 148 148 PRO PRO A . n 
A 1 150 HIS 150 149 149 HIS HIS A . n 
A 1 151 THR 151 150 150 THR THR A . n 
A 1 152 PHE 152 151 151 PHE PHE A . n 
A 1 153 LEU 153 152 152 LEU LEU A . n 
A 1 154 HIS 154 153 153 HIS HIS A . n 
A 1 155 LEU 155 154 154 LEU LEU A . n 
A 1 156 ILE 156 155 155 ILE ILE A . n 
A 1 157 ARG 157 156 156 ARG ARG A . n 
A 1 158 LYS 158 157 157 LYS LYS A . n 
A 1 159 LYS 159 158 158 LYS LYS A . n 
A 1 160 LEU 160 159 159 LEU LEU A . n 
A 1 161 VAL 161 160 160 VAL VAL A . n 
A 1 162 PRO 162 161 161 PRO PRO A . n 
A 1 163 ARG 163 162 162 ARG ARG A . n 
# 
loop_
_pdbx_nonpoly_scheme.asym_id 
_pdbx_nonpoly_scheme.entity_id 
_pdbx_nonpoly_scheme.mon_id 
_pdbx_nonpoly_scheme.ndb_seq_num 
_pdbx_nonpoly_scheme.pdb_seq_num 
_pdbx_nonpoly_scheme.auth_seq_num 
_pdbx_nonpoly_scheme.pdb_mon_id 
_pdbx_nonpoly_scheme.auth_mon_id 
_pdbx_nonpoly_scheme.pdb_strand_id 
_pdbx_nonpoly_scheme.pdb_ins_code 
B 2 NAP 1   201 201 NAP NAP A . 
C 3 OWP 1   202 301 OWP 60  A . 
D 4 GOL 1   203 401 GOL GOL A . 
E 4 GOL 1   204 501 GOL GOL A . 
F 5 HOH 1   301 111 HOH HOH A . 
F 5 HOH 2   302 47  HOH HOH A . 
F 5 HOH 3   303 90  HOH HOH A . 
F 5 HOH 4   304 25  HOH HOH A . 
F 5 HOH 5   305 83  HOH HOH A . 
F 5 HOH 6   306 77  HOH HOH A . 
F 5 HOH 7   307 16  HOH HOH A . 
F 5 HOH 8   308 61  HOH HOH A . 
F 5 HOH 9   309 29  HOH HOH A . 
F 5 HOH 10  310 106 HOH HOH A . 
F 5 HOH 11  311 44  HOH HOH A . 
F 5 HOH 12  312 27  HOH HOH A . 
F 5 HOH 13  313 20  HOH HOH A . 
F 5 HOH 14  314 71  HOH HOH A . 
F 5 HOH 15  315 49  HOH HOH A . 
F 5 HOH 16  316 9   HOH HOH A . 
F 5 HOH 17  317 66  HOH HOH A . 
F 5 HOH 18  318 19  HOH HOH A . 
F 5 HOH 19  319 15  HOH HOH A . 
F 5 HOH 20  320 31  HOH HOH A . 
F 5 HOH 21  321 98  HOH HOH A . 
F 5 HOH 22  322 53  HOH HOH A . 
F 5 HOH 23  323 57  HOH HOH A . 
F 5 HOH 24  324 30  HOH HOH A . 
F 5 HOH 25  325 10  HOH HOH A . 
F 5 HOH 26  326 55  HOH HOH A . 
F 5 HOH 27  327 32  HOH HOH A . 
F 5 HOH 28  328 1   HOH HOH A . 
F 5 HOH 29  329 108 HOH HOH A . 
F 5 HOH 30  330 52  HOH HOH A . 
F 5 HOH 31  331 59  HOH HOH A . 
F 5 HOH 32  332 21  HOH HOH A . 
F 5 HOH 33  333 103 HOH HOH A . 
F 5 HOH 34  334 56  HOH HOH A . 
F 5 HOH 35  335 107 HOH HOH A . 
F 5 HOH 36  336 93  HOH HOH A . 
F 5 HOH 37  337 112 HOH HOH A . 
F 5 HOH 38  338 13  HOH HOH A . 
F 5 HOH 39  339 7   HOH HOH A . 
F 5 HOH 40  340 23  HOH HOH A . 
F 5 HOH 41  341 42  HOH HOH A . 
F 5 HOH 42  342 68  HOH HOH A . 
F 5 HOH 43  343 79  HOH HOH A . 
F 5 HOH 44  344 3   HOH HOH A . 
F 5 HOH 45  345 51  HOH HOH A . 
F 5 HOH 46  346 86  HOH HOH A . 
F 5 HOH 47  347 105 HOH HOH A . 
F 5 HOH 48  348 39  HOH HOH A . 
F 5 HOH 49  349 62  HOH HOH A . 
F 5 HOH 50  350 50  HOH HOH A . 
F 5 HOH 51  351 64  HOH HOH A . 
F 5 HOH 52  352 43  HOH HOH A . 
F 5 HOH 53  353 58  HOH HOH A . 
F 5 HOH 54  354 28  HOH HOH A . 
F 5 HOH 55  355 54  HOH HOH A . 
F 5 HOH 56  356 101 HOH HOH A . 
F 5 HOH 57  357 36  HOH HOH A . 
F 5 HOH 58  358 74  HOH HOH A . 
F 5 HOH 59  359 82  HOH HOH A . 
F 5 HOH 60  360 34  HOH HOH A . 
F 5 HOH 61  361 8   HOH HOH A . 
F 5 HOH 62  362 17  HOH HOH A . 
F 5 HOH 63  363 12  HOH HOH A . 
F 5 HOH 64  364 115 HOH HOH A . 
F 5 HOH 65  365 67  HOH HOH A . 
F 5 HOH 66  366 65  HOH HOH A . 
F 5 HOH 67  367 4   HOH HOH A . 
F 5 HOH 68  368 5   HOH HOH A . 
F 5 HOH 69  369 35  HOH HOH A . 
F 5 HOH 70  370 18  HOH HOH A . 
F 5 HOH 71  371 80  HOH HOH A . 
F 5 HOH 72  372 104 HOH HOH A . 
F 5 HOH 73  373 75  HOH HOH A . 
F 5 HOH 74  374 48  HOH HOH A . 
F 5 HOH 75  375 76  HOH HOH A . 
F 5 HOH 76  376 84  HOH HOH A . 
F 5 HOH 77  377 110 HOH HOH A . 
F 5 HOH 78  378 45  HOH HOH A . 
F 5 HOH 79  379 38  HOH HOH A . 
F 5 HOH 80  380 89  HOH HOH A . 
F 5 HOH 81  381 78  HOH HOH A . 
F 5 HOH 82  382 92  HOH HOH A . 
F 5 HOH 83  383 63  HOH HOH A . 
F 5 HOH 84  384 60  HOH HOH A . 
F 5 HOH 85  385 113 HOH HOH A . 
F 5 HOH 86  386 24  HOH HOH A . 
F 5 HOH 87  387 11  HOH HOH A . 
F 5 HOH 88  388 109 HOH HOH A . 
F 5 HOH 89  389 37  HOH HOH A . 
F 5 HOH 90  390 72  HOH HOH A . 
F 5 HOH 91  391 97  HOH HOH A . 
F 5 HOH 92  392 100 HOH HOH A . 
F 5 HOH 93  393 99  HOH HOH A . 
F 5 HOH 94  394 69  HOH HOH A . 
F 5 HOH 95  395 96  HOH HOH A . 
F 5 HOH 96  396 102 HOH HOH A . 
F 5 HOH 97  397 26  HOH HOH A . 
F 5 HOH 98  398 22  HOH HOH A . 
F 5 HOH 99  399 81  HOH HOH A . 
F 5 HOH 100 400 40  HOH HOH A . 
F 5 HOH 101 401 46  HOH HOH A . 
F 5 HOH 102 402 73  HOH HOH A . 
F 5 HOH 103 403 33  HOH HOH A . 
F 5 HOH 104 404 70  HOH HOH A . 
F 5 HOH 105 405 114 HOH HOH A . 
F 5 HOH 106 406 85  HOH HOH A . 
F 5 HOH 107 407 87  HOH HOH A . 
F 5 HOH 108 408 14  HOH HOH A . 
# 
_pdbx_struct_assembly.id                   1 
_pdbx_struct_assembly.details              author_and_software_defined_assembly 
_pdbx_struct_assembly.method_details       PISA 
_pdbx_struct_assembly.oligomeric_details   monomeric 
_pdbx_struct_assembly.oligomeric_count     1 
# 
_pdbx_struct_assembly_gen.assembly_id       1 
_pdbx_struct_assembly_gen.oper_expression   1 
_pdbx_struct_assembly_gen.asym_id_list      A,B,C,D,E,F 
# 
_pdbx_struct_oper_list.id                   1 
_pdbx_struct_oper_list.type                 'identity operation' 
_pdbx_struct_oper_list.name                 1_555 
_pdbx_struct_oper_list.symmetry_operation   x,y,z 
_pdbx_struct_oper_list.matrix[1][1]         1.0000000000 
_pdbx_struct_oper_list.matrix[1][2]         0.0000000000 
_pdbx_struct_oper_list.matrix[1][3]         0.0000000000 
_pdbx_struct_oper_list.vector[1]            0.0000000000 
_pdbx_struct_oper_list.matrix[2][1]         0.0000000000 
_pdbx_struct_oper_list.matrix[2][2]         1.0000000000 
_pdbx_struct_oper_list.matrix[2][3]         0.0000000000 
_pdbx_struct_oper_list.vector[2]            0.0000000000 
_pdbx_struct_oper_list.matrix[3][1]         0.0000000000 
_pdbx_struct_oper_list.matrix[3][2]         0.0000000000 
_pdbx_struct_oper_list.matrix[3][3]         1.0000000000 
_pdbx_struct_oper_list.vector[3]            0.0000000000 
# 
loop_
_pdbx_audit_revision_history.ordinal 
_pdbx_audit_revision_history.data_content_type 
_pdbx_audit_revision_history.major_revision 
_pdbx_audit_revision_history.minor_revision 
_pdbx_audit_revision_history.revision_date 
1 'Structure model' 1 0 2020-06-17 
2 'Structure model' 1 1 2023-10-11 
# 
_pdbx_audit_revision_details.ordinal             1 
_pdbx_audit_revision_details.revision_ordinal    1 
_pdbx_audit_revision_details.data_content_type   'Structure model' 
_pdbx_audit_revision_details.provider            repository 
_pdbx_audit_revision_details.type                'Initial release' 
_pdbx_audit_revision_details.description         ? 
_pdbx_audit_revision_details.details             ? 
# 
loop_
_pdbx_audit_revision_group.ordinal 
_pdbx_audit_revision_group.revision_ordinal 
_pdbx_audit_revision_group.data_content_type 
_pdbx_audit_revision_group.group 
1 2 'Structure model' 'Data collection'        
2 2 'Structure model' 'Database references'    
3 2 'Structure model' 'Refinement description' 
# 
loop_
_pdbx_audit_revision_category.ordinal 
_pdbx_audit_revision_category.revision_ordinal 
_pdbx_audit_revision_category.data_content_type 
_pdbx_audit_revision_category.category 
1 2 'Structure model' chem_comp_atom                
2 2 'Structure model' chem_comp_bond                
3 2 'Structure model' database_2                    
4 2 'Structure model' pdbx_initial_refinement_model 
# 
loop_
_pdbx_audit_revision_item.ordinal 
_pdbx_audit_revision_item.revision_ordinal 
_pdbx_audit_revision_item.data_content_type 
_pdbx_audit_revision_item.item 
1 2 'Structure model' '_database_2.pdbx_DOI'                
2 2 'Structure model' '_database_2.pdbx_database_accession' 
# 
loop_
_space_group_symop.id 
_space_group_symop.operation_xyz 
1  x,y,z          
2  x-y,x,z+1/6    
3  y,-x+y,z+5/6   
4  -y,x-y,z+1/3   
5  -x+y,-x,z+2/3  
6  x-y,-y,-z      
7  -x,-x+y,-z+2/3 
8  -x,-y,z+1/2    
9  y,x,-z+1/3     
10 -y,-x,-z+5/6   
11 -x+y,y,-z+1/2  
12 x,x-y,-z+1/6   
# 
loop_
_software.citation_id 
_software.classification 
_software.compiler_name 
_software.compiler_version 
_software.contact_author 
_software.contact_author_email 
_software.date 
_software.description 
_software.dependencies 
_software.hardware 
_software.language 
_software.location 
_software.mods 
_software.name 
_software.os 
_software.os_version 
_software.type 
_software.version 
_software.pdbx_ordinal 
? refinement        ? ? ? ? ? ? ? ? ? ? ? PHENIX       ? ? ? 1.8.4_1496 1 
? 'data collection' ? ? ? ? ? ? ? ? ? ? ? CrystalClear ? ? ? .          2 
? 'data reduction'  ? ? ? ? ? ? ? ? ? ? ? d*TREK       ? ? ? .          3 
? 'data scaling'    ? ? ? ? ? ? ? ? ? ? ? d*TREK       ? ? ? .          4 
? phasing           ? ? ? ? ? ? ? ? ? ? ? PHASER       ? ? ? .          5 
# 
_pdbx_entry_details.entry_id                 6PR7 
_pdbx_entry_details.nonpolymer_details       ? 
_pdbx_entry_details.sequence_details         ? 
_pdbx_entry_details.compound_details         ? 
_pdbx_entry_details.source_details           ? 
_pdbx_entry_details.has_ligand_of_interest   Y 
# 
loop_
_pdbx_validate_torsion.id 
_pdbx_validate_torsion.PDB_model_num 
_pdbx_validate_torsion.auth_comp_id 
_pdbx_validate_torsion.auth_asym_id 
_pdbx_validate_torsion.auth_seq_id 
_pdbx_validate_torsion.PDB_ins_code 
_pdbx_validate_torsion.label_alt_id 
_pdbx_validate_torsion.phi 
_pdbx_validate_torsion.psi 
1 1 HIS A 38 ? ? -123.57 -154.06 
2 1 ASN A 56 ? ? 70.37   34.10   
# 
loop_
_pdbx_unobs_or_zero_occ_atoms.id 
_pdbx_unobs_or_zero_occ_atoms.PDB_model_num 
_pdbx_unobs_or_zero_occ_atoms.polymer_flag 
_pdbx_unobs_or_zero_occ_atoms.occupancy_flag 
_pdbx_unobs_or_zero_occ_atoms.auth_asym_id 
_pdbx_unobs_or_zero_occ_atoms.auth_comp_id 
_pdbx_unobs_or_zero_occ_atoms.auth_seq_id 
_pdbx_unobs_or_zero_occ_atoms.PDB_ins_code 
_pdbx_unobs_or_zero_occ_atoms.auth_atom_id 
_pdbx_unobs_or_zero_occ_atoms.label_alt_id 
_pdbx_unobs_or_zero_occ_atoms.label_asym_id 
_pdbx_unobs_or_zero_occ_atoms.label_comp_id 
_pdbx_unobs_or_zero_occ_atoms.label_seq_id 
_pdbx_unobs_or_zero_occ_atoms.label_atom_id 
1  1 Y 1 A GLU 71  ? CD  ? A GLU 72  CD  
2  1 Y 1 A GLU 71  ? OE1 ? A GLU 72  OE1 
3  1 Y 1 A GLU 71  ? OE2 ? A GLU 72  OE2 
4  1 Y 1 A GLU 143 ? CG  ? A GLU 144 CG  
5  1 Y 1 A GLU 143 ? CD  ? A GLU 144 CD  
6  1 Y 1 A GLU 143 ? OE1 ? A GLU 144 OE1 
7  1 Y 1 A GLU 143 ? OE2 ? A GLU 144 OE2 
8  1 Y 1 A LYS 144 ? CE  ? A LYS 145 CE  
9  1 Y 1 A LYS 144 ? NZ  ? A LYS 145 NZ  
10 1 Y 1 A ARG 162 ? CD  ? A ARG 163 CD  
11 1 Y 1 A ARG 162 ? NE  ? A ARG 163 NE  
12 1 Y 1 A ARG 162 ? CZ  ? A ARG 163 CZ  
13 1 Y 1 A ARG 162 ? NH1 ? A ARG 163 NH1 
14 1 Y 1 A ARG 162 ? NH2 ? A ARG 163 NH2 
# 
loop_
_chem_comp_atom.comp_id 
_chem_comp_atom.atom_id 
_chem_comp_atom.type_symbol 
_chem_comp_atom.pdbx_aromatic_flag 
_chem_comp_atom.pdbx_stereo_config 
_chem_comp_atom.pdbx_ordinal 
ALA N    N N N 1   
ALA CA   C N S 2   
ALA C    C N N 3   
ALA O    O N N 4   
ALA CB   C N N 5   
ALA OXT  O N N 6   
ALA H    H N N 7   
ALA H2   H N N 8   
ALA HA   H N N 9   
ALA HB1  H N N 10  
ALA HB2  H N N 11  
ALA HB3  H N N 12  
ALA HXT  H N N 13  
ARG N    N N N 14  
ARG CA   C N S 15  
ARG C    C N N 16  
ARG O    O N N 17  
ARG CB   C N N 18  
ARG CG   C N N 19  
ARG CD   C N N 20  
ARG NE   N N N 21  
ARG CZ   C N N 22  
ARG NH1  N N N 23  
ARG NH2  N N N 24  
ARG OXT  O N N 25  
ARG H    H N N 26  
ARG H2   H N N 27  
ARG HA   H N N 28  
ARG HB2  H N N 29  
ARG HB3  H N N 30  
ARG HG2  H N N 31  
ARG HG3  H N N 32  
ARG HD2  H N N 33  
ARG HD3  H N N 34  
ARG HE   H N N 35  
ARG HH11 H N N 36  
ARG HH12 H N N 37  
ARG HH21 H N N 38  
ARG HH22 H N N 39  
ARG HXT  H N N 40  
ASN N    N N N 41  
ASN CA   C N S 42  
ASN C    C N N 43  
ASN O    O N N 44  
ASN CB   C N N 45  
ASN CG   C N N 46  
ASN OD1  O N N 47  
ASN ND2  N N N 48  
ASN OXT  O N N 49  
ASN H    H N N 50  
ASN H2   H N N 51  
ASN HA   H N N 52  
ASN HB2  H N N 53  
ASN HB3  H N N 54  
ASN HD21 H N N 55  
ASN HD22 H N N 56  
ASN HXT  H N N 57  
ASP N    N N N 58  
ASP CA   C N S 59  
ASP C    C N N 60  
ASP O    O N N 61  
ASP CB   C N N 62  
ASP CG   C N N 63  
ASP OD1  O N N 64  
ASP OD2  O N N 65  
ASP OXT  O N N 66  
ASP H    H N N 67  
ASP H2   H N N 68  
ASP HA   H N N 69  
ASP HB2  H N N 70  
ASP HB3  H N N 71  
ASP HD2  H N N 72  
ASP HXT  H N N 73  
GLN N    N N N 74  
GLN CA   C N S 75  
GLN C    C N N 76  
GLN O    O N N 77  
GLN CB   C N N 78  
GLN CG   C N N 79  
GLN CD   C N N 80  
GLN OE1  O N N 81  
GLN NE2  N N N 82  
GLN OXT  O N N 83  
GLN H    H N N 84  
GLN H2   H N N 85  
GLN HA   H N N 86  
GLN HB2  H N N 87  
GLN HB3  H N N 88  
GLN HG2  H N N 89  
GLN HG3  H N N 90  
GLN HE21 H N N 91  
GLN HE22 H N N 92  
GLN HXT  H N N 93  
GLU N    N N N 94  
GLU CA   C N S 95  
GLU C    C N N 96  
GLU O    O N N 97  
GLU CB   C N N 98  
GLU CG   C N N 99  
GLU CD   C N N 100 
GLU OE1  O N N 101 
GLU OE2  O N N 102 
GLU OXT  O N N 103 
GLU H    H N N 104 
GLU H2   H N N 105 
GLU HA   H N N 106 
GLU HB2  H N N 107 
GLU HB3  H N N 108 
GLU HG2  H N N 109 
GLU HG3  H N N 110 
GLU HE2  H N N 111 
GLU HXT  H N N 112 
GLY N    N N N 113 
GLY CA   C N N 114 
GLY C    C N N 115 
GLY O    O N N 116 
GLY OXT  O N N 117 
GLY H    H N N 118 
GLY H2   H N N 119 
GLY HA2  H N N 120 
GLY HA3  H N N 121 
GLY HXT  H N N 122 
GOL C1   C N N 123 
GOL O1   O N N 124 
GOL C2   C N N 125 
GOL O2   O N N 126 
GOL C3   C N N 127 
GOL O3   O N N 128 
GOL H11  H N N 129 
GOL H12  H N N 130 
GOL HO1  H N N 131 
GOL H2   H N N 132 
GOL HO2  H N N 133 
GOL H31  H N N 134 
GOL H32  H N N 135 
GOL HO3  H N N 136 
HIS N    N N N 137 
HIS CA   C N S 138 
HIS C    C N N 139 
HIS O    O N N 140 
HIS CB   C N N 141 
HIS CG   C Y N 142 
HIS ND1  N Y N 143 
HIS CD2  C Y N 144 
HIS CE1  C Y N 145 
HIS NE2  N Y N 146 
HIS OXT  O N N 147 
HIS H    H N N 148 
HIS H2   H N N 149 
HIS HA   H N N 150 
HIS HB2  H N N 151 
HIS HB3  H N N 152 
HIS HD1  H N N 153 
HIS HD2  H N N 154 
HIS HE1  H N N 155 
HIS HE2  H N N 156 
HIS HXT  H N N 157 
HOH O    O N N 158 
HOH H1   H N N 159 
HOH H2   H N N 160 
ILE N    N N N 161 
ILE CA   C N S 162 
ILE C    C N N 163 
ILE O    O N N 164 
ILE CB   C N S 165 
ILE CG1  C N N 166 
ILE CG2  C N N 167 
ILE CD1  C N N 168 
ILE OXT  O N N 169 
ILE H    H N N 170 
ILE H2   H N N 171 
ILE HA   H N N 172 
ILE HB   H N N 173 
ILE HG12 H N N 174 
ILE HG13 H N N 175 
ILE HG21 H N N 176 
ILE HG22 H N N 177 
ILE HG23 H N N 178 
ILE HD11 H N N 179 
ILE HD12 H N N 180 
ILE HD13 H N N 181 
ILE HXT  H N N 182 
LEU N    N N N 183 
LEU CA   C N S 184 
LEU C    C N N 185 
LEU O    O N N 186 
LEU CB   C N N 187 
LEU CG   C N N 188 
LEU CD1  C N N 189 
LEU CD2  C N N 190 
LEU OXT  O N N 191 
LEU H    H N N 192 
LEU H2   H N N 193 
LEU HA   H N N 194 
LEU HB2  H N N 195 
LEU HB3  H N N 196 
LEU HG   H N N 197 
LEU HD11 H N N 198 
LEU HD12 H N N 199 
LEU HD13 H N N 200 
LEU HD21 H N N 201 
LEU HD22 H N N 202 
LEU HD23 H N N 203 
LEU HXT  H N N 204 
LYS N    N N N 205 
LYS CA   C N S 206 
LYS C    C N N 207 
LYS O    O N N 208 
LYS CB   C N N 209 
LYS CG   C N N 210 
LYS CD   C N N 211 
LYS CE   C N N 212 
LYS NZ   N N N 213 
LYS OXT  O N N 214 
LYS H    H N N 215 
LYS H2   H N N 216 
LYS HA   H N N 217 
LYS HB2  H N N 218 
LYS HB3  H N N 219 
LYS HG2  H N N 220 
LYS HG3  H N N 221 
LYS HD2  H N N 222 
LYS HD3  H N N 223 
LYS HE2  H N N 224 
LYS HE3  H N N 225 
LYS HZ1  H N N 226 
LYS HZ2  H N N 227 
LYS HZ3  H N N 228 
LYS HXT  H N N 229 
MET N    N N N 230 
MET CA   C N S 231 
MET C    C N N 232 
MET O    O N N 233 
MET CB   C N N 234 
MET CG   C N N 235 
MET SD   S N N 236 
MET CE   C N N 237 
MET OXT  O N N 238 
MET H    H N N 239 
MET H2   H N N 240 
MET HA   H N N 241 
MET HB2  H N N 242 
MET HB3  H N N 243 
MET HG2  H N N 244 
MET HG3  H N N 245 
MET HE1  H N N 246 
MET HE2  H N N 247 
MET HE3  H N N 248 
MET HXT  H N N 249 
NAP PA   P N R 250 
NAP O1A  O N N 251 
NAP O2A  O N N 252 
NAP O5B  O N N 253 
NAP C5B  C N N 254 
NAP C4B  C N R 255 
NAP O4B  O N N 256 
NAP C3B  C N R 257 
NAP O3B  O N N 258 
NAP C2B  C N R 259 
NAP O2B  O N N 260 
NAP C1B  C N R 261 
NAP N9A  N Y N 262 
NAP C8A  C Y N 263 
NAP N7A  N Y N 264 
NAP C5A  C Y N 265 
NAP C6A  C Y N 266 
NAP N6A  N N N 267 
NAP N1A  N Y N 268 
NAP C2A  C Y N 269 
NAP N3A  N Y N 270 
NAP C4A  C Y N 271 
NAP O3   O N N 272 
NAP PN   P N N 273 
NAP O1N  O N N 274 
NAP O2N  O N N 275 
NAP O5D  O N N 276 
NAP C5D  C N N 277 
NAP C4D  C N R 278 
NAP O4D  O N N 279 
NAP C3D  C N S 280 
NAP O3D  O N N 281 
NAP C2D  C N R 282 
NAP O2D  O N N 283 
NAP C1D  C N R 284 
NAP N1N  N Y N 285 
NAP C2N  C Y N 286 
NAP C3N  C Y N 287 
NAP C7N  C N N 288 
NAP O7N  O N N 289 
NAP N7N  N N N 290 
NAP C4N  C Y N 291 
NAP C5N  C Y N 292 
NAP C6N  C Y N 293 
NAP P2B  P N N 294 
NAP O1X  O N N 295 
NAP O2X  O N N 296 
NAP O3X  O N N 297 
NAP HOA2 H N N 298 
NAP H51A H N N 299 
NAP H52A H N N 300 
NAP H4B  H N N 301 
NAP H3B  H N N 302 
NAP HO3A H N N 303 
NAP H2B  H N N 304 
NAP H1B  H N N 305 
NAP H8A  H N N 306 
NAP H61A H N N 307 
NAP H62A H N N 308 
NAP H2A  H N N 309 
NAP H51N H N N 310 
NAP H52N H N N 311 
NAP H4D  H N N 312 
NAP H3D  H N N 313 
NAP HO3N H N N 314 
NAP H2D  H N N 315 
NAP HO2N H N N 316 
NAP H1D  H N N 317 
NAP H2N  H N N 318 
NAP H71N H N N 319 
NAP H72N H N N 320 
NAP H4N  H N N 321 
NAP H5N  H N N 322 
NAP H6N  H N N 323 
NAP HOP2 H N N 324 
NAP HOP3 H N N 325 
OWP C02  C Y N 326 
OWP C03  C Y N 327 
OWP C04  C N N 328 
OWP C05  C Y N 329 
OWP C06  C Y N 330 
OWP C07  C Y N 331 
OWP C09  C N N 332 
OWP C10  C Y N 333 
OWP C12  C N N 334 
OWP C13  C Y N 335 
OWP C14  C N N 336 
OWP C15  C N N 337 
OWP C16  C N N 338 
OWP C19  C N N 339 
OWP C20  C N S 340 
OWP C21  C N N 341 
OWP C22  C Y N 342 
OWP C24  C Y N 343 
OWP C25  C Y N 344 
OWP C26  C Y N 345 
OWP C27  C Y N 346 
OWP C28  C Y N 347 
OWP C29  C Y N 348 
OWP C31  C Y N 349 
OWP C32  C Y N 350 
OWP C34  C Y N 351 
OWP C38  C Y N 352 
OWP C39  C Y N 353 
OWP C40  C Y N 354 
OWP C41  C Y N 355 
OWP C42  C Y N 356 
OWP N01  N N N 357 
OWP N17  N N N 358 
OWP N18  N N N 359 
OWP N33  N Y N 360 
OWP N35  N N N 361 
OWP N36  N Y N 362 
OWP O08  O N N 363 
OWP O11  O N N 364 
OWP O30  O N N 365 
OWP H1   H N N 366 
OWP H2   H N N 367 
OWP H3   H N N 368 
OWP H4   H N N 369 
OWP H5   H N N 370 
OWP H6   H N N 371 
OWP H7   H N N 372 
OWP H8   H N N 373 
OWP H9   H N N 374 
OWP H10  H N N 375 
OWP H11  H N N 376 
OWP H12  H N N 377 
OWP H13  H N N 378 
OWP H14  H N N 379 
OWP H15  H N N 380 
OWP H16  H N N 381 
OWP H17  H N N 382 
OWP H18  H N N 383 
OWP H19  H N N 384 
OWP H20  H N N 385 
OWP H21  H N N 386 
OWP H22  H N N 387 
OWP H23  H N N 388 
OWP H24  H N N 389 
OWP H25  H N N 390 
OWP H26  H N N 391 
OWP H27  H N N 392 
OWP H28  H N N 393 
OWP H29  H N N 394 
OWP H30  H N N 395 
OWP H31  H N N 396 
OWP H32  H N N 397 
PHE N    N N N 398 
PHE CA   C N S 399 
PHE C    C N N 400 
PHE O    O N N 401 
PHE CB   C N N 402 
PHE CG   C Y N 403 
PHE CD1  C Y N 404 
PHE CD2  C Y N 405 
PHE CE1  C Y N 406 
PHE CE2  C Y N 407 
PHE CZ   C Y N 408 
PHE OXT  O N N 409 
PHE H    H N N 410 
PHE H2   H N N 411 
PHE HA   H N N 412 
PHE HB2  H N N 413 
PHE HB3  H N N 414 
PHE HD1  H N N 415 
PHE HD2  H N N 416 
PHE HE1  H N N 417 
PHE HE2  H N N 418 
PHE HZ   H N N 419 
PHE HXT  H N N 420 
PRO N    N N N 421 
PRO CA   C N S 422 
PRO C    C N N 423 
PRO O    O N N 424 
PRO CB   C N N 425 
PRO CG   C N N 426 
PRO CD   C N N 427 
PRO OXT  O N N 428 
PRO H    H N N 429 
PRO HA   H N N 430 
PRO HB2  H N N 431 
PRO HB3  H N N 432 
PRO HG2  H N N 433 
PRO HG3  H N N 434 
PRO HD2  H N N 435 
PRO HD3  H N N 436 
PRO HXT  H N N 437 
SER N    N N N 438 
SER CA   C N S 439 
SER C    C N N 440 
SER O    O N N 441 
SER CB   C N N 442 
SER OG   O N N 443 
SER OXT  O N N 444 
SER H    H N N 445 
SER H2   H N N 446 
SER HA   H N N 447 
SER HB2  H N N 448 
SER HB3  H N N 449 
SER HG   H N N 450 
SER HXT  H N N 451 
THR N    N N N 452 
THR CA   C N S 453 
THR C    C N N 454 
THR O    O N N 455 
THR CB   C N R 456 
THR OG1  O N N 457 
THR CG2  C N N 458 
THR OXT  O N N 459 
THR H    H N N 460 
THR H2   H N N 461 
THR HA   H N N 462 
THR HB   H N N 463 
THR HG1  H N N 464 
THR HG21 H N N 465 
THR HG22 H N N 466 
THR HG23 H N N 467 
THR HXT  H N N 468 
TRP N    N N N 469 
TRP CA   C N S 470 
TRP C    C N N 471 
TRP O    O N N 472 
TRP CB   C N N 473 
TRP CG   C Y N 474 
TRP CD1  C Y N 475 
TRP CD2  C Y N 476 
TRP NE1  N Y N 477 
TRP CE2  C Y N 478 
TRP CE3  C Y N 479 
TRP CZ2  C Y N 480 
TRP CZ3  C Y N 481 
TRP CH2  C Y N 482 
TRP OXT  O N N 483 
TRP H    H N N 484 
TRP H2   H N N 485 
TRP HA   H N N 486 
TRP HB2  H N N 487 
TRP HB3  H N N 488 
TRP HD1  H N N 489 
TRP HE1  H N N 490 
TRP HE3  H N N 491 
TRP HZ2  H N N 492 
TRP HZ3  H N N 493 
TRP HH2  H N N 494 
TRP HXT  H N N 495 
TYR N    N N N 496 
TYR CA   C N S 497 
TYR C    C N N 498 
TYR O    O N N 499 
TYR CB   C N N 500 
TYR CG   C Y N 501 
TYR CD1  C Y N 502 
TYR CD2  C Y N 503 
TYR CE1  C Y N 504 
TYR CE2  C Y N 505 
TYR CZ   C Y N 506 
TYR OH   O N N 507 
TYR OXT  O N N 508 
TYR H    H N N 509 
TYR H2   H N N 510 
TYR HA   H N N 511 
TYR HB2  H N N 512 
TYR HB3  H N N 513 
TYR HD1  H N N 514 
TYR HD2  H N N 515 
TYR HE1  H N N 516 
TYR HE2  H N N 517 
TYR HH   H N N 518 
TYR HXT  H N N 519 
VAL N    N N N 520 
VAL CA   C N S 521 
VAL C    C N N 522 
VAL O    O N N 523 
VAL CB   C N N 524 
VAL CG1  C N N 525 
VAL CG2  C N N 526 
VAL OXT  O N N 527 
VAL H    H N N 528 
VAL H2   H N N 529 
VAL HA   H N N 530 
VAL HB   H N N 531 
VAL HG11 H N N 532 
VAL HG12 H N N 533 
VAL HG13 H N N 534 
VAL HG21 H N N 535 
VAL HG22 H N N 536 
VAL HG23 H N N 537 
VAL HXT  H N N 538 
# 
loop_
_chem_comp_bond.comp_id 
_chem_comp_bond.atom_id_1 
_chem_comp_bond.atom_id_2 
_chem_comp_bond.value_order 
_chem_comp_bond.pdbx_aromatic_flag 
_chem_comp_bond.pdbx_stereo_config 
_chem_comp_bond.pdbx_ordinal 
ALA N   CA   sing N N 1   
ALA N   H    sing N N 2   
ALA N   H2   sing N N 3   
ALA CA  C    sing N N 4   
ALA CA  CB   sing N N 5   
ALA CA  HA   sing N N 6   
ALA C   O    doub N N 7   
ALA C   OXT  sing N N 8   
ALA CB  HB1  sing N N 9   
ALA CB  HB2  sing N N 10  
ALA CB  HB3  sing N N 11  
ALA OXT HXT  sing N N 12  
ARG N   CA   sing N N 13  
ARG N   H    sing N N 14  
ARG N   H2   sing N N 15  
ARG CA  C    sing N N 16  
ARG CA  CB   sing N N 17  
ARG CA  HA   sing N N 18  
ARG C   O    doub N N 19  
ARG C   OXT  sing N N 20  
ARG CB  CG   sing N N 21  
ARG CB  HB2  sing N N 22  
ARG CB  HB3  sing N N 23  
ARG CG  CD   sing N N 24  
ARG CG  HG2  sing N N 25  
ARG CG  HG3  sing N N 26  
ARG CD  NE   sing N N 27  
ARG CD  HD2  sing N N 28  
ARG CD  HD3  sing N N 29  
ARG NE  CZ   sing N N 30  
ARG NE  HE   sing N N 31  
ARG CZ  NH1  sing N N 32  
ARG CZ  NH2  doub N N 33  
ARG NH1 HH11 sing N N 34  
ARG NH1 HH12 sing N N 35  
ARG NH2 HH21 sing N N 36  
ARG NH2 HH22 sing N N 37  
ARG OXT HXT  sing N N 38  
ASN N   CA   sing N N 39  
ASN N   H    sing N N 40  
ASN N   H2   sing N N 41  
ASN CA  C    sing N N 42  
ASN CA  CB   sing N N 43  
ASN CA  HA   sing N N 44  
ASN C   O    doub N N 45  
ASN C   OXT  sing N N 46  
ASN CB  CG   sing N N 47  
ASN CB  HB2  sing N N 48  
ASN CB  HB3  sing N N 49  
ASN CG  OD1  doub N N 50  
ASN CG  ND2  sing N N 51  
ASN ND2 HD21 sing N N 52  
ASN ND2 HD22 sing N N 53  
ASN OXT HXT  sing N N 54  
ASP N   CA   sing N N 55  
ASP N   H    sing N N 56  
ASP N   H2   sing N N 57  
ASP CA  C    sing N N 58  
ASP CA  CB   sing N N 59  
ASP CA  HA   sing N N 60  
ASP C   O    doub N N 61  
ASP C   OXT  sing N N 62  
ASP CB  CG   sing N N 63  
ASP CB  HB2  sing N N 64  
ASP CB  HB3  sing N N 65  
ASP CG  OD1  doub N N 66  
ASP CG  OD2  sing N N 67  
ASP OD2 HD2  sing N N 68  
ASP OXT HXT  sing N N 69  
GLN N   CA   sing N N 70  
GLN N   H    sing N N 71  
GLN N   H2   sing N N 72  
GLN CA  C    sing N N 73  
GLN CA  CB   sing N N 74  
GLN CA  HA   sing N N 75  
GLN C   O    doub N N 76  
GLN C   OXT  sing N N 77  
GLN CB  CG   sing N N 78  
GLN CB  HB2  sing N N 79  
GLN CB  HB3  sing N N 80  
GLN CG  CD   sing N N 81  
GLN CG  HG2  sing N N 82  
GLN CG  HG3  sing N N 83  
GLN CD  OE1  doub N N 84  
GLN CD  NE2  sing N N 85  
GLN NE2 HE21 sing N N 86  
GLN NE2 HE22 sing N N 87  
GLN OXT HXT  sing N N 88  
GLU N   CA   sing N N 89  
GLU N   H    sing N N 90  
GLU N   H2   sing N N 91  
GLU CA  C    sing N N 92  
GLU CA  CB   sing N N 93  
GLU CA  HA   sing N N 94  
GLU C   O    doub N N 95  
GLU C   OXT  sing N N 96  
GLU CB  CG   sing N N 97  
GLU CB  HB2  sing N N 98  
GLU CB  HB3  sing N N 99  
GLU CG  CD   sing N N 100 
GLU CG  HG2  sing N N 101 
GLU CG  HG3  sing N N 102 
GLU CD  OE1  doub N N 103 
GLU CD  OE2  sing N N 104 
GLU OE2 HE2  sing N N 105 
GLU OXT HXT  sing N N 106 
GLY N   CA   sing N N 107 
GLY N   H    sing N N 108 
GLY N   H2   sing N N 109 
GLY CA  C    sing N N 110 
GLY CA  HA2  sing N N 111 
GLY CA  HA3  sing N N 112 
GLY C   O    doub N N 113 
GLY C   OXT  sing N N 114 
GLY OXT HXT  sing N N 115 
GOL C1  O1   sing N N 116 
GOL C1  C2   sing N N 117 
GOL C1  H11  sing N N 118 
GOL C1  H12  sing N N 119 
GOL O1  HO1  sing N N 120 
GOL C2  O2   sing N N 121 
GOL C2  C3   sing N N 122 
GOL C2  H2   sing N N 123 
GOL O2  HO2  sing N N 124 
GOL C3  O3   sing N N 125 
GOL C3  H31  sing N N 126 
GOL C3  H32  sing N N 127 
GOL O3  HO3  sing N N 128 
HIS N   CA   sing N N 129 
HIS N   H    sing N N 130 
HIS N   H2   sing N N 131 
HIS CA  C    sing N N 132 
HIS CA  CB   sing N N 133 
HIS CA  HA   sing N N 134 
HIS C   O    doub N N 135 
HIS C   OXT  sing N N 136 
HIS CB  CG   sing N N 137 
HIS CB  HB2  sing N N 138 
HIS CB  HB3  sing N N 139 
HIS CG  ND1  sing Y N 140 
HIS CG  CD2  doub Y N 141 
HIS ND1 CE1  doub Y N 142 
HIS ND1 HD1  sing N N 143 
HIS CD2 NE2  sing Y N 144 
HIS CD2 HD2  sing N N 145 
HIS CE1 NE2  sing Y N 146 
HIS CE1 HE1  sing N N 147 
HIS NE2 HE2  sing N N 148 
HIS OXT HXT  sing N N 149 
HOH O   H1   sing N N 150 
HOH O   H2   sing N N 151 
ILE N   CA   sing N N 152 
ILE N   H    sing N N 153 
ILE N   H2   sing N N 154 
ILE CA  C    sing N N 155 
ILE CA  CB   sing N N 156 
ILE CA  HA   sing N N 157 
ILE C   O    doub N N 158 
ILE C   OXT  sing N N 159 
ILE CB  CG1  sing N N 160 
ILE CB  CG2  sing N N 161 
ILE CB  HB   sing N N 162 
ILE CG1 CD1  sing N N 163 
ILE CG1 HG12 sing N N 164 
ILE CG1 HG13 sing N N 165 
ILE CG2 HG21 sing N N 166 
ILE CG2 HG22 sing N N 167 
ILE CG2 HG23 sing N N 168 
ILE CD1 HD11 sing N N 169 
ILE CD1 HD12 sing N N 170 
ILE CD1 HD13 sing N N 171 
ILE OXT HXT  sing N N 172 
LEU N   CA   sing N N 173 
LEU N   H    sing N N 174 
LEU N   H2   sing N N 175 
LEU CA  C    sing N N 176 
LEU CA  CB   sing N N 177 
LEU CA  HA   sing N N 178 
LEU C   O    doub N N 179 
LEU C   OXT  sing N N 180 
LEU CB  CG   sing N N 181 
LEU CB  HB2  sing N N 182 
LEU CB  HB3  sing N N 183 
LEU CG  CD1  sing N N 184 
LEU CG  CD2  sing N N 185 
LEU CG  HG   sing N N 186 
LEU CD1 HD11 sing N N 187 
LEU CD1 HD12 sing N N 188 
LEU CD1 HD13 sing N N 189 
LEU CD2 HD21 sing N N 190 
LEU CD2 HD22 sing N N 191 
LEU CD2 HD23 sing N N 192 
LEU OXT HXT  sing N N 193 
LYS N   CA   sing N N 194 
LYS N   H    sing N N 195 
LYS N   H2   sing N N 196 
LYS CA  C    sing N N 197 
LYS CA  CB   sing N N 198 
LYS CA  HA   sing N N 199 
LYS C   O    doub N N 200 
LYS C   OXT  sing N N 201 
LYS CB  CG   sing N N 202 
LYS CB  HB2  sing N N 203 
LYS CB  HB3  sing N N 204 
LYS CG  CD   sing N N 205 
LYS CG  HG2  sing N N 206 
LYS CG  HG3  sing N N 207 
LYS CD  CE   sing N N 208 
LYS CD  HD2  sing N N 209 
LYS CD  HD3  sing N N 210 
LYS CE  NZ   sing N N 211 
LYS CE  HE2  sing N N 212 
LYS CE  HE3  sing N N 213 
LYS NZ  HZ1  sing N N 214 
LYS NZ  HZ2  sing N N 215 
LYS NZ  HZ3  sing N N 216 
LYS OXT HXT  sing N N 217 
MET N   CA   sing N N 218 
MET N   H    sing N N 219 
MET N   H2   sing N N 220 
MET CA  C    sing N N 221 
MET CA  CB   sing N N 222 
MET CA  HA   sing N N 223 
MET C   O    doub N N 224 
MET C   OXT  sing N N 225 
MET CB  CG   sing N N 226 
MET CB  HB2  sing N N 227 
MET CB  HB3  sing N N 228 
MET CG  SD   sing N N 229 
MET CG  HG2  sing N N 230 
MET CG  HG3  sing N N 231 
MET SD  CE   sing N N 232 
MET CE  HE1  sing N N 233 
MET CE  HE2  sing N N 234 
MET CE  HE3  sing N N 235 
MET OXT HXT  sing N N 236 
NAP PA  O1A  doub N N 237 
NAP PA  O2A  sing N N 238 
NAP PA  O5B  sing N N 239 
NAP PA  O3   sing N N 240 
NAP O2A HOA2 sing N N 241 
NAP O5B C5B  sing N N 242 
NAP C5B C4B  sing N N 243 
NAP C5B H51A sing N N 244 
NAP C5B H52A sing N N 245 
NAP C4B O4B  sing N N 246 
NAP C4B C3B  sing N N 247 
NAP C4B H4B  sing N N 248 
NAP O4B C1B  sing N N 249 
NAP C3B O3B  sing N N 250 
NAP C3B C2B  sing N N 251 
NAP C3B H3B  sing N N 252 
NAP O3B HO3A sing N N 253 
NAP C2B O2B  sing N N 254 
NAP C2B C1B  sing N N 255 
NAP C2B H2B  sing N N 256 
NAP O2B P2B  sing N N 257 
NAP C1B N9A  sing N N 258 
NAP C1B H1B  sing N N 259 
NAP N9A C8A  sing Y N 260 
NAP N9A C4A  sing Y N 261 
NAP C8A N7A  doub Y N 262 
NAP C8A H8A  sing N N 263 
NAP N7A C5A  sing Y N 264 
NAP C5A C6A  sing Y N 265 
NAP C5A C4A  doub Y N 266 
NAP C6A N6A  sing N N 267 
NAP C6A N1A  doub Y N 268 
NAP N6A H61A sing N N 269 
NAP N6A H62A sing N N 270 
NAP N1A C2A  sing Y N 271 
NAP C2A N3A  doub Y N 272 
NAP C2A H2A  sing N N 273 
NAP N3A C4A  sing Y N 274 
NAP O3  PN   sing N N 275 
NAP PN  O1N  doub N N 276 
NAP PN  O2N  sing N N 277 
NAP PN  O5D  sing N N 278 
NAP O5D C5D  sing N N 279 
NAP C5D C4D  sing N N 280 
NAP C5D H51N sing N N 281 
NAP C5D H52N sing N N 282 
NAP C4D O4D  sing N N 283 
NAP C4D C3D  sing N N 284 
NAP C4D H4D  sing N N 285 
NAP O4D C1D  sing N N 286 
NAP C3D O3D  sing N N 287 
NAP C3D C2D  sing N N 288 
NAP C3D H3D  sing N N 289 
NAP O3D HO3N sing N N 290 
NAP C2D O2D  sing N N 291 
NAP C2D C1D  sing N N 292 
NAP C2D H2D  sing N N 293 
NAP O2D HO2N sing N N 294 
NAP C1D N1N  sing N N 295 
NAP C1D H1D  sing N N 296 
NAP N1N C2N  sing Y N 297 
NAP N1N C6N  doub Y N 298 
NAP C2N C3N  doub Y N 299 
NAP C2N H2N  sing N N 300 
NAP C3N C7N  sing N N 301 
NAP C3N C4N  sing Y N 302 
NAP C7N O7N  doub N N 303 
NAP C7N N7N  sing N N 304 
NAP N7N H71N sing N N 305 
NAP N7N H72N sing N N 306 
NAP C4N C5N  doub Y N 307 
NAP C4N H4N  sing N N 308 
NAP C5N C6N  sing Y N 309 
NAP C5N H5N  sing N N 310 
NAP C6N H6N  sing N N 311 
NAP P2B O1X  doub N N 312 
NAP P2B O2X  sing N N 313 
NAP P2B O3X  sing N N 314 
NAP O2X HOP2 sing N N 315 
NAP O3X HOP3 sing N N 316 
OWP C12 O11  sing N N 317 
OWP C09 O08  sing N N 318 
OWP O08 C07  sing N N 319 
OWP O11 C10  sing N N 320 
OWP C07 C10  doub Y N 321 
OWP C07 C06  sing Y N 322 
OWP C10 C13  sing Y N 323 
OWP C06 C05  doub Y N 324 
OWP C13 C14  sing N N 325 
OWP C13 C31  doub Y N 326 
OWP C14 C15  doub N E 327 
OWP C05 C31  sing Y N 328 
OWP C05 C04  sing N N 329 
OWP C32 N33  doub Y N 330 
OWP C32 C03  sing Y N 331 
OWP O30 C16  doub N N 332 
OWP N33 C34  sing Y N 333 
OWP C15 C16  sing N N 334 
OWP C04 C03  sing N N 335 
OWP C16 N17  sing N N 336 
OWP C03 C02  doub Y N 337 
OWP C34 N35  sing N N 338 
OWP C34 N36  doub Y N 339 
OWP C39 C41  doub Y N 340 
OWP C39 C22  sing Y N 341 
OWP C21 C22  sing N N 342 
OWP C21 C20  sing N N 343 
OWP C41 C42  sing Y N 344 
OWP C22 C38  doub Y N 345 
OWP C02 N36  sing Y N 346 
OWP C02 N01  sing N N 347 
OWP N17 C20  sing N N 348 
OWP N17 N18  sing N N 349 
OWP C20 C24  sing N N 350 
OWP C42 C40  doub Y N 351 
OWP C38 C40  sing Y N 352 
OWP N18 C19  sing N N 353 
OWP C24 C29  doub Y N 354 
OWP C24 C25  sing Y N 355 
OWP C29 C28  sing Y N 356 
OWP C19 C25  sing N N 357 
OWP C25 C26  doub Y N 358 
OWP C28 C27  doub Y N 359 
OWP C26 C27  sing Y N 360 
OWP C04 H1   sing N N 361 
OWP C04 H2   sing N N 362 
OWP C06 H3   sing N N 363 
OWP C09 H4   sing N N 364 
OWP C09 H5   sing N N 365 
OWP C09 H6   sing N N 366 
OWP C12 H7   sing N N 367 
OWP C12 H8   sing N N 368 
OWP C12 H9   sing N N 369 
OWP C14 H10  sing N N 370 
OWP C15 H11  sing N N 371 
OWP C19 H12  sing N N 372 
OWP C20 H13  sing N N 373 
OWP C21 H14  sing N N 374 
OWP C21 H15  sing N N 375 
OWP C26 H16  sing N N 376 
OWP C27 H17  sing N N 377 
OWP C28 H18  sing N N 378 
OWP C29 H19  sing N N 379 
OWP C31 H20  sing N N 380 
OWP C32 H21  sing N N 381 
OWP C38 H22  sing N N 382 
OWP C39 H23  sing N N 383 
OWP C40 H24  sing N N 384 
OWP C41 H25  sing N N 385 
OWP C42 H26  sing N N 386 
OWP N01 H27  sing N N 387 
OWP N01 H28  sing N N 388 
OWP N35 H29  sing N N 389 
OWP N35 H30  sing N N 390 
OWP C19 H31  sing N N 391 
OWP N18 H32  sing N N 392 
PHE N   CA   sing N N 393 
PHE N   H    sing N N 394 
PHE N   H2   sing N N 395 
PHE CA  C    sing N N 396 
PHE CA  CB   sing N N 397 
PHE CA  HA   sing N N 398 
PHE C   O    doub N N 399 
PHE C   OXT  sing N N 400 
PHE CB  CG   sing N N 401 
PHE CB  HB2  sing N N 402 
PHE CB  HB3  sing N N 403 
PHE CG  CD1  doub Y N 404 
PHE CG  CD2  sing Y N 405 
PHE CD1 CE1  sing Y N 406 
PHE CD1 HD1  sing N N 407 
PHE CD2 CE2  doub Y N 408 
PHE CD2 HD2  sing N N 409 
PHE CE1 CZ   doub Y N 410 
PHE CE1 HE1  sing N N 411 
PHE CE2 CZ   sing Y N 412 
PHE CE2 HE2  sing N N 413 
PHE CZ  HZ   sing N N 414 
PHE OXT HXT  sing N N 415 
PRO N   CA   sing N N 416 
PRO N   CD   sing N N 417 
PRO N   H    sing N N 418 
PRO CA  C    sing N N 419 
PRO CA  CB   sing N N 420 
PRO CA  HA   sing N N 421 
PRO C   O    doub N N 422 
PRO C   OXT  sing N N 423 
PRO CB  CG   sing N N 424 
PRO CB  HB2  sing N N 425 
PRO CB  HB3  sing N N 426 
PRO CG  CD   sing N N 427 
PRO CG  HG2  sing N N 428 
PRO CG  HG3  sing N N 429 
PRO CD  HD2  sing N N 430 
PRO CD  HD3  sing N N 431 
PRO OXT HXT  sing N N 432 
SER N   CA   sing N N 433 
SER N   H    sing N N 434 
SER N   H2   sing N N 435 
SER CA  C    sing N N 436 
SER CA  CB   sing N N 437 
SER CA  HA   sing N N 438 
SER C   O    doub N N 439 
SER C   OXT  sing N N 440 
SER CB  OG   sing N N 441 
SER CB  HB2  sing N N 442 
SER CB  HB3  sing N N 443 
SER OG  HG   sing N N 444 
SER OXT HXT  sing N N 445 
THR N   CA   sing N N 446 
THR N   H    sing N N 447 
THR N   H2   sing N N 448 
THR CA  C    sing N N 449 
THR CA  CB   sing N N 450 
THR CA  HA   sing N N 451 
THR C   O    doub N N 452 
THR C   OXT  sing N N 453 
THR CB  OG1  sing N N 454 
THR CB  CG2  sing N N 455 
THR CB  HB   sing N N 456 
THR OG1 HG1  sing N N 457 
THR CG2 HG21 sing N N 458 
THR CG2 HG22 sing N N 459 
THR CG2 HG23 sing N N 460 
THR OXT HXT  sing N N 461 
TRP N   CA   sing N N 462 
TRP N   H    sing N N 463 
TRP N   H2   sing N N 464 
TRP CA  C    sing N N 465 
TRP CA  CB   sing N N 466 
TRP CA  HA   sing N N 467 
TRP C   O    doub N N 468 
TRP C   OXT  sing N N 469 
TRP CB  CG   sing N N 470 
TRP CB  HB2  sing N N 471 
TRP CB  HB3  sing N N 472 
TRP CG  CD1  doub Y N 473 
TRP CG  CD2  sing Y N 474 
TRP CD1 NE1  sing Y N 475 
TRP CD1 HD1  sing N N 476 
TRP CD2 CE2  doub Y N 477 
TRP CD2 CE3  sing Y N 478 
TRP NE1 CE2  sing Y N 479 
TRP NE1 HE1  sing N N 480 
TRP CE2 CZ2  sing Y N 481 
TRP CE3 CZ3  doub Y N 482 
TRP CE3 HE3  sing N N 483 
TRP CZ2 CH2  doub Y N 484 
TRP CZ2 HZ2  sing N N 485 
TRP CZ3 CH2  sing Y N 486 
TRP CZ3 HZ3  sing N N 487 
TRP CH2 HH2  sing N N 488 
TRP OXT HXT  sing N N 489 
TYR N   CA   sing N N 490 
TYR N   H    sing N N 491 
TYR N   H2   sing N N 492 
TYR CA  C    sing N N 493 
TYR CA  CB   sing N N 494 
TYR CA  HA   sing N N 495 
TYR C   O    doub N N 496 
TYR C   OXT  sing N N 497 
TYR CB  CG   sing N N 498 
TYR CB  HB2  sing N N 499 
TYR CB  HB3  sing N N 500 
TYR CG  CD1  doub Y N 501 
TYR CG  CD2  sing Y N 502 
TYR CD1 CE1  sing Y N 503 
TYR CD1 HD1  sing N N 504 
TYR CD2 CE2  doub Y N 505 
TYR CD2 HD2  sing N N 506 
TYR CE1 CZ   doub Y N 507 
TYR CE1 HE1  sing N N 508 
TYR CE2 CZ   sing Y N 509 
TYR CE2 HE2  sing N N 510 
TYR CZ  OH   sing N N 511 
TYR OH  HH   sing N N 512 
TYR OXT HXT  sing N N 513 
VAL N   CA   sing N N 514 
VAL N   H    sing N N 515 
VAL N   H2   sing N N 516 
VAL CA  C    sing N N 517 
VAL CA  CB   sing N N 518 
VAL CA  HA   sing N N 519 
VAL C   O    doub N N 520 
VAL C   OXT  sing N N 521 
VAL CB  CG1  sing N N 522 
VAL CB  CG2  sing N N 523 
VAL CB  HB   sing N N 524 
VAL CG1 HG11 sing N N 525 
VAL CG1 HG12 sing N N 526 
VAL CG1 HG13 sing N N 527 
VAL CG2 HG21 sing N N 528 
VAL CG2 HG22 sing N N 529 
VAL CG2 HG23 sing N N 530 
VAL OXT HXT  sing N N 531 
# 
_pdbx_audit_support.funding_organization   
'National Institutes of Health/National Institute Of Allergy and Infectious Diseases (NIH/NIAID)' 
_pdbx_audit_support.country                'United States' 
_pdbx_audit_support.grant_number           R01-AI090685-01 
_pdbx_audit_support.ordinal                1 
# 
_pdbx_entity_instance_feature.ordinal        1 
_pdbx_entity_instance_feature.comp_id        OWP 
_pdbx_entity_instance_feature.asym_id        ? 
_pdbx_entity_instance_feature.seq_num        ? 
_pdbx_entity_instance_feature.auth_comp_id   OWP 
_pdbx_entity_instance_feature.auth_asym_id   ? 
_pdbx_entity_instance_feature.auth_seq_num   ? 
_pdbx_entity_instance_feature.feature_type   'SUBJECT OF INVESTIGATION' 
_pdbx_entity_instance_feature.details        ? 
# 
loop_
_pdbx_entity_nonpoly.entity_id 
_pdbx_entity_nonpoly.name 
_pdbx_entity_nonpoly.comp_id 
2 'NADP NICOTINAMIDE-ADENINE-DINUCLEOTIDE PHOSPHATE'                                                                       NAP 
3 '(2E)-1-[(1S)-1-benzylphthalazin-2(1H)-yl]-3-{5-[(2,4-diaminopyrimidin-5-yl)methyl]-2,3-dimethoxyphenyl}prop-2-en-1-one' OWP 
4 GLYCEROL                                                                                                                 GOL 
5 water                                                                                                                    HOH 
# 
_pdbx_initial_refinement_model.id               1 
_pdbx_initial_refinement_model.entity_id_list   ? 
_pdbx_initial_refinement_model.type             'experimental model' 
_pdbx_initial_refinement_model.source_name      PDB 
_pdbx_initial_refinement_model.accession_code   3M08 
_pdbx_initial_refinement_model.details          ? 
# 
_pdbx_struct_assembly_auth_evidence.id                     1 
_pdbx_struct_assembly_auth_evidence.assembly_id            1 
_pdbx_struct_assembly_auth_evidence.experimental_support   none 
_pdbx_struct_assembly_auth_evidence.details                ? 
# 
_space_group.name_H-M_alt     'P 61 2 2' 
_space_group.name_Hall        'P 61 2 (x,y,z+5/12)' 
_space_group.IT_number        178 
_space_group.crystal_system   hexagonal 
_space_group.id               1 
# 
